data_3JZT
#
_entry.id   3JZT
#
_cell.length_a   220.236
_cell.length_b   220.236
_cell.length_c   220.236
_cell.angle_alpha   90.000
_cell.angle_beta   90.000
_cell.angle_gamma   90.000
#
_symmetry.space_group_name_H-M   'P 21 3'
#
loop_
_entity.id
_entity.type
_entity.pdbx_description
1 polymer 'macro domain of Non-structural protein 3'
2 non-polymer 'CHLORIDE ION'
3 non-polymer ADENOSINE-5-DIPHOSPHORIBOSE
4 non-polymer 'SODIUM ION'
#
_entity_poly.entity_id   1
_entity_poly.type   'polypeptide(L)'
_entity_poly.pdbx_seq_one_letter_code
;DLILPFYKAGKVSFYQGDLDVLINFLEPDVLVNAANGDLRHVGGVARAIDVFTGGKLTKRSKEYLKSSKAIAPGNAVLFE
NVLEHLSVLNAVGPRNGDSRVEGKLCNVYKAIAKCDGKILTPLISVGIFKVKLEVSLQCLLKTVTDRDLNVFVYTDQERV
TIENFFNG
;
_entity_poly.pdbx_strand_id   A,B,C,D,E,F,G,H
#
# COMPACT_ATOMS: atom_id res chain seq x y z
N ASP A 1 -18.21 43.36 64.00
CA ASP A 1 -18.08 42.99 62.56
C ASP A 1 -17.30 44.01 61.74
N LEU A 2 -16.57 43.61 60.69
CA LEU A 2 -15.70 44.65 60.07
C LEU A 2 -16.04 45.43 58.82
N ILE A 3 -16.24 44.79 57.70
CA ILE A 3 -16.46 45.59 56.48
C ILE A 3 -17.94 45.71 56.15
N LEU A 4 -18.50 46.89 56.26
CA LEU A 4 -19.92 46.87 56.20
C LEU A 4 -20.41 47.42 54.92
N PRO A 5 -21.53 46.89 54.43
CA PRO A 5 -22.05 47.39 53.15
C PRO A 5 -22.49 48.80 53.38
N PHE A 6 -22.38 49.64 52.34
CA PHE A 6 -22.66 51.08 52.40
C PHE A 6 -23.98 51.33 51.76
N TYR A 7 -24.54 50.31 51.13
CA TYR A 7 -25.94 50.31 50.94
C TYR A 7 -26.44 48.92 50.80
N LYS A 8 -27.70 48.73 51.18
CA LYS A 8 -28.34 47.43 51.13
C LYS A 8 -29.73 47.49 50.48
N ALA A 9 -29.99 46.61 49.50
CA ALA A 9 -31.21 46.70 48.68
C ALA A 9 -31.73 45.29 48.37
N GLY A 10 -32.77 44.86 49.09
CA GLY A 10 -33.15 43.47 49.06
C GLY A 10 -32.00 42.76 49.72
N LYS A 11 -31.59 41.63 49.16
CA LYS A 11 -30.49 40.88 49.74
C LYS A 11 -29.15 41.20 49.12
N VAL A 12 -29.17 42.04 48.08
CA VAL A 12 -27.97 42.63 47.53
C VAL A 12 -27.35 43.64 48.50
N SER A 13 -26.06 43.44 48.79
CA SER A 13 -25.29 44.41 49.57
C SER A 13 -24.12 44.91 48.78
N PHE A 14 -23.82 46.18 49.02
CA PHE A 14 -22.94 46.91 48.16
C PHE A 14 -21.85 47.28 49.03
N TYR A 15 -20.64 47.05 48.58
CA TYR A 15 -19.53 47.36 49.42
C TYR A 15 -18.57 48.23 48.64
N GLN A 16 -17.91 49.20 49.26
CA GLN A 16 -16.79 49.81 48.54
C GLN A 16 -15.49 49.32 49.21
N GLY A 17 -14.33 49.39 48.56
CA GLY A 17 -13.08 48.97 49.23
C GLY A 17 -12.16 48.13 48.37
N ASP A 18 -10.95 47.86 48.83
CA ASP A 18 -9.97 47.21 47.96
C ASP A 18 -10.31 45.76 47.67
N LEU A 19 -9.80 45.12 46.62
CA LEU A 19 -10.28 43.76 46.44
C LEU A 19 -9.80 42.78 47.44
N ASP A 20 -8.51 42.67 47.62
CA ASP A 20 -8.04 41.63 48.53
C ASP A 20 -8.73 41.67 49.88
N VAL A 21 -8.83 42.87 50.39
CA VAL A 21 -9.50 43.11 51.61
C VAL A 21 -10.94 42.67 51.62
N LEU A 22 -11.61 42.85 50.52
CA LEU A 22 -12.97 42.46 50.49
C LEU A 22 -12.93 40.99 50.58
N ILE A 23 -12.22 40.33 49.68
CA ILE A 23 -12.19 38.87 49.67
C ILE A 23 -11.90 38.44 51.08
N ASN A 24 -10.96 39.15 51.71
CA ASN A 24 -10.38 38.66 52.96
C ASN A 24 -11.33 38.61 54.12
N PHE A 25 -12.25 39.55 54.13
CA PHE A 25 -13.07 39.71 55.29
C PHE A 25 -14.50 39.24 55.04
N LEU A 26 -14.87 39.29 53.78
CA LEU A 26 -16.18 38.91 53.36
C LEU A 26 -16.12 37.44 53.08
N GLU A 27 -14.91 36.89 52.88
CA GLU A 27 -14.75 35.47 52.80
C GLU A 27 -15.76 34.91 51.80
N PRO A 28 -15.57 35.18 50.51
CA PRO A 28 -16.51 34.52 49.62
C PRO A 28 -16.10 33.15 49.14
N ASP A 29 -16.77 32.77 48.07
CA ASP A 29 -16.78 31.39 47.61
C ASP A 29 -16.74 31.37 46.12
N VAL A 30 -17.41 32.39 45.63
CA VAL A 30 -17.38 32.64 44.25
C VAL A 30 -17.03 34.11 44.07
N LEU A 31 -15.92 34.32 43.40
CA LEU A 31 -15.52 35.61 43.07
C LEU A 31 -15.84 35.71 41.60
N VAL A 32 -16.77 36.57 41.24
CA VAL A 32 -17.07 36.78 39.84
C VAL A 32 -15.98 37.66 39.32
N ASN A 33 -15.38 37.31 38.21
CA ASN A 33 -14.37 38.16 37.60
C ASN A 33 -14.90 38.77 36.29
N ALA A 34 -14.68 40.07 36.05
CA ALA A 34 -15.12 40.63 34.75
C ALA A 34 -14.13 40.40 33.60
N ALA A 35 -14.27 39.37 32.75
CA ALA A 35 -13.15 39.16 31.81
C ALA A 35 -13.41 39.43 30.36
N ASN A 36 -12.40 39.96 29.69
CA ASN A 36 -12.55 40.25 28.33
C ASN A 36 -12.30 38.90 27.77
N GLY A 37 -13.21 38.48 26.87
CA GLY A 37 -13.52 37.08 26.57
C GLY A 37 -12.51 36.16 25.87
N ASP A 38 -11.40 36.67 25.32
CA ASP A 38 -10.40 35.71 24.95
C ASP A 38 -9.38 35.66 26.06
N LEU A 39 -9.71 36.27 27.19
CA LEU A 39 -9.19 35.87 28.52
C LEU A 39 -7.81 36.23 29.00
N ARG A 40 -7.27 37.30 28.46
CA ARG A 40 -6.16 38.00 29.11
C ARG A 40 -6.85 38.74 30.23
N HIS A 41 -6.25 38.67 31.41
CA HIS A 41 -6.82 39.22 32.64
C HIS A 41 -6.22 40.58 33.03
N VAL A 42 -6.54 41.62 32.25
CA VAL A 42 -6.09 42.97 32.56
C VAL A 42 -7.06 43.91 33.33
N GLY A 43 -6.46 44.91 33.98
CA GLY A 43 -7.18 46.02 34.59
C GLY A 43 -7.68 45.71 35.96
N GLY A 44 -8.30 46.71 36.57
CA GLY A 44 -8.71 46.66 37.98
C GLY A 44 -9.24 45.38 38.61
N VAL A 45 -9.98 44.59 37.86
CA VAL A 45 -10.59 43.44 38.48
C VAL A 45 -9.73 42.26 38.23
N ALA A 46 -9.64 41.91 36.97
CA ALA A 46 -9.00 40.70 36.64
C ALA A 46 -7.51 40.74 37.06
N ARG A 47 -6.82 41.85 36.75
CA ARG A 47 -5.38 41.90 36.94
C ARG A 47 -5.18 41.79 38.41
N ALA A 48 -6.30 41.95 39.13
CA ALA A 48 -6.37 41.97 40.59
C ALA A 48 -6.47 40.59 41.15
N ILE A 49 -7.46 39.86 40.67
CA ILE A 49 -7.76 38.55 41.16
C ILE A 49 -6.68 37.63 40.76
N ASP A 50 -6.13 37.84 39.58
CA ASP A 50 -5.06 36.97 39.13
C ASP A 50 -3.89 37.05 40.10
N VAL A 51 -3.40 38.25 40.33
CA VAL A 51 -2.39 38.44 41.34
C VAL A 51 -2.75 37.79 42.67
N PHE A 52 -3.95 37.99 43.17
CA PHE A 52 -4.31 37.38 44.43
C PHE A 52 -4.20 35.86 44.39
N THR A 53 -4.51 35.24 43.27
CA THR A 53 -4.43 33.82 43.24
C THR A 53 -3.06 33.36 42.87
N GLY A 54 -2.08 34.22 42.99
CA GLY A 54 -0.74 33.80 42.65
C GLY A 54 -0.62 33.58 41.14
N GLY A 55 -1.64 34.00 40.42
CA GLY A 55 -1.63 33.89 38.97
C GLY A 55 -2.20 32.57 38.51
N LYS A 56 -2.83 31.85 39.44
CA LYS A 56 -3.39 30.56 39.12
C LYS A 56 -4.46 30.75 38.10
N LEU A 57 -5.28 31.79 38.29
CA LEU A 57 -6.34 32.12 37.34
C LEU A 57 -5.87 31.99 35.91
N THR A 58 -4.77 32.67 35.58
CA THR A 58 -4.22 32.68 34.22
C THR A 58 -3.68 31.34 33.81
N LYS A 59 -2.94 30.69 34.68
CA LYS A 59 -2.55 29.31 34.48
C LYS A 59 -3.76 28.38 34.09
N ARG A 60 -4.85 28.41 34.85
CA ARG A 60 -6.02 27.61 34.48
C ARG A 60 -6.54 28.09 33.17
N SER A 61 -6.32 29.34 32.82
CA SER A 61 -6.98 29.86 31.63
C SER A 61 -6.36 29.32 30.36
N LYS A 62 -5.05 29.52 30.18
CA LYS A 62 -4.36 28.94 29.07
C LYS A 62 -4.83 27.49 29.00
N GLU A 63 -4.91 26.80 30.14
CA GLU A 63 -5.39 25.39 30.18
C GLU A 63 -6.80 25.23 29.58
N TYR A 64 -7.72 25.95 30.18
CA TYR A 64 -9.06 25.96 29.71
C TYR A 64 -9.12 25.98 28.23
N LEU A 65 -8.32 26.86 27.65
CA LEU A 65 -8.47 27.20 26.23
C LEU A 65 -8.21 26.06 25.26
N LYS A 66 -7.47 25.05 25.71
CA LYS A 66 -7.10 24.02 24.80
C LYS A 66 -8.21 23.04 24.46
N SER A 67 -9.29 23.05 25.20
CA SER A 67 -10.24 21.99 25.02
C SER A 67 -11.55 22.54 25.24
N SER A 68 -11.71 23.79 24.87
CA SER A 68 -12.93 24.46 25.22
C SER A 68 -13.00 25.76 24.47
N LYS A 69 -14.21 26.31 24.38
CA LYS A 69 -14.47 27.40 23.44
C LYS A 69 -14.41 28.78 24.08
N ALA A 70 -13.84 29.77 23.36
CA ALA A 70 -13.71 31.14 23.96
C ALA A 70 -15.07 31.65 24.39
N ILE A 71 -15.10 32.52 25.38
CA ILE A 71 -16.36 32.82 26.05
C ILE A 71 -17.10 33.94 25.35
N ALA A 72 -18.37 33.73 25.16
CA ALA A 72 -19.08 34.61 24.26
C ALA A 72 -19.81 35.76 24.99
N PRO A 73 -19.39 37.02 24.73
CA PRO A 73 -20.05 38.11 25.47
C PRO A 73 -21.57 37.77 25.77
N GLY A 74 -22.02 37.82 27.01
CA GLY A 74 -23.34 37.39 27.28
C GLY A 74 -23.29 36.04 27.89
N ASN A 75 -22.09 35.45 27.92
CA ASN A 75 -21.82 34.24 28.73
C ASN A 75 -20.74 34.29 29.83
N ALA A 76 -20.88 33.43 30.82
CA ALA A 76 -19.84 33.28 31.84
C ALA A 76 -19.42 31.82 31.93
N VAL A 77 -18.25 31.56 32.49
CA VAL A 77 -17.83 30.18 32.81
C VAL A 77 -17.17 30.02 34.19
N LEU A 78 -17.31 28.85 34.79
CA LEU A 78 -16.79 28.69 36.12
C LEU A 78 -15.46 27.92 36.25
N PHE A 79 -14.51 28.45 37.00
CA PHE A 79 -13.36 27.69 37.30
C PHE A 79 -13.57 27.38 38.68
N GLU A 80 -13.65 26.10 38.98
CA GLU A 80 -13.92 25.65 40.34
C GLU A 80 -12.67 25.61 41.15
N ASN A 81 -12.71 26.19 42.34
CA ASN A 81 -11.52 26.22 43.17
C ASN A 81 -10.25 26.69 42.47
N VAL A 82 -10.13 27.94 42.19
CA VAL A 82 -8.90 28.29 41.63
C VAL A 82 -7.96 28.35 42.79
N LEU A 83 -8.49 28.72 43.96
CA LEU A 83 -7.86 28.45 45.24
C LEU A 83 -8.76 27.48 45.95
N GLU A 84 -8.32 26.96 47.08
CA GLU A 84 -9.23 26.17 47.90
C GLU A 84 -10.38 27.05 48.34
N HIS A 85 -11.61 26.52 48.29
CA HIS A 85 -12.80 27.27 48.57
C HIS A 85 -12.87 28.70 48.08
N LEU A 86 -12.23 28.89 46.93
CA LEU A 86 -12.33 30.10 46.15
C LEU A 86 -12.50 29.84 44.61
N SER A 87 -13.75 29.91 44.17
CA SER A 87 -14.06 29.74 42.79
C SER A 87 -14.15 31.05 42.05
N VAL A 88 -13.56 31.07 40.86
CA VAL A 88 -13.62 32.24 40.03
C VAL A 88 -14.49 32.03 38.83
N LEU A 89 -15.36 32.97 38.63
CA LEU A 89 -16.32 32.85 37.61
C LEU A 89 -15.98 33.89 36.64
N ASN A 90 -15.83 33.54 35.37
CA ASN A 90 -15.34 34.45 34.35
C ASN A 90 -16.40 35.02 33.54
N ALA A 91 -16.81 36.22 33.88
CA ALA A 91 -17.98 36.76 33.29
C ALA A 91 -17.54 37.55 32.08
N VAL A 92 -18.10 37.22 30.93
CA VAL A 92 -17.87 38.09 29.81
C VAL A 92 -19.05 39.01 29.53
N GLY A 93 -18.92 40.30 29.90
CA GLY A 93 -19.99 41.26 29.65
C GLY A 93 -20.00 41.70 28.19
N PRO A 94 -21.09 42.36 27.73
CA PRO A 94 -21.02 42.90 26.40
C PRO A 94 -20.19 44.18 26.37
N ARG A 95 -19.75 44.55 25.17
CA ARG A 95 -19.00 45.77 24.98
C ARG A 95 -20.06 46.83 25.01
N ASN A 96 -19.69 48.09 25.08
CA ASN A 96 -20.70 49.05 24.78
C ASN A 96 -21.13 49.05 23.30
N GLY A 97 -22.44 49.17 23.04
CA GLY A 97 -22.91 49.26 21.68
C GLY A 97 -22.54 48.07 20.79
N ASP A 98 -22.69 46.85 21.32
CA ASP A 98 -23.01 45.72 20.48
C ASP A 98 -24.50 45.74 20.65
N SER A 99 -25.11 44.62 20.37
CA SER A 99 -26.56 44.67 20.26
C SER A 99 -27.34 43.81 21.31
N ARG A 100 -28.41 44.38 21.87
CA ARG A 100 -28.99 43.84 23.09
C ARG A 100 -27.83 43.72 24.05
N VAL A 101 -27.07 44.80 24.05
CA VAL A 101 -26.24 45.18 25.14
C VAL A 101 -26.96 44.79 26.37
N GLU A 102 -28.24 44.98 26.24
CA GLU A 102 -29.22 44.77 27.24
C GLU A 102 -29.39 43.34 27.69
N GLY A 103 -29.90 42.55 26.76
CA GLY A 103 -30.09 41.17 26.99
C GLY A 103 -28.79 40.54 27.38
N LYS A 104 -27.79 40.63 26.52
CA LYS A 104 -26.51 40.01 26.82
C LYS A 104 -26.16 40.19 28.30
N LEU A 105 -26.12 41.45 28.78
CA LEU A 105 -25.77 41.72 30.18
C LEU A 105 -26.58 40.91 31.20
N CYS A 106 -27.83 40.79 30.89
CA CYS A 106 -28.73 40.18 31.81
C CYS A 106 -28.49 38.71 31.97
N ASN A 107 -27.89 38.11 30.96
CA ASN A 107 -27.62 36.72 31.06
C ASN A 107 -26.47 36.54 31.88
N VAL A 108 -25.54 37.44 31.73
CA VAL A 108 -24.46 37.39 32.64
C VAL A 108 -24.94 37.44 34.11
N TYR A 109 -25.78 38.42 34.48
CA TYR A 109 -26.28 38.43 35.86
C TYR A 109 -27.00 37.16 36.19
N LYS A 110 -27.71 36.67 35.20
CA LYS A 110 -28.54 35.49 35.31
C LYS A 110 -27.71 34.26 35.59
N ALA A 111 -26.53 34.20 34.99
CA ALA A 111 -25.67 33.03 35.09
C ALA A 111 -24.98 33.09 36.40
N ILE A 112 -24.62 34.30 36.81
CA ILE A 112 -24.08 34.55 38.14
C ILE A 112 -25.09 34.12 39.18
N ALA A 113 -26.31 34.53 38.97
CA ALA A 113 -27.37 34.20 39.87
C ALA A 113 -27.21 32.78 40.31
N LYS A 114 -26.90 31.94 39.33
CA LYS A 114 -27.00 30.50 39.48
C LYS A 114 -26.05 29.79 40.48
N CYS A 115 -25.00 30.46 40.96
CA CYS A 115 -23.96 29.76 41.72
C CYS A 115 -24.28 29.49 43.16
N ASP A 116 -23.35 28.82 43.83
CA ASP A 116 -23.58 28.43 45.23
C ASP A 116 -22.61 29.06 46.21
N GLY A 117 -23.14 29.44 47.38
CA GLY A 117 -22.31 30.04 48.40
C GLY A 117 -22.24 31.56 48.36
N LYS A 118 -21.23 32.10 49.03
CA LYS A 118 -21.09 33.54 49.01
C LYS A 118 -20.51 34.05 47.69
N ILE A 119 -21.25 34.95 47.04
CA ILE A 119 -20.73 35.58 45.84
C ILE A 119 -20.21 37.01 46.01
N LEU A 120 -19.02 37.24 45.48
CA LEU A 120 -18.56 38.59 45.43
C LEU A 120 -18.38 38.96 43.98
N THR A 121 -18.95 40.07 43.56
CA THR A 121 -18.94 40.40 42.15
C THR A 121 -19.05 41.88 41.96
N PRO A 122 -18.32 42.38 40.96
CA PRO A 122 -18.32 43.76 40.51
C PRO A 122 -19.45 43.93 39.50
N LEU A 123 -19.66 45.14 39.02
CA LEU A 123 -20.76 45.45 38.13
C LEU A 123 -20.30 45.18 36.75
N ILE A 124 -20.98 44.29 36.06
CA ILE A 124 -20.47 43.83 34.78
C ILE A 124 -20.34 44.94 33.73
N SER A 125 -19.34 44.84 32.88
CA SER A 125 -19.27 45.75 31.70
C SER A 125 -19.22 47.28 31.95
N VAL A 126 -19.22 47.66 33.22
CA VAL A 126 -18.88 49.00 33.61
C VAL A 126 -17.34 49.18 33.50
N GLY A 127 -16.82 50.36 33.70
CA GLY A 127 -15.39 50.53 33.48
C GLY A 127 -15.07 50.45 31.99
N ILE A 128 -13.93 49.85 31.66
CA ILE A 128 -13.30 49.87 30.30
C ILE A 128 -14.19 49.50 29.13
N PHE A 129 -15.23 48.77 29.49
CA PHE A 129 -16.17 48.15 28.57
C PHE A 129 -17.25 49.13 28.26
N LYS A 130 -17.21 50.23 29.00
CA LYS A 130 -17.97 51.48 28.76
C LYS A 130 -19.45 51.30 28.59
N VAL A 131 -20.11 50.86 29.64
CA VAL A 131 -21.55 50.72 29.62
C VAL A 131 -22.04 51.46 30.82
N LYS A 132 -23.14 52.16 30.71
CA LYS A 132 -23.53 53.00 31.84
C LYS A 132 -23.78 52.21 33.17
N LEU A 133 -23.31 52.72 34.29
CA LEU A 133 -23.58 52.07 35.55
C LEU A 133 -25.07 51.83 35.77
N GLU A 134 -25.90 52.86 35.57
CA GLU A 134 -27.36 52.72 35.59
C GLU A 134 -27.79 51.37 35.07
N VAL A 135 -27.28 50.98 33.92
CA VAL A 135 -27.86 49.84 33.23
C VAL A 135 -27.44 48.51 33.81
N SER A 136 -26.14 48.36 34.03
CA SER A 136 -25.56 47.17 34.63
C SER A 136 -26.25 46.97 35.94
N LEU A 137 -26.50 48.05 36.62
CA LEU A 137 -27.27 47.94 37.83
C LEU A 137 -28.72 47.52 37.52
N GLN A 138 -29.37 48.29 36.64
CA GLN A 138 -30.78 48.16 36.28
C GLN A 138 -31.02 46.70 36.02
N CYS A 139 -30.18 46.15 35.18
CA CYS A 139 -30.19 44.75 34.83
C CYS A 139 -29.96 43.92 36.08
N LEU A 140 -28.92 44.26 36.87
CA LEU A 140 -28.57 43.40 38.05
C LEU A 140 -29.83 43.20 38.86
N LEU A 141 -30.42 44.32 39.24
CA LEU A 141 -31.49 44.28 40.19
C LEU A 141 -32.60 43.46 39.66
N LYS A 142 -32.90 43.62 38.40
CA LYS A 142 -33.94 42.82 37.83
C LYS A 142 -33.69 41.34 37.93
N THR A 143 -32.48 40.94 37.66
CA THR A 143 -32.27 39.52 37.34
C THR A 143 -32.09 38.63 38.55
N VAL A 144 -31.18 39.06 39.44
CA VAL A 144 -30.84 38.29 40.62
C VAL A 144 -31.90 38.64 41.60
N THR A 145 -33.11 38.39 41.12
CA THR A 145 -34.38 38.50 41.83
C THR A 145 -34.35 38.09 43.34
N ASP A 146 -33.64 37.02 43.68
CA ASP A 146 -33.74 36.61 45.03
C ASP A 146 -32.62 35.79 45.55
N ARG A 147 -31.62 36.43 46.11
CA ARG A 147 -30.48 35.70 46.64
C ARG A 147 -29.53 36.73 47.15
N ASP A 148 -28.66 36.31 48.02
CA ASP A 148 -27.82 37.28 48.64
C ASP A 148 -26.70 37.47 47.72
N LEU A 149 -26.32 38.70 47.53
CA LEU A 149 -25.30 38.95 46.61
C LEU A 149 -24.50 40.05 47.17
N ASN A 150 -23.23 40.02 46.83
CA ASN A 150 -22.30 40.94 47.41
C ASN A 150 -21.63 41.72 46.28
N VAL A 151 -22.01 42.97 46.11
CA VAL A 151 -21.44 43.73 45.03
C VAL A 151 -20.45 44.72 45.57
N PHE A 152 -19.41 44.91 44.81
CA PHE A 152 -18.42 45.82 45.25
C PHE A 152 -18.03 46.77 44.16
N VAL A 153 -17.64 47.97 44.56
CA VAL A 153 -17.06 48.94 43.64
C VAL A 153 -15.84 49.49 44.27
N TYR A 154 -15.09 50.24 43.47
CA TYR A 154 -13.88 50.84 43.92
C TYR A 154 -13.98 52.33 44.27
N THR A 155 -14.45 53.17 43.33
CA THR A 155 -14.40 54.67 43.43
C THR A 155 -15.31 55.27 44.43
N ASP A 156 -15.14 56.55 44.66
CA ASP A 156 -16.22 57.23 45.33
C ASP A 156 -17.37 57.59 44.46
N GLN A 157 -17.11 58.37 43.42
CA GLN A 157 -18.13 58.68 42.49
C GLN A 157 -18.95 57.49 42.19
N GLU A 158 -18.36 56.30 42.17
CA GLU A 158 -19.16 55.10 41.86
C GLU A 158 -20.16 54.89 42.97
N ARG A 159 -19.60 54.78 44.17
CA ARG A 159 -20.40 54.58 45.40
C ARG A 159 -21.59 55.51 45.44
N VAL A 160 -21.30 56.77 45.19
CA VAL A 160 -22.32 57.74 45.23
C VAL A 160 -23.30 57.43 44.15
N THR A 161 -22.85 57.20 42.93
CA THR A 161 -23.79 57.11 41.88
C THR A 161 -24.79 56.10 42.22
N ILE A 162 -24.34 55.09 42.94
CA ILE A 162 -25.24 54.03 43.33
C ILE A 162 -26.30 54.48 44.35
N GLU A 163 -25.86 55.20 45.36
CA GLU A 163 -26.77 55.75 46.30
C GLU A 163 -27.88 56.52 45.61
N ASN A 164 -27.55 57.43 44.70
CA ASN A 164 -28.59 58.23 44.07
C ASN A 164 -29.46 57.41 43.19
N PHE A 165 -29.05 56.16 42.95
CA PHE A 165 -29.94 55.30 42.20
C PHE A 165 -31.15 54.95 43.06
N PHE A 166 -30.92 54.85 44.35
CA PHE A 166 -31.96 54.34 45.21
C PHE A 166 -32.72 55.50 45.82
N ASN A 167 -32.01 56.57 46.08
CA ASN A 167 -32.65 57.80 46.47
C ASN A 167 -33.53 58.31 45.32
N GLY A 168 -32.92 58.59 44.17
CA GLY A 168 -33.54 59.40 43.13
C GLY A 168 -33.31 60.85 43.47
N ASP B 1 -16.68 25.13 8.06
CA ASP B 1 -16.31 24.15 9.14
C ASP B 1 -15.06 23.22 8.89
N LEU B 2 -14.01 23.34 9.74
CA LEU B 2 -12.66 22.75 9.49
C LEU B 2 -12.57 21.23 9.37
N ILE B 3 -12.95 20.54 10.45
CA ILE B 3 -12.87 19.09 10.51
C ILE B 3 -14.18 18.31 10.50
N LEU B 4 -14.59 17.66 9.40
CA LEU B 4 -15.88 16.98 9.49
C LEU B 4 -15.78 15.52 9.84
N PRO B 5 -16.82 14.99 10.49
CA PRO B 5 -16.91 13.57 10.69
C PRO B 5 -17.03 12.88 9.32
N PHE B 6 -16.47 11.69 9.16
CA PHE B 6 -16.61 10.90 7.96
C PHE B 6 -17.77 9.97 8.10
N TYR B 7 -18.57 10.11 9.15
CA TYR B 7 -19.80 9.37 9.23
C TYR B 7 -20.51 9.65 10.51
N LYS B 8 -21.84 9.57 10.42
CA LYS B 8 -22.72 9.86 11.54
C LYS B 8 -23.77 8.80 11.63
N ALA B 9 -23.68 7.94 12.62
CA ALA B 9 -24.67 6.88 12.77
C ALA B 9 -25.65 7.27 13.86
N GLY B 10 -26.66 8.07 13.50
CA GLY B 10 -27.64 8.48 14.48
C GLY B 10 -26.92 9.53 15.26
N LYS B 11 -26.86 9.43 16.58
CA LYS B 11 -26.24 10.50 17.39
C LYS B 11 -24.70 10.48 17.50
N VAL B 12 -24.09 9.34 17.16
CA VAL B 12 -22.65 9.12 17.19
C VAL B 12 -21.98 9.59 15.91
N SER B 13 -20.89 10.34 16.02
CA SER B 13 -20.19 10.88 14.85
C SER B 13 -18.78 10.45 14.87
N PHE B 14 -18.26 10.01 13.73
CA PHE B 14 -16.94 9.43 13.74
C PHE B 14 -15.97 10.31 13.10
N TYR B 15 -14.77 10.43 13.67
CA TYR B 15 -13.71 11.24 13.09
C TYR B 15 -12.47 10.47 12.94
N GLN B 16 -11.62 10.91 12.01
CA GLN B 16 -10.29 10.33 11.91
C GLN B 16 -9.31 11.43 11.99
N GLY B 17 -8.22 11.24 12.70
CA GLY B 17 -7.22 12.27 12.71
C GLY B 17 -6.29 12.10 13.84
N ASP B 18 -5.68 13.20 14.25
CA ASP B 18 -4.70 13.20 15.30
C ASP B 18 -5.31 13.62 16.65
N LEU B 19 -4.84 13.09 17.78
CA LEU B 19 -5.58 13.36 18.98
C LEU B 19 -5.59 14.84 19.37
N ASP B 20 -4.42 15.38 19.66
CA ASP B 20 -4.33 16.80 20.08
C ASP B 20 -5.21 17.65 19.17
N VAL B 21 -5.41 17.25 17.94
CA VAL B 21 -6.08 18.15 17.07
C VAL B 21 -7.55 17.92 16.98
N LEU B 22 -7.98 16.77 17.44
CA LEU B 22 -9.38 16.55 17.44
C LEU B 22 -9.81 17.23 18.66
N ILE B 23 -9.00 17.15 19.73
CA ILE B 23 -9.37 17.68 21.07
C ILE B 23 -9.53 19.12 20.88
N ASN B 24 -8.70 19.64 20.01
CA ASN B 24 -8.55 21.03 19.91
C ASN B 24 -9.66 21.66 19.17
N PHE B 25 -10.22 20.94 18.23
CA PHE B 25 -11.18 21.55 17.40
C PHE B 25 -12.53 21.06 17.64
N LEU B 26 -12.71 20.05 18.51
CA LEU B 26 -14.06 19.61 18.87
C LEU B 26 -14.36 20.11 20.23
N GLU B 27 -13.32 20.38 21.00
CA GLU B 27 -13.52 21.06 22.27
C GLU B 27 -14.45 20.26 23.15
N PRO B 28 -13.94 19.16 23.69
CA PRO B 28 -14.80 18.36 24.50
C PRO B 28 -14.54 18.60 25.91
N ASP B 29 -15.18 17.78 26.71
CA ASP B 29 -15.26 17.95 28.13
C ASP B 29 -14.86 16.71 28.81
N VAL B 30 -15.27 15.60 28.22
CA VAL B 30 -14.77 14.35 28.65
C VAL B 30 -13.93 13.82 27.51
N LEU B 31 -12.71 13.44 27.82
CA LEU B 31 -11.95 12.75 26.86
C LEU B 31 -11.82 11.36 27.37
N VAL B 32 -12.39 10.35 26.68
CA VAL B 32 -12.35 8.98 27.19
C VAL B 32 -11.00 8.46 26.89
N ASN B 33 -10.59 7.46 27.65
CA ASN B 33 -9.23 6.98 27.54
C ASN B 33 -9.17 5.51 27.83
N ALA B 34 -8.60 4.80 26.87
CA ALA B 34 -8.39 3.36 26.94
C ALA B 34 -7.14 3.10 27.74
N ALA B 35 -7.28 2.70 29.00
CA ALA B 35 -6.07 2.46 29.77
C ALA B 35 -6.26 1.11 30.33
N ASN B 36 -5.44 0.80 31.36
CA ASN B 36 -5.35 -0.51 32.01
C ASN B 36 -5.33 -0.48 33.49
N GLY B 37 -4.96 -1.61 34.02
CA GLY B 37 -5.11 -1.84 35.44
C GLY B 37 -4.11 -1.05 36.24
N ASP B 38 -2.83 -1.17 35.89
CA ASP B 38 -1.84 -0.40 36.57
C ASP B 38 -1.80 1.01 36.09
N LEU B 39 -2.72 1.42 35.20
CA LEU B 39 -2.83 2.85 34.80
C LEU B 39 -1.50 3.51 34.37
N ARG B 40 -0.55 2.69 33.96
CA ARG B 40 0.67 3.20 33.39
C ARG B 40 0.39 3.45 31.94
N HIS B 41 0.90 4.56 31.45
CA HIS B 41 0.25 5.09 30.26
C HIS B 41 1.04 5.06 28.99
N VAL B 42 1.39 3.86 28.56
CA VAL B 42 2.22 3.75 27.37
C VAL B 42 1.41 3.68 26.11
N GLY B 43 1.88 4.34 25.07
CA GLY B 43 1.40 4.00 23.72
C GLY B 43 -0.01 4.44 23.34
N GLY B 44 -0.19 4.65 22.03
CA GLY B 44 -1.37 5.28 21.50
C GLY B 44 -2.04 6.24 22.46
N VAL B 45 -3.35 6.10 22.57
CA VAL B 45 -4.17 7.14 23.14
C VAL B 45 -3.76 7.54 24.55
N ALA B 46 -3.56 6.54 25.41
CA ALA B 46 -3.18 6.84 26.75
C ALA B 46 -2.02 7.76 26.65
N ARG B 47 -0.94 7.36 26.02
CA ARG B 47 0.21 8.27 26.09
C ARG B 47 -0.09 9.64 25.48
N ALA B 48 -0.62 9.66 24.27
CA ALA B 48 -1.07 10.93 23.68
C ALA B 48 -1.71 11.87 24.70
N ILE B 49 -2.77 11.40 25.33
CA ILE B 49 -3.45 12.21 26.33
C ILE B 49 -2.53 12.73 27.40
N ASP B 50 -1.79 11.81 28.02
CA ASP B 50 -0.85 12.19 29.03
C ASP B 50 -0.05 13.32 28.51
N VAL B 51 0.84 12.99 27.59
CA VAL B 51 1.63 13.97 26.91
C VAL B 51 0.96 15.29 26.66
N PHE B 52 -0.33 15.25 26.33
CA PHE B 52 -1.02 16.42 25.89
C PHE B 52 -1.31 17.24 27.06
N THR B 53 -1.61 16.62 28.18
CA THR B 53 -1.78 17.39 29.38
C THR B 53 -0.44 17.62 30.01
N GLY B 54 0.62 17.52 29.22
CA GLY B 54 1.97 17.60 29.78
C GLY B 54 2.12 16.82 31.08
N GLY B 55 1.61 15.60 31.16
CA GLY B 55 2.04 14.66 32.20
C GLY B 55 1.14 14.64 33.41
N LYS B 56 0.12 15.49 33.39
CA LYS B 56 -0.73 15.66 34.53
C LYS B 56 -1.65 14.50 34.64
N LEU B 57 -1.95 13.83 33.53
CA LEU B 57 -2.67 12.57 33.65
C LEU B 57 -1.91 11.59 34.58
N THR B 58 -0.69 11.27 34.21
CA THR B 58 0.11 10.44 35.05
C THR B 58 0.21 10.89 36.51
N LYS B 59 0.48 12.17 36.74
CA LYS B 59 0.53 12.66 38.10
C LYS B 59 -0.73 12.21 38.80
N ARG B 60 -1.87 12.53 38.19
CA ARG B 60 -3.16 12.28 38.80
C ARG B 60 -3.31 10.80 39.06
N SER B 61 -2.79 9.95 38.15
CA SER B 61 -2.80 8.51 38.37
C SER B 61 -1.95 8.09 39.57
N LYS B 62 -0.64 8.36 39.55
CA LYS B 62 0.17 7.87 40.63
C LYS B 62 -0.56 8.22 41.90
N GLU B 63 -1.22 9.35 41.96
CA GLU B 63 -1.98 9.72 43.15
C GLU B 63 -3.22 8.89 43.49
N TYR B 64 -4.05 8.67 42.51
CA TYR B 64 -5.26 7.87 42.64
C TYR B 64 -5.05 6.60 43.37
N LEU B 65 -3.84 6.16 43.22
CA LEU B 65 -3.51 4.84 43.58
C LEU B 65 -3.17 4.67 45.07
N LYS B 66 -2.55 5.69 45.63
CA LYS B 66 -2.36 5.68 47.07
C LYS B 66 -3.70 5.61 47.92
N SER B 67 -4.87 5.91 47.31
CA SER B 67 -6.17 6.18 48.02
C SER B 67 -7.30 5.28 47.60
N SER B 68 -7.08 4.47 46.59
CA SER B 68 -8.22 3.98 45.84
C SER B 68 -7.99 2.67 44.98
N LYS B 69 -9.09 2.02 44.54
CA LYS B 69 -9.10 0.61 44.12
C LYS B 69 -8.72 0.43 42.69
N ALA B 70 -7.88 -0.56 42.36
CA ALA B 70 -7.42 -0.62 40.97
C ALA B 70 -8.55 -0.93 40.07
N ILE B 71 -8.42 -0.59 38.79
CA ILE B 71 -9.56 -0.63 37.86
C ILE B 71 -9.65 -1.91 37.08
N ALA B 72 -10.88 -2.42 37.00
CA ALA B 72 -11.15 -3.77 36.60
C ALA B 72 -11.69 -3.80 35.17
N PRO B 73 -11.03 -4.54 34.28
CA PRO B 73 -11.54 -4.56 32.89
C PRO B 73 -13.06 -4.58 32.93
N GLY B 74 -13.72 -3.73 32.16
CA GLY B 74 -15.17 -3.67 32.30
C GLY B 74 -15.63 -2.51 33.18
N ASN B 75 -14.68 -1.85 33.82
CA ASN B 75 -14.94 -0.58 34.56
C ASN B 75 -14.13 0.65 34.03
N ALA B 76 -14.62 1.84 34.39
CA ALA B 76 -13.91 3.05 34.03
C ALA B 76 -14.05 4.11 35.12
N VAL B 77 -12.99 4.91 35.33
CA VAL B 77 -13.02 5.91 36.39
C VAL B 77 -12.74 7.34 35.91
N LEU B 78 -13.42 8.32 36.50
CA LEU B 78 -13.25 9.68 35.99
C LEU B 78 -12.36 10.59 36.79
N PHE B 79 -11.32 11.09 36.13
CA PHE B 79 -10.52 12.15 36.73
C PHE B 79 -11.10 13.50 36.40
N GLU B 80 -11.76 14.10 37.38
CA GLU B 80 -12.40 15.36 37.18
C GLU B 80 -11.37 16.37 36.81
N ASN B 81 -11.53 17.03 35.67
CA ASN B 81 -10.80 18.25 35.45
C ASN B 81 -9.28 18.23 35.40
N VAL B 82 -8.71 17.14 34.94
CA VAL B 82 -7.26 17.03 34.79
C VAL B 82 -6.70 18.32 34.18
N LEU B 83 -7.41 18.94 33.28
CA LEU B 83 -7.07 20.29 32.92
C LEU B 83 -8.31 21.03 33.14
N GLU B 84 -8.22 22.35 33.22
CA GLU B 84 -9.44 23.14 33.34
C GLU B 84 -10.35 22.78 32.19
N HIS B 85 -11.54 22.30 32.53
CA HIS B 85 -12.55 21.86 31.55
C HIS B 85 -12.26 20.69 30.59
N LEU B 86 -11.19 19.94 30.91
CA LEU B 86 -10.92 18.63 30.31
C LEU B 86 -10.82 17.54 31.38
N SER B 87 -11.78 16.64 31.37
CA SER B 87 -11.85 15.56 32.32
C SER B 87 -11.62 14.26 31.55
N VAL B 88 -10.85 13.39 32.16
CA VAL B 88 -10.50 12.15 31.56
C VAL B 88 -11.17 10.97 32.22
N LEU B 89 -11.66 10.07 31.39
CA LEU B 89 -12.34 8.90 31.86
C LEU B 89 -11.42 7.80 31.51
N ASN B 90 -10.73 7.26 32.47
CA ASN B 90 -9.93 6.13 32.14
C ASN B 90 -10.81 4.92 32.13
N ALA B 91 -10.92 4.32 30.95
CA ALA B 91 -11.76 3.16 30.70
C ALA B 91 -10.86 2.02 30.62
N VAL B 92 -11.24 0.92 31.25
CA VAL B 92 -10.46 -0.32 31.08
C VAL B 92 -11.21 -1.39 30.29
N GLY B 93 -10.68 -1.66 29.10
CA GLY B 93 -11.30 -2.63 28.22
C GLY B 93 -10.75 -3.99 28.56
N PRO B 94 -11.40 -5.04 28.04
CA PRO B 94 -10.85 -6.36 28.17
C PRO B 94 -9.71 -6.55 27.19
N ARG B 95 -8.87 -7.52 27.50
CA ARG B 95 -7.75 -7.84 26.64
C ARG B 95 -8.32 -8.89 25.74
N ASN B 96 -7.64 -9.19 24.65
CA ASN B 96 -8.13 -10.28 23.81
C ASN B 96 -8.10 -11.72 24.37
N GLY B 97 -9.24 -12.41 24.46
CA GLY B 97 -9.24 -13.75 25.02
C GLY B 97 -9.30 -13.78 26.55
N ASP B 98 -9.60 -12.64 27.17
CA ASP B 98 -10.32 -12.65 28.44
C ASP B 98 -11.67 -13.12 27.97
N SER B 99 -12.59 -13.31 28.87
CA SER B 99 -13.86 -13.68 28.33
C SER B 99 -15.08 -12.86 28.84
N ARG B 100 -16.18 -12.90 28.08
CA ARG B 100 -17.29 -11.93 28.17
C ARG B 100 -16.68 -10.65 27.58
N VAL B 101 -15.68 -10.86 26.73
CA VAL B 101 -15.02 -9.78 26.11
C VAL B 101 -16.10 -8.84 25.68
N GLU B 102 -17.26 -9.39 25.31
CA GLU B 102 -18.35 -8.56 24.83
C GLU B 102 -19.11 -7.79 25.92
N GLY B 103 -19.70 -8.53 26.86
CA GLY B 103 -20.34 -7.96 28.03
C GLY B 103 -19.41 -6.95 28.69
N LYS B 104 -18.15 -7.31 28.90
CA LYS B 104 -17.17 -6.42 29.51
C LYS B 104 -17.11 -5.15 28.75
N LEU B 105 -16.99 -5.27 27.45
CA LEU B 105 -16.73 -4.13 26.65
C LEU B 105 -17.96 -3.25 26.70
N CYS B 106 -19.09 -3.86 26.57
CA CYS B 106 -20.33 -3.12 26.42
C CYS B 106 -20.68 -2.31 27.62
N ASN B 107 -20.20 -2.84 28.70
CA ASN B 107 -20.40 -2.30 29.98
C ASN B 107 -19.63 -0.99 30.21
N VAL B 108 -18.41 -0.97 29.67
CA VAL B 108 -17.53 0.17 29.69
C VAL B 108 -18.14 1.31 28.87
N TYR B 109 -18.58 0.98 27.66
CA TYR B 109 -19.44 1.90 26.86
C TYR B 109 -20.66 2.39 27.64
N LYS B 110 -21.18 1.56 28.54
CA LYS B 110 -22.39 1.92 29.27
C LYS B 110 -22.08 3.03 30.23
N ALA B 111 -20.87 2.97 30.79
CA ALA B 111 -20.42 3.94 31.77
C ALA B 111 -20.04 5.20 31.09
N ILE B 112 -19.25 5.07 30.05
CA ILE B 112 -19.08 6.15 29.09
C ILE B 112 -20.41 6.89 28.81
N ALA B 113 -21.50 6.14 28.71
CA ALA B 113 -22.82 6.71 28.54
C ALA B 113 -23.00 7.87 29.50
N LYS B 114 -22.94 7.54 30.77
CA LYS B 114 -23.41 8.39 31.81
C LYS B 114 -22.90 9.79 31.92
N CYS B 115 -21.79 10.15 31.24
CA CYS B 115 -21.06 11.40 31.59
C CYS B 115 -21.69 12.65 31.09
N ASP B 116 -21.02 13.75 31.38
CA ASP B 116 -21.69 15.01 31.18
C ASP B 116 -21.06 15.93 30.12
N GLY B 117 -21.89 16.43 29.22
CA GLY B 117 -21.43 17.33 28.20
C GLY B 117 -20.84 16.55 27.05
N LYS B 118 -19.97 17.18 26.30
CA LYS B 118 -19.52 16.56 25.06
C LYS B 118 -18.44 15.52 25.35
N ILE B 119 -18.57 14.36 24.70
CA ILE B 119 -17.58 13.32 24.85
C ILE B 119 -16.76 12.99 23.63
N LEU B 120 -15.51 12.68 23.84
CA LEU B 120 -14.74 12.25 22.74
C LEU B 120 -14.07 10.97 23.12
N THR B 121 -14.39 9.90 22.44
CA THR B 121 -13.83 8.63 22.83
C THR B 121 -13.27 7.86 21.65
N PRO B 122 -12.22 7.06 21.91
CA PRO B 122 -11.72 6.10 20.94
C PRO B 122 -12.56 4.86 21.06
N LEU B 123 -12.32 3.87 20.20
CA LEU B 123 -13.00 2.59 20.41
C LEU B 123 -12.22 1.82 21.43
N ILE B 124 -12.85 1.51 22.53
CA ILE B 124 -12.09 0.88 23.55
C ILE B 124 -11.61 -0.49 23.15
N SER B 125 -10.37 -0.83 23.51
CA SER B 125 -9.90 -2.21 23.49
C SER B 125 -9.38 -2.63 22.17
N VAL B 126 -9.54 -1.75 21.18
CA VAL B 126 -9.31 -2.05 19.76
C VAL B 126 -7.86 -2.06 19.26
N GLY B 127 -6.99 -1.20 19.79
CA GLY B 127 -5.59 -1.20 19.36
C GLY B 127 -4.79 -2.33 19.98
N ILE B 128 -3.71 -1.98 20.66
CA ILE B 128 -2.87 -2.94 21.46
C ILE B 128 -3.48 -4.22 22.11
N PHE B 129 -4.59 -4.05 22.83
CA PHE B 129 -5.45 -5.17 23.32
C PHE B 129 -6.04 -6.05 22.27
N LYS B 130 -5.95 -5.65 21.01
CA LYS B 130 -6.30 -6.49 19.86
C LYS B 130 -7.62 -7.24 19.99
N VAL B 131 -8.69 -6.52 19.81
CA VAL B 131 -9.99 -7.09 19.89
C VAL B 131 -10.63 -6.70 18.56
N LYS B 132 -11.41 -7.55 17.92
CA LYS B 132 -11.85 -7.12 16.61
C LYS B 132 -12.58 -5.77 16.68
N LEU B 133 -12.24 -4.85 15.78
CA LEU B 133 -12.86 -3.54 15.83
C LEU B 133 -14.35 -3.63 15.71
N GLU B 134 -14.82 -4.42 14.75
CA GLU B 134 -16.24 -4.61 14.54
C GLU B 134 -16.97 -4.95 15.83
N VAL B 135 -16.24 -5.56 16.74
CA VAL B 135 -16.85 -6.04 18.00
C VAL B 135 -17.11 -4.88 18.93
N SER B 136 -16.07 -4.05 19.00
CA SER B 136 -16.08 -2.93 19.87
C SER B 136 -17.15 -2.08 19.29
N LEU B 137 -16.96 -1.69 18.07
CA LEU B 137 -17.97 -0.97 17.40
C LEU B 137 -19.38 -1.54 17.74
N GLN B 138 -19.53 -2.86 17.64
CA GLN B 138 -20.82 -3.55 17.89
C GLN B 138 -21.38 -3.07 19.17
N CYS B 139 -20.75 -3.53 20.22
CA CYS B 139 -20.96 -3.03 21.52
C CYS B 139 -21.24 -1.50 21.68
N LEU B 140 -20.38 -0.62 21.23
CA LEU B 140 -20.61 0.80 21.48
C LEU B 140 -21.95 1.18 20.91
N LEU B 141 -22.23 0.79 19.68
CA LEU B 141 -23.41 1.25 18.96
C LEU B 141 -24.60 0.81 19.73
N LYS B 142 -24.69 -0.50 19.82
CA LYS B 142 -25.68 -1.25 20.56
C LYS B 142 -26.08 -0.62 21.86
N THR B 143 -25.08 -0.21 22.66
CA THR B 143 -25.28 0.20 24.07
C THR B 143 -25.70 1.65 24.23
N VAL B 144 -24.83 2.52 23.72
CA VAL B 144 -25.01 3.97 23.85
C VAL B 144 -26.07 4.39 22.88
N THR B 145 -27.29 3.96 23.21
CA THR B 145 -28.43 4.25 22.41
C THR B 145 -28.54 5.76 22.14
N ASP B 146 -28.91 6.50 23.19
CA ASP B 146 -29.28 7.85 22.86
C ASP B 146 -28.49 8.95 23.54
N ARG B 147 -27.59 9.58 22.79
CA ARG B 147 -26.76 10.60 23.31
C ARG B 147 -25.89 10.87 22.18
N ASP B 148 -25.42 12.08 22.15
CA ASP B 148 -24.44 12.45 21.18
C ASP B 148 -23.04 12.09 21.66
N LEU B 149 -22.21 11.63 20.76
CA LEU B 149 -20.91 11.11 21.14
C LEU B 149 -19.94 11.22 19.94
N ASN B 150 -18.69 11.46 20.19
CA ASN B 150 -17.82 11.71 19.10
C ASN B 150 -16.74 10.72 19.17
N VAL B 151 -16.73 9.85 18.21
CA VAL B 151 -15.80 8.75 18.29
C VAL B 151 -14.56 8.95 17.43
N PHE B 152 -13.44 8.37 17.84
CA PHE B 152 -12.27 8.55 16.99
C PHE B 152 -11.28 7.39 16.77
N VAL B 153 -10.57 7.55 15.68
CA VAL B 153 -9.62 6.61 15.30
C VAL B 153 -8.51 7.32 14.63
N TYR B 154 -7.34 6.76 14.83
CA TYR B 154 -6.09 7.18 14.24
C TYR B 154 -5.81 6.92 12.70
N THR B 155 -5.54 5.67 12.25
CA THR B 155 -5.20 5.31 10.83
C THR B 155 -6.38 5.44 9.87
N ASP B 156 -6.12 5.74 8.61
CA ASP B 156 -7.23 5.62 7.64
C ASP B 156 -7.67 4.18 7.54
N GLN B 157 -6.64 3.30 7.57
CA GLN B 157 -6.79 1.89 7.67
C GLN B 157 -8.09 1.65 8.54
N GLU B 158 -8.13 2.23 9.75
CA GLU B 158 -9.25 2.04 10.66
C GLU B 158 -10.46 2.63 10.07
N ARG B 159 -10.35 3.91 9.72
CA ARG B 159 -11.51 4.63 9.26
C ARG B 159 -12.27 3.80 8.27
N VAL B 160 -11.52 3.15 7.39
CA VAL B 160 -12.11 2.32 6.38
C VAL B 160 -12.93 1.22 7.04
N THR B 161 -12.33 0.58 8.04
CA THR B 161 -12.91 -0.63 8.59
C THR B 161 -14.31 -0.32 9.04
N ILE B 162 -14.42 0.74 9.81
CA ILE B 162 -15.71 1.27 10.16
C ILE B 162 -16.59 1.46 8.93
N GLU B 163 -16.08 2.18 7.94
CA GLU B 163 -16.85 2.49 6.78
C GLU B 163 -17.27 1.24 6.12
N ASN B 164 -16.32 0.31 5.99
CA ASN B 164 -16.63 -1.00 5.48
C ASN B 164 -17.79 -1.62 6.25
N PHE B 165 -17.67 -1.80 7.56
CA PHE B 165 -18.82 -2.18 8.36
C PHE B 165 -20.17 -1.47 8.08
N PHE B 166 -20.25 -0.15 8.06
CA PHE B 166 -21.59 0.49 7.83
C PHE B 166 -22.16 0.26 6.43
N ASN B 167 -21.26 -0.05 5.52
CA ASN B 167 -21.55 -0.19 4.09
C ASN B 167 -21.66 -1.69 3.66
N GLY B 168 -21.17 -1.96 2.45
CA GLY B 168 -21.08 -3.30 1.92
C GLY B 168 -19.97 -4.00 2.69
N ASP C 1 26.81 13.25 -0.26
CA ASP C 1 25.64 14.07 0.31
C ASP C 1 24.37 13.27 0.76
N LEU C 2 23.98 13.40 2.03
CA LEU C 2 23.00 12.48 2.64
C LEU C 2 21.54 12.52 2.11
N ILE C 3 20.94 13.72 2.06
CA ILE C 3 19.52 13.94 1.68
C ILE C 3 19.37 14.83 0.48
N LEU C 4 18.92 14.30 -0.63
CA LEU C 4 18.81 15.17 -1.76
C LEU C 4 17.42 15.69 -1.96
N PRO C 5 17.29 16.91 -2.49
CA PRO C 5 15.97 17.34 -2.96
C PRO C 5 15.48 16.40 -4.05
N PHE C 6 14.18 16.11 -4.08
CA PHE C 6 13.65 15.34 -5.16
C PHE C 6 13.32 16.23 -6.36
N TYR C 7 13.64 17.53 -6.35
CA TYR C 7 13.44 18.33 -7.56
C TYR C 7 13.73 19.75 -7.28
N LYS C 8 14.11 20.49 -8.31
CA LYS C 8 14.58 21.82 -8.12
C LYS C 8 14.00 22.56 -9.21
N ALA C 9 13.14 23.47 -8.88
CA ALA C 9 12.49 24.27 -9.91
C ALA C 9 13.06 25.69 -9.92
N GLY C 10 14.26 25.78 -10.48
CA GLY C 10 14.89 27.06 -10.55
C GLY C 10 15.46 27.15 -9.19
N LYS C 11 15.19 28.24 -8.51
CA LYS C 11 15.86 28.46 -7.25
C LYS C 11 15.33 27.57 -6.07
N VAL C 12 14.06 27.19 -6.17
CA VAL C 12 13.36 26.45 -5.15
C VAL C 12 13.69 24.98 -5.22
N SER C 13 13.87 24.37 -4.06
CA SER C 13 14.30 22.95 -3.99
C SER C 13 13.32 22.24 -3.13
N PHE C 14 12.83 21.09 -3.57
CA PHE C 14 11.82 20.40 -2.80
C PHE C 14 12.39 19.19 -2.12
N TYR C 15 11.98 18.98 -0.88
CA TYR C 15 12.39 17.77 -0.16
C TYR C 15 11.18 17.04 0.40
N GLN C 16 11.37 15.76 0.67
CA GLN C 16 10.40 15.00 1.38
C GLN C 16 11.09 14.47 2.61
N GLY C 17 10.48 14.63 3.77
CA GLY C 17 10.98 13.93 4.93
C GLY C 17 10.32 14.29 6.23
N ASP C 18 11.01 13.95 7.27
CA ASP C 18 10.60 14.31 8.57
C ASP C 18 11.12 15.66 8.92
N LEU C 19 10.36 16.41 9.69
CA LEU C 19 10.84 17.77 9.92
C LEU C 19 12.17 17.85 10.74
N ASP C 20 12.15 17.43 12.00
CA ASP C 20 13.32 17.52 12.82
C ASP C 20 14.52 17.10 12.02
N VAL C 21 14.33 16.26 11.04
CA VAL C 21 15.49 15.83 10.29
C VAL C 21 15.80 16.64 9.04
N LEU C 22 14.84 17.33 8.50
CA LEU C 22 15.24 18.17 7.43
C LEU C 22 15.99 19.35 8.01
N ILE C 23 15.53 19.77 9.20
CA ILE C 23 15.99 20.96 9.89
C ILE C 23 17.42 20.69 10.18
N ASN C 24 17.63 19.49 10.67
CA ASN C 24 18.92 19.09 11.14
C ASN C 24 19.99 19.14 10.04
N PHE C 25 19.60 18.81 8.84
CA PHE C 25 20.58 18.53 7.88
C PHE C 25 20.49 19.47 6.80
N LEU C 26 19.59 20.42 6.88
CA LEU C 26 19.65 21.48 5.91
C LEU C 26 20.11 22.74 6.59
N GLU C 27 19.95 22.73 7.91
CA GLU C 27 20.48 23.79 8.75
C GLU C 27 19.97 25.17 8.29
N PRO C 28 18.64 25.46 8.45
CA PRO C 28 18.15 26.77 8.04
C PRO C 28 18.19 27.80 9.15
N ASP C 29 17.50 28.87 8.86
CA ASP C 29 17.61 30.05 9.67
C ASP C 29 16.23 30.56 9.91
N VAL C 30 15.42 30.44 8.87
CA VAL C 30 14.06 30.75 9.03
C VAL C 30 13.39 29.46 8.81
N LEU C 31 12.56 29.09 9.75
CA LEU C 31 11.75 27.93 9.59
C LEU C 31 10.40 28.54 9.46
N VAL C 32 9.81 28.46 8.27
CA VAL C 32 8.41 28.89 8.10
C VAL C 32 7.40 27.96 8.82
N ASN C 33 6.28 28.50 9.27
CA ASN C 33 5.35 27.66 9.98
C ASN C 33 3.92 28.05 9.63
N ALA C 34 3.15 27.05 9.18
CA ALA C 34 1.76 27.25 8.86
C ALA C 34 1.03 27.14 10.17
N ALA C 35 0.50 28.25 10.63
CA ALA C 35 -0.25 28.16 11.85
C ALA C 35 -1.48 28.94 11.62
N ASN C 36 -2.17 29.32 12.70
CA ASN C 36 -3.45 30.01 12.62
C ASN C 36 -3.53 31.24 13.48
N GLY C 37 -4.74 31.76 13.59
CA GLY C 37 -5.04 32.99 14.35
C GLY C 37 -4.77 32.94 15.84
N ASP C 38 -5.40 32.04 16.59
CA ASP C 38 -5.12 31.94 17.98
C ASP C 38 -3.74 31.41 18.23
N LEU C 39 -3.01 31.05 17.17
CA LEU C 39 -1.61 30.59 17.28
C LEU C 39 -1.42 29.34 18.14
N ARG C 40 -2.51 28.65 18.42
CA ARG C 40 -2.39 27.39 19.12
C ARG C 40 -1.86 26.37 18.11
N HIS C 41 -0.98 25.51 18.58
CA HIS C 41 -0.08 24.75 17.72
C HIS C 41 -0.27 23.24 17.74
N VAL C 42 -1.47 22.80 17.38
CA VAL C 42 -1.73 21.37 17.29
C VAL C 42 -1.37 20.78 15.92
N GLY C 43 -0.88 19.53 15.92
CA GLY C 43 -0.75 18.75 14.70
C GLY C 43 0.13 19.27 13.56
N GLY C 44 0.45 18.36 12.67
CA GLY C 44 1.41 18.62 11.67
C GLY C 44 2.46 19.60 12.09
N VAL C 45 2.74 20.50 11.17
CA VAL C 45 3.99 21.22 11.15
C VAL C 45 4.20 22.11 12.34
N ALA C 46 3.11 22.76 12.75
CA ALA C 46 3.15 23.60 13.91
C ALA C 46 3.48 22.72 15.13
N ARG C 47 2.74 21.65 15.39
CA ARG C 47 3.11 20.73 16.52
C ARG C 47 4.63 20.46 16.54
N ALA C 48 5.06 19.75 15.51
CA ALA C 48 6.47 19.41 15.27
C ALA C 48 7.44 20.45 15.76
N ILE C 49 7.30 21.63 15.18
CA ILE C 49 8.19 22.79 15.42
C ILE C 49 8.26 23.15 16.88
N ASP C 50 7.11 23.32 17.48
CA ASP C 50 7.00 23.54 18.89
C ASP C 50 7.79 22.48 19.60
N VAL C 51 7.32 21.25 19.46
CA VAL C 51 7.94 20.07 20.01
C VAL C 51 9.44 20.09 19.87
N PHE C 52 9.89 20.58 18.73
CA PHE C 52 11.28 20.51 18.38
C PHE C 52 12.04 21.48 19.16
N THR C 53 11.44 22.63 19.40
CA THR C 53 12.03 23.64 20.30
C THR C 53 11.73 23.35 21.76
N GLY C 54 11.50 22.08 22.08
CA GLY C 54 10.97 21.78 23.39
C GLY C 54 10.04 22.88 23.94
N GLY C 55 9.01 23.28 23.19
CA GLY C 55 7.91 24.10 23.74
C GLY C 55 8.14 25.60 23.76
N LYS C 56 9.31 26.01 23.29
CA LYS C 56 9.66 27.41 23.25
C LYS C 56 8.90 28.23 22.22
N LEU C 57 8.47 27.62 21.12
CA LEU C 57 7.58 28.33 20.21
C LEU C 57 6.34 28.79 20.96
N THR C 58 5.71 27.87 21.67
CA THR C 58 4.44 28.15 22.30
C THR C 58 4.59 29.22 23.40
N LYS C 59 5.66 29.08 24.17
CA LYS C 59 6.00 30.12 25.13
C LYS C 59 6.01 31.49 24.46
N ARG C 60 6.85 31.65 23.42
CA ARG C 60 7.02 32.90 22.69
C ARG C 60 5.71 33.36 22.18
N SER C 61 4.83 32.44 21.85
CA SER C 61 3.48 32.78 21.38
C SER C 61 2.64 33.36 22.45
N LYS C 62 2.33 32.55 23.47
CA LYS C 62 1.44 33.03 24.52
C LYS C 62 1.86 34.44 24.89
N GLU C 63 3.16 34.72 24.79
CA GLU C 63 3.74 36.05 25.11
C GLU C 63 3.42 37.12 24.07
N TYR C 64 3.55 36.74 22.82
CA TYR C 64 3.26 37.66 21.75
C TYR C 64 1.92 38.30 21.89
N LEU C 65 1.03 37.50 22.43
CA LEU C 65 -0.32 37.84 22.39
C LEU C 65 -0.66 38.88 23.43
N LYS C 66 -0.03 38.84 24.60
CA LYS C 66 -0.24 39.93 25.59
C LYS C 66 -0.01 41.37 24.99
N SER C 67 0.73 41.49 23.87
CA SER C 67 1.35 42.78 23.40
C SER C 67 1.02 43.19 21.98
N SER C 68 0.37 42.33 21.25
CA SER C 68 0.39 42.53 19.85
C SER C 68 -0.83 41.89 19.12
N LYS C 69 -0.99 42.19 17.84
CA LYS C 69 -2.27 41.98 17.12
C LYS C 69 -2.37 40.62 16.56
N ALA C 70 -3.52 39.97 16.60
CA ALA C 70 -3.53 38.57 16.20
C ALA C 70 -3.38 38.45 14.71
N ILE C 71 -3.01 37.23 14.26
CA ILE C 71 -2.63 37.09 12.87
C ILE C 71 -3.74 36.79 11.94
N ALA C 72 -3.65 37.49 10.83
CA ALA C 72 -4.67 37.54 9.84
C ALA C 72 -4.32 36.63 8.63
N PRO C 73 -5.19 35.64 8.33
CA PRO C 73 -4.93 34.80 7.18
C PRO C 73 -4.46 35.65 6.00
N GLY C 74 -3.34 35.33 5.41
CA GLY C 74 -2.82 36.26 4.45
C GLY C 74 -1.66 37.04 5.04
N ASN C 75 -1.40 36.89 6.34
CA ASN C 75 -0.27 37.53 6.97
C ASN C 75 0.60 36.55 7.68
N ALA C 76 1.83 36.95 7.95
CA ALA C 76 2.74 36.16 8.79
C ALA C 76 3.69 36.98 9.62
N VAL C 77 4.13 36.45 10.75
CA VAL C 77 4.91 37.22 11.74
C VAL C 77 6.19 36.46 12.16
N LEU C 78 7.28 37.22 12.29
CA LEU C 78 8.56 36.59 12.64
C LEU C 78 9.03 36.58 14.09
N PHE C 79 9.07 35.40 14.68
CA PHE C 79 9.66 35.27 15.97
C PHE C 79 11.10 35.07 15.81
N GLU C 80 11.83 36.10 16.19
CA GLU C 80 13.25 36.14 16.07
C GLU C 80 13.89 35.15 17.01
N ASN C 81 14.74 34.29 16.48
CA ASN C 81 15.60 33.45 17.32
C ASN C 81 14.96 32.58 18.40
N VAL C 82 13.81 32.01 18.09
CA VAL C 82 13.18 31.18 19.04
C VAL C 82 14.23 30.24 19.54
N LEU C 83 15.16 29.83 18.69
CA LEU C 83 16.32 29.12 19.18
C LEU C 83 17.50 29.92 18.69
N GLU C 84 18.67 29.76 19.27
CA GLU C 84 19.83 30.35 18.71
C GLU C 84 19.94 29.92 17.25
N HIS C 85 19.88 30.91 16.38
CA HIS C 85 19.90 30.77 14.89
C HIS C 85 18.76 30.03 14.14
N LEU C 86 17.66 29.84 14.85
CA LEU C 86 16.43 29.39 14.28
C LEU C 86 15.33 30.34 14.64
N SER C 87 14.94 31.13 13.67
CA SER C 87 13.78 31.97 13.78
C SER C 87 12.59 31.41 13.06
N VAL C 88 11.44 31.50 13.71
CA VAL C 88 10.20 30.99 13.13
C VAL C 88 9.25 32.06 12.54
N LEU C 89 8.71 31.76 11.39
CA LEU C 89 7.87 32.69 10.76
C LEU C 89 6.57 32.03 10.81
N ASN C 90 5.71 32.49 11.69
CA ASN C 90 4.38 31.90 11.72
C ASN C 90 3.58 32.46 10.57
N ALA C 91 3.25 31.59 9.61
CA ALA C 91 2.51 31.99 8.47
C ALA C 91 1.08 31.58 8.76
N VAL C 92 0.12 32.47 8.52
CA VAL C 92 -1.30 32.04 8.51
C VAL C 92 -1.88 32.00 7.09
N GLY C 93 -2.27 30.80 6.70
CA GLY C 93 -2.85 30.58 5.38
C GLY C 93 -4.35 30.70 5.45
N PRO C 94 -5.07 30.77 4.28
CA PRO C 94 -6.50 30.73 4.27
C PRO C 94 -6.94 29.34 4.44
N ARG C 95 -8.17 29.21 4.86
CA ARG C 95 -8.81 27.93 5.10
C ARG C 95 -9.51 27.70 3.81
N ASN C 96 -10.01 26.49 3.64
CA ASN C 96 -10.74 26.24 2.45
C ASN C 96 -12.12 26.93 2.37
N GLY C 97 -12.32 27.72 1.33
CA GLY C 97 -13.62 28.26 1.14
C GLY C 97 -13.76 29.57 1.85
N ASP C 98 -12.66 30.08 2.39
CA ASP C 98 -12.55 31.54 2.58
C ASP C 98 -12.52 31.99 1.12
N SER C 99 -12.33 33.28 0.86
CA SER C 99 -12.06 33.62 -0.56
C SER C 99 -10.93 34.62 -0.85
N ARG C 100 -10.54 34.67 -2.11
CA ARG C 100 -9.25 35.23 -2.48
C ARG C 100 -8.26 34.21 -1.93
N VAL C 101 -8.76 33.02 -1.67
CA VAL C 101 -7.89 31.99 -1.19
C VAL C 101 -6.57 32.12 -1.90
N GLU C 102 -6.62 32.68 -3.10
CA GLU C 102 -5.43 32.68 -3.91
C GLU C 102 -4.61 33.87 -3.63
N GLY C 103 -5.22 35.03 -3.72
CA GLY C 103 -4.49 36.22 -3.38
C GLY C 103 -3.85 36.02 -2.01
N LYS C 104 -4.67 35.53 -1.05
CA LYS C 104 -4.29 35.42 0.36
C LYS C 104 -3.05 34.62 0.48
N LEU C 105 -3.11 33.44 -0.08
CA LEU C 105 -2.01 32.54 0.00
C LEU C 105 -0.76 33.17 -0.64
N CYS C 106 -0.93 33.89 -1.73
CA CYS C 106 0.21 34.33 -2.51
C CYS C 106 0.97 35.33 -1.71
N ASN C 107 0.22 35.96 -0.86
CA ASN C 107 0.69 37.07 -0.17
C ASN C 107 1.58 36.66 0.94
N VAL C 108 1.17 35.57 1.53
CA VAL C 108 1.92 34.95 2.55
C VAL C 108 3.24 34.49 1.99
N TYR C 109 3.20 33.79 0.87
CA TYR C 109 4.43 33.47 0.17
C TYR C 109 5.22 34.76 -0.12
N LYS C 110 4.52 35.85 -0.36
CA LYS C 110 5.21 37.11 -0.65
C LYS C 110 6.10 37.54 0.53
N ALA C 111 5.56 37.45 1.75
CA ALA C 111 6.29 37.85 2.94
C ALA C 111 7.39 36.89 3.23
N ILE C 112 7.09 35.62 3.03
CA ILE C 112 8.11 34.57 3.09
C ILE C 112 9.29 34.94 2.19
N ALA C 113 8.98 35.48 1.03
CA ALA C 113 10.00 36.07 0.21
C ALA C 113 11.01 36.75 1.12
N LYS C 114 10.50 37.72 1.88
CA LYS C 114 11.34 38.78 2.44
C LYS C 114 12.47 38.42 3.41
N CYS C 115 12.42 37.24 4.04
CA CYS C 115 13.33 37.00 5.18
C CYS C 115 14.74 36.75 4.80
N ASP C 116 15.55 36.49 5.82
CA ASP C 116 16.98 36.54 5.58
C ASP C 116 17.63 35.18 5.78
N GLY C 117 18.52 34.81 4.87
CA GLY C 117 19.26 33.56 5.02
C GLY C 117 18.47 32.38 4.51
N LYS C 118 18.76 31.19 5.00
CA LYS C 118 18.26 29.98 4.36
C LYS C 118 16.93 29.66 4.88
N ILE C 119 16.00 29.48 3.96
CA ILE C 119 14.64 29.23 4.38
C ILE C 119 14.15 27.82 4.17
N LEU C 120 13.37 27.34 5.13
CA LEU C 120 12.75 26.03 4.98
C LEU C 120 11.28 26.16 5.28
N THR C 121 10.45 25.93 4.27
CA THR C 121 9.01 26.11 4.42
C THR C 121 8.23 24.97 3.86
N PRO C 122 7.08 24.72 4.46
CA PRO C 122 6.14 23.77 3.89
C PRO C 122 5.32 24.54 2.89
N LEU C 123 4.43 23.78 2.23
CA LEU C 123 3.44 24.41 1.37
C LEU C 123 2.32 24.96 2.21
N ILE C 124 2.19 26.29 2.32
CA ILE C 124 1.19 26.83 3.23
C ILE C 124 -0.25 26.41 2.88
N SER C 125 -1.02 26.04 3.91
CA SER C 125 -2.48 25.88 3.80
C SER C 125 -2.95 24.55 3.28
N VAL C 126 -1.98 23.81 2.77
CA VAL C 126 -2.16 22.52 2.11
C VAL C 126 -2.60 21.29 2.97
N GLY C 127 -2.11 21.14 4.20
CA GLY C 127 -2.62 20.07 5.06
C GLY C 127 -4.04 20.34 5.61
N ILE C 128 -4.24 19.95 6.86
CA ILE C 128 -5.44 20.28 7.64
C ILE C 128 -6.44 21.35 7.06
N PHE C 129 -5.91 22.46 6.54
CA PHE C 129 -6.75 23.52 5.92
C PHE C 129 -7.29 23.11 4.56
N LYS C 130 -6.74 22.05 4.01
CA LYS C 130 -7.31 21.39 2.86
C LYS C 130 -7.52 22.32 1.72
N VAL C 131 -6.46 22.79 1.11
CA VAL C 131 -6.56 23.68 -0.02
C VAL C 131 -5.79 22.94 -1.04
N LYS C 132 -6.26 22.89 -2.27
CA LYS C 132 -5.54 22.03 -3.23
C LYS C 132 -4.02 22.26 -3.31
N LEU C 133 -3.23 21.18 -3.29
CA LEU C 133 -1.77 21.33 -3.30
C LEU C 133 -1.26 22.17 -4.52
N GLU C 134 -1.65 21.76 -5.72
CA GLU C 134 -1.32 22.50 -6.97
C GLU C 134 -1.53 24.02 -6.85
N VAL C 135 -2.49 24.44 -6.00
CA VAL C 135 -2.87 25.85 -5.82
C VAL C 135 -1.85 26.57 -5.01
N SER C 136 -1.47 25.94 -3.92
CA SER C 136 -0.50 26.50 -3.05
C SER C 136 0.78 26.57 -3.82
N LEU C 137 1.19 25.39 -4.26
CA LEU C 137 2.26 25.31 -5.17
C LEU C 137 2.22 26.44 -6.22
N GLN C 138 1.06 26.63 -6.86
CA GLN C 138 0.86 27.72 -7.88
C GLN C 138 1.45 29.04 -7.43
N CYS C 139 0.74 29.53 -6.43
CA CYS C 139 1.10 30.64 -5.65
C CYS C 139 2.54 30.74 -5.25
N LEU C 140 3.06 29.75 -4.56
CA LEU C 140 4.44 29.89 -4.14
C LEU C 140 5.36 30.19 -5.33
N LEU C 141 5.22 29.41 -6.40
CA LEU C 141 6.12 29.40 -7.54
C LEU C 141 6.04 30.71 -8.17
N LYS C 142 4.85 30.96 -8.69
CA LYS C 142 4.45 32.22 -9.21
C LYS C 142 5.08 33.42 -8.45
N THR C 143 4.97 33.43 -7.13
CA THR C 143 5.29 34.62 -6.38
C THR C 143 6.77 34.75 -6.11
N VAL C 144 7.32 33.73 -5.45
CA VAL C 144 8.67 33.80 -4.98
C VAL C 144 9.66 33.62 -6.08
N THR C 145 9.61 34.55 -7.04
CA THR C 145 10.48 34.56 -8.24
C THR C 145 11.92 34.28 -7.92
N ASP C 146 12.58 35.23 -7.30
CA ASP C 146 13.97 35.05 -7.32
C ASP C 146 14.55 34.99 -5.93
N ARG C 147 14.82 33.77 -5.49
CA ARG C 147 15.48 33.56 -4.23
C ARG C 147 15.56 32.11 -4.07
N ASP C 148 16.51 31.66 -3.27
CA ASP C 148 16.60 30.25 -2.94
C ASP C 148 15.72 29.85 -1.81
N LEU C 149 15.08 28.72 -1.93
CA LEU C 149 14.11 28.39 -0.96
C LEU C 149 13.98 26.90 -0.92
N ASN C 150 13.69 26.35 0.24
CA ASN C 150 13.77 24.93 0.40
C ASN C 150 12.49 24.49 0.89
N VAL C 151 11.68 23.90 0.01
CA VAL C 151 10.31 23.53 0.35
C VAL C 151 10.16 22.08 0.86
N PHE C 152 9.14 21.84 1.65
CA PHE C 152 8.98 20.49 2.15
C PHE C 152 7.54 19.97 2.37
N VAL C 153 7.50 18.63 2.29
CA VAL C 153 6.28 17.83 2.37
C VAL C 153 6.52 16.48 2.99
N TYR C 154 5.50 16.03 3.69
CA TYR C 154 5.59 14.88 4.57
C TYR C 154 5.49 13.60 3.75
N THR C 155 4.26 13.25 3.32
CA THR C 155 3.92 11.92 2.66
C THR C 155 4.58 11.74 1.33
N ASP C 156 4.78 10.49 0.88
CA ASP C 156 5.21 10.26 -0.57
C ASP C 156 4.11 10.78 -1.49
N GLN C 157 2.93 10.45 -1.03
CA GLN C 157 1.70 10.93 -1.59
C GLN C 157 1.83 12.30 -2.16
N GLU C 158 2.33 13.18 -1.34
CA GLU C 158 2.38 14.57 -1.68
C GLU C 158 3.47 14.79 -2.68
N ARG C 159 4.65 14.21 -2.40
CA ARG C 159 5.87 14.45 -3.19
C ARG C 159 5.56 14.20 -4.60
N VAL C 160 4.90 13.07 -4.80
CA VAL C 160 4.47 12.67 -6.09
C VAL C 160 3.61 13.75 -6.77
N THR C 161 2.62 14.26 -6.05
CA THR C 161 1.65 15.16 -6.62
C THR C 161 2.39 16.31 -7.22
N ILE C 162 3.42 16.77 -6.50
CA ILE C 162 4.27 17.86 -7.00
C ILE C 162 5.00 17.40 -8.23
N GLU C 163 5.61 16.21 -8.14
CA GLU C 163 6.31 15.68 -9.30
C GLU C 163 5.31 15.55 -10.43
N ASN C 164 4.16 14.95 -10.14
CA ASN C 164 3.14 14.79 -11.16
C ASN C 164 2.86 16.10 -11.88
N PHE C 165 2.53 17.12 -11.07
CA PHE C 165 2.49 18.54 -11.52
C PHE C 165 3.69 19.02 -12.41
N PHE C 166 4.92 18.70 -12.06
CA PHE C 166 6.03 19.22 -12.88
C PHE C 166 6.16 18.60 -14.27
N ASN C 167 5.48 17.46 -14.52
CA ASN C 167 5.61 16.85 -15.88
C ASN C 167 4.44 16.82 -16.93
N GLY C 168 3.71 17.95 -16.96
CA GLY C 168 2.93 18.40 -18.13
C GLY C 168 3.45 19.76 -18.59
N ASP D 1 -0.81 -14.72 25.80
CA ASP D 1 0.34 -13.81 25.38
C ASP D 1 0.09 -12.62 24.39
N LEU D 2 0.25 -11.38 24.93
CA LEU D 2 -0.22 -10.14 24.26
C LEU D 2 0.41 -9.84 22.90
N ILE D 3 1.74 -9.76 22.84
CA ILE D 3 2.46 -9.37 21.60
C ILE D 3 3.40 -10.43 21.00
N LEU D 4 3.08 -11.07 19.90
CA LEU D 4 3.99 -12.12 19.46
C LEU D 4 4.88 -11.65 18.35
N PRO D 5 6.05 -12.24 18.26
CA PRO D 5 6.96 -11.96 17.17
C PRO D 5 6.33 -12.45 15.94
N PHE D 6 6.44 -11.71 14.86
CA PHE D 6 5.95 -12.18 13.58
C PHE D 6 6.97 -13.08 12.91
N TYR D 7 8.04 -13.49 13.59
CA TYR D 7 8.94 -14.50 13.00
C TYR D 7 10.08 -14.74 13.93
N LYS D 8 10.61 -15.96 13.90
CA LYS D 8 11.73 -16.35 14.75
C LYS D 8 12.67 -17.07 13.81
N ALA D 9 13.87 -16.54 13.62
CA ALA D 9 14.85 -17.24 12.79
C ALA D 9 15.95 -17.81 13.66
N GLY D 10 15.69 -18.98 14.23
CA GLY D 10 16.63 -19.53 15.19
C GLY D 10 16.43 -18.71 16.45
N LYS D 11 17.51 -18.25 17.05
CA LYS D 11 17.38 -17.61 18.34
C LYS D 11 16.86 -16.16 18.36
N VAL D 12 16.91 -15.51 17.18
CA VAL D 12 16.46 -14.14 16.92
C VAL D 12 14.99 -14.05 16.60
N SER D 13 14.32 -13.14 17.30
CA SER D 13 12.83 -13.03 17.23
C SER D 13 12.45 -11.66 16.74
N PHE D 14 11.63 -11.55 15.69
CA PHE D 14 11.32 -10.25 15.17
C PHE D 14 9.98 -9.72 15.61
N TYR D 15 9.91 -8.44 15.97
CA TYR D 15 8.61 -7.83 16.26
C TYR D 15 8.38 -6.58 15.45
N GLN D 16 7.12 -6.17 15.42
CA GLN D 16 6.82 -4.87 14.84
C GLN D 16 6.01 -4.29 15.89
N GLY D 17 6.26 -3.02 16.18
CA GLY D 17 5.41 -2.29 17.10
C GLY D 17 5.96 -0.95 17.44
N ASP D 18 5.44 -0.39 18.52
CA ASP D 18 5.87 0.92 18.94
C ASP D 18 6.93 0.75 19.87
N LEU D 19 7.82 1.69 19.95
CA LEU D 19 8.97 1.38 20.77
C LEU D 19 8.60 1.27 22.24
N ASP D 20 8.17 2.36 22.84
CA ASP D 20 7.78 2.32 24.25
C ASP D 20 6.97 1.04 24.55
N VAL D 21 6.17 0.59 23.62
CA VAL D 21 5.35 -0.52 23.98
C VAL D 21 6.09 -1.85 23.81
N LEU D 22 7.11 -1.88 22.99
CA LEU D 22 7.83 -3.10 22.91
C LEU D 22 8.68 -3.23 24.14
N ILE D 23 9.27 -2.12 24.57
CA ILE D 23 10.16 -2.11 25.74
C ILE D 23 9.33 -2.55 26.87
N ASN D 24 8.11 -2.03 26.89
CA ASN D 24 7.22 -2.26 27.96
C ASN D 24 6.85 -3.75 28.22
N PHE D 25 6.67 -4.49 27.14
CA PHE D 25 6.09 -5.77 27.28
C PHE D 25 7.07 -6.86 27.00
N LEU D 26 8.26 -6.53 26.61
CA LEU D 26 9.23 -7.57 26.44
C LEU D 26 10.13 -7.42 27.62
N GLU D 27 10.12 -6.26 28.25
CA GLU D 27 10.96 -6.08 29.41
C GLU D 27 12.42 -6.54 29.14
N PRO D 28 13.21 -5.74 28.37
CA PRO D 28 14.62 -6.02 28.16
C PRO D 28 15.53 -5.30 29.15
N ASP D 29 16.81 -5.40 28.85
CA ASP D 29 17.82 -4.94 29.78
C ASP D 29 18.80 -4.05 29.06
N VAL D 30 19.05 -4.47 27.84
CA VAL D 30 19.81 -3.65 26.97
C VAL D 30 18.92 -3.28 25.85
N LEU D 31 18.83 -1.97 25.63
CA LEU D 31 18.11 -1.46 24.53
C LEU D 31 19.14 -0.96 23.64
N VAL D 32 19.31 -1.60 22.51
CA VAL D 32 20.28 -1.12 21.55
C VAL D 32 19.77 0.21 20.98
N ASN D 33 20.67 1.04 20.50
CA ASN D 33 20.21 2.27 19.94
C ASN D 33 21.10 2.63 18.75
N ALA D 34 20.48 2.86 17.58
CA ALA D 34 21.17 3.38 16.39
C ALA D 34 21.39 4.88 16.53
N ALA D 35 22.62 5.29 16.82
CA ALA D 35 22.86 6.67 17.02
C ALA D 35 24.05 6.96 16.21
N ASN D 36 24.57 8.20 16.37
CA ASN D 36 25.72 8.78 15.57
C ASN D 36 26.90 9.30 16.35
N GLY D 37 27.80 9.92 15.62
CA GLY D 37 29.04 10.36 16.22
C GLY D 37 28.82 11.45 17.24
N ASP D 38 28.09 12.50 16.87
CA ASP D 38 27.83 13.54 17.82
C ASP D 38 26.75 13.11 18.77
N LEU D 39 26.23 11.89 18.65
CA LEU D 39 25.33 11.39 19.68
C LEU D 39 24.15 12.33 19.94
N ARG D 40 23.91 13.28 19.07
CA ARG D 40 22.74 14.08 19.26
C ARG D 40 21.60 13.17 18.82
N HIS D 41 20.43 13.30 19.39
CA HIS D 41 19.55 12.20 19.17
C HIS D 41 18.25 12.55 18.49
N VAL D 42 18.28 12.98 17.22
CA VAL D 42 17.01 13.30 16.50
C VAL D 42 16.39 12.13 15.73
N GLY D 43 15.07 12.09 15.71
CA GLY D 43 14.40 11.18 14.82
C GLY D 43 14.55 9.70 15.10
N GLY D 44 13.52 8.96 14.68
CA GLY D 44 13.40 7.55 14.97
C GLY D 44 13.94 7.12 16.33
N VAL D 45 14.60 5.97 16.31
CA VAL D 45 14.75 5.23 17.49
C VAL D 45 15.50 6.00 18.45
N ALA D 46 16.49 6.70 17.96
CA ALA D 46 17.12 7.51 18.89
C ALA D 46 16.07 8.42 19.57
N ARG D 47 15.36 9.27 18.84
CA ARG D 47 14.67 10.24 19.65
C ARG D 47 13.79 9.52 20.64
N ALA D 48 12.95 8.64 20.14
CA ALA D 48 12.08 7.81 21.01
C ALA D 48 12.68 7.43 22.33
N ILE D 49 13.77 6.68 22.27
CA ILE D 49 14.45 6.22 23.45
C ILE D 49 14.69 7.36 24.41
N ASP D 50 15.23 8.45 23.87
CA ASP D 50 15.56 9.56 24.69
C ASP D 50 14.26 9.90 25.44
N VAL D 51 13.26 10.24 24.64
CA VAL D 51 11.95 10.68 25.11
C VAL D 51 11.40 9.84 26.21
N PHE D 52 11.65 8.55 26.06
CA PHE D 52 11.04 7.54 26.88
C PHE D 52 11.70 7.59 28.21
N THR D 53 13.01 7.85 28.20
CA THR D 53 13.72 8.03 29.44
C THR D 53 13.56 9.45 29.87
N GLY D 54 12.53 10.11 29.33
CA GLY D 54 12.35 11.53 29.61
C GLY D 54 13.70 12.25 29.67
N GLY D 55 14.52 12.05 28.62
CA GLY D 55 15.73 12.89 28.37
C GLY D 55 17.05 12.47 29.00
N LYS D 56 16.98 11.45 29.83
CA LYS D 56 18.12 11.06 30.57
C LYS D 56 19.13 10.47 29.68
N LEU D 57 18.72 9.89 28.57
CA LEU D 57 19.71 9.47 27.59
C LEU D 57 20.57 10.67 27.20
N THR D 58 19.92 11.74 26.83
CA THR D 58 20.63 12.89 26.35
C THR D 58 21.60 13.47 27.40
N LYS D 59 21.11 13.59 28.65
CA LYS D 59 21.94 14.05 29.76
C LYS D 59 23.23 13.24 29.84
N ARG D 60 23.04 11.89 29.83
CA ARG D 60 24.11 10.90 29.90
C ARG D 60 25.07 11.08 28.75
N SER D 61 24.56 11.41 27.56
CA SER D 61 25.42 11.78 26.44
C SER D 61 26.19 13.07 26.72
N LYS D 62 25.48 14.18 26.77
CA LYS D 62 26.23 15.37 26.89
C LYS D 62 27.38 15.10 27.85
N GLU D 63 27.11 14.28 28.83
CA GLU D 63 28.09 13.97 29.82
C GLU D 63 29.26 13.12 29.37
N TYR D 64 28.97 12.00 28.77
CA TYR D 64 30.02 11.11 28.29
C TYR D 64 31.10 11.82 27.52
N LEU D 65 30.68 12.92 26.95
CA LEU D 65 31.47 13.54 25.96
C LEU D 65 32.52 14.37 26.59
N LYS D 66 32.19 15.07 27.67
CA LYS D 66 33.21 15.73 28.47
C LYS D 66 34.44 14.82 28.85
N SER D 67 34.22 13.50 28.89
CA SER D 67 35.20 12.52 29.44
C SER D 67 35.80 11.51 28.49
N SER D 68 35.33 11.45 27.26
CA SER D 68 35.56 10.23 26.54
C SER D 68 35.45 10.39 25.03
N LYS D 69 35.89 9.34 24.28
CA LYS D 69 36.23 9.42 22.82
C LYS D 69 35.01 9.27 21.95
N ALA D 70 34.89 10.04 20.88
CA ALA D 70 33.60 9.93 20.21
C ALA D 70 33.51 8.59 19.49
N ILE D 71 32.28 8.24 19.12
CA ILE D 71 32.05 6.93 18.59
C ILE D 71 32.12 6.82 17.12
N ALA D 72 32.82 5.76 16.76
CA ALA D 72 33.27 5.53 15.44
C ALA D 72 32.33 4.58 14.67
N PRO D 73 31.76 5.01 13.49
CA PRO D 73 30.85 4.10 12.81
C PRO D 73 31.51 2.72 12.78
N GLY D 74 30.84 1.66 13.26
CA GLY D 74 31.44 0.33 13.41
C GLY D 74 31.69 -0.02 14.86
N ASN D 75 31.52 0.95 15.73
CA ASN D 75 31.63 0.78 17.16
C ASN D 75 30.35 1.08 17.90
N ALA D 76 30.25 0.60 19.13
CA ALA D 76 29.11 0.97 19.97
C ALA D 76 29.50 1.05 21.44
N VAL D 77 28.75 1.82 22.22
CA VAL D 77 29.15 2.11 23.59
C VAL D 77 28.02 2.00 24.57
N LEU D 78 28.33 1.36 25.71
CA LEU D 78 27.30 1.09 26.69
C LEU D 78 27.06 2.07 27.85
N PHE D 79 25.90 2.73 27.83
CA PHE D 79 25.45 3.45 29.00
C PHE D 79 24.71 2.56 29.92
N GLU D 80 25.36 2.32 31.04
CA GLU D 80 24.89 1.44 32.10
C GLU D 80 23.73 2.03 32.83
N ASN D 81 22.60 1.35 32.78
CA ASN D 81 21.51 1.71 33.62
C ASN D 81 20.97 3.09 33.51
N VAL D 82 20.91 3.62 32.29
CA VAL D 82 20.31 4.90 32.06
C VAL D 82 18.97 4.93 32.74
N LEU D 83 18.28 3.80 32.80
CA LEU D 83 17.19 3.64 33.77
C LEU D 83 17.47 2.42 34.62
N GLU D 84 16.93 2.41 35.85
CA GLU D 84 17.00 1.23 36.71
C GLU D 84 16.61 0.07 35.83
N HIS D 85 17.60 -0.79 35.59
CA HIS D 85 17.46 -2.00 34.80
C HIS D 85 17.15 -1.83 33.26
N LEU D 86 17.32 -0.59 32.79
CA LEU D 86 17.46 -0.34 31.36
C LEU D 86 18.82 0.26 31.01
N SER D 87 19.67 -0.54 30.36
CA SER D 87 20.90 -0.01 29.82
C SER D 87 20.82 0.20 28.31
N VAL D 88 21.28 1.39 27.84
CA VAL D 88 21.28 1.73 26.40
C VAL D 88 22.63 1.53 25.69
N LEU D 89 22.60 0.92 24.52
CA LEU D 89 23.84 0.69 23.82
C LEU D 89 23.71 1.58 22.68
N ASN D 90 24.49 2.65 22.64
CA ASN D 90 24.47 3.46 21.44
C ASN D 90 25.36 2.82 20.40
N ALA D 91 24.76 2.33 19.33
CA ALA D 91 25.52 1.70 18.30
C ALA D 91 25.72 2.81 17.33
N VAL D 92 26.84 2.81 16.64
CA VAL D 92 26.92 3.71 15.52
C VAL D 92 27.14 2.95 14.22
N GLY D 93 26.15 3.01 13.33
CA GLY D 93 26.20 2.28 12.04
C GLY D 93 26.86 3.13 10.96
N PRO D 94 27.14 2.53 9.78
CA PRO D 94 27.64 3.29 8.67
C PRO D 94 26.51 4.03 7.95
N ARG D 95 26.87 5.14 7.33
CA ARG D 95 25.92 5.87 6.59
C ARG D 95 25.93 5.23 5.27
N ASN D 96 24.96 5.55 4.42
CA ASN D 96 25.03 5.03 3.07
C ASN D 96 26.17 5.58 2.18
N GLY D 97 27.03 4.69 1.62
CA GLY D 97 28.14 5.11 0.73
C GLY D 97 29.43 5.46 1.46
N ASP D 98 29.47 5.17 2.76
CA ASP D 98 30.72 4.96 3.49
C ASP D 98 31.14 3.64 2.88
N SER D 99 32.35 3.17 3.11
CA SER D 99 32.61 1.81 2.64
C SER D 99 33.11 0.78 3.64
N ARG D 100 33.00 -0.49 3.23
CA ARG D 100 33.03 -1.60 4.14
C ARG D 100 31.72 -1.51 4.87
N VAL D 101 30.83 -0.75 4.27
CA VAL D 101 29.57 -0.59 4.85
C VAL D 101 29.22 -1.92 5.45
N GLU D 102 29.77 -3.01 4.91
CA GLU D 102 29.34 -4.33 5.41
C GLU D 102 30.10 -4.74 6.62
N GLY D 103 31.40 -4.74 6.50
CA GLY D 103 32.24 -5.07 7.63
C GLY D 103 31.77 -4.26 8.81
N LYS D 104 31.59 -2.97 8.57
CA LYS D 104 31.35 -2.04 9.61
C LYS D 104 30.10 -2.43 10.30
N LEU D 105 29.10 -2.80 9.53
CA LEU D 105 27.82 -2.97 10.11
C LEU D 105 27.85 -4.23 10.94
N CYS D 106 28.54 -5.22 10.42
CA CYS D 106 28.49 -6.53 11.00
C CYS D 106 29.13 -6.51 12.34
N ASN D 107 30.06 -5.61 12.41
CA ASN D 107 30.92 -5.50 13.52
C ASN D 107 30.22 -4.89 14.67
N VAL D 108 29.29 -4.01 14.35
CA VAL D 108 28.47 -3.41 15.32
C VAL D 108 27.53 -4.48 15.90
N TYR D 109 26.92 -5.28 15.02
CA TYR D 109 26.17 -6.51 15.43
C TYR D 109 27.01 -7.42 16.35
N LYS D 110 28.29 -7.53 16.02
CA LYS D 110 29.19 -8.36 16.78
C LYS D 110 29.20 -7.92 18.22
N ALA D 111 29.24 -6.59 18.42
CA ALA D 111 29.43 -6.00 19.73
C ALA D 111 28.14 -6.14 20.47
N ILE D 112 27.07 -5.81 19.78
CA ILE D 112 25.74 -6.19 20.24
C ILE D 112 25.70 -7.69 20.75
N ALA D 113 26.35 -8.58 20.01
CA ALA D 113 26.52 -9.91 20.54
C ALA D 113 26.77 -9.80 22.05
N LYS D 114 27.88 -9.16 22.41
CA LYS D 114 28.51 -9.30 23.72
C LYS D 114 27.73 -9.07 25.03
N CYS D 115 26.58 -8.40 24.97
CA CYS D 115 26.02 -7.89 26.22
C CYS D 115 25.32 -8.90 27.01
N ASP D 116 24.70 -8.44 28.07
CA ASP D 116 24.23 -9.36 29.07
C ASP D 116 22.75 -9.24 29.34
N GLY D 117 22.05 -10.36 29.23
CA GLY D 117 20.62 -10.41 29.53
C GLY D 117 19.81 -10.25 28.28
N LYS D 118 18.58 -9.80 28.43
CA LYS D 118 17.68 -9.67 27.27
C LYS D 118 17.99 -8.42 26.45
N ILE D 119 18.15 -8.64 25.14
CA ILE D 119 18.38 -7.51 24.24
C ILE D 119 17.22 -7.10 23.26
N LEU D 120 17.03 -5.80 23.10
CA LEU D 120 16.05 -5.39 22.17
C LEU D 120 16.69 -4.39 21.21
N THR D 121 16.83 -4.77 19.96
CA THR D 121 17.50 -3.88 19.05
C THR D 121 16.77 -3.69 17.76
N PRO D 122 16.98 -2.54 17.18
CA PRO D 122 16.53 -2.33 15.85
C PRO D 122 17.55 -2.89 14.87
N LEU D 123 17.23 -2.85 13.58
CA LEU D 123 18.21 -3.10 12.57
C LEU D 123 19.08 -1.87 12.41
N ILE D 124 20.36 -1.96 12.71
CA ILE D 124 21.17 -0.77 12.64
C ILE D 124 21.35 -0.25 11.25
N SER D 125 21.43 1.08 11.11
CA SER D 125 21.73 1.78 9.81
C SER D 125 20.65 1.87 8.71
N VAL D 126 19.59 1.12 8.93
CA VAL D 126 18.50 0.90 8.03
C VAL D 126 17.55 2.06 7.75
N GLY D 127 17.17 2.85 8.76
CA GLY D 127 16.31 4.04 8.55
C GLY D 127 17.08 5.24 7.96
N ILE D 128 16.82 6.42 8.46
CA ILE D 128 17.57 7.59 8.04
C ILE D 128 18.91 7.40 7.31
N PHE D 129 19.77 6.53 7.85
CA PHE D 129 21.05 6.21 7.18
C PHE D 129 20.96 5.59 5.79
N LYS D 130 19.79 4.99 5.49
CA LYS D 130 19.38 4.46 4.16
C LYS D 130 20.37 3.47 3.68
N VAL D 131 20.38 2.32 4.32
CA VAL D 131 21.26 1.29 3.92
C VAL D 131 20.30 0.15 3.69
N LYS D 132 20.46 -0.63 2.61
CA LYS D 132 19.39 -1.62 2.31
C LYS D 132 19.06 -2.49 3.54
N LEU D 133 17.77 -2.67 3.81
CA LEU D 133 17.43 -3.49 4.95
C LEU D 133 18.05 -4.90 4.83
N GLU D 134 17.79 -5.59 3.72
CA GLU D 134 18.35 -6.92 3.48
C GLU D 134 19.83 -7.00 3.89
N VAL D 135 20.59 -5.93 3.67
CA VAL D 135 22.02 -5.92 4.01
C VAL D 135 22.21 -6.01 5.47
N SER D 136 21.51 -5.10 6.18
CA SER D 136 21.62 -5.03 7.58
C SER D 136 21.19 -6.37 8.12
N LEU D 137 20.01 -6.76 7.75
CA LEU D 137 19.57 -8.08 8.06
C LEU D 137 20.67 -9.13 7.89
N GLN D 138 21.20 -9.20 6.67
CA GLN D 138 22.28 -10.08 6.27
C GLN D 138 23.32 -10.24 7.32
N CYS D 139 23.95 -9.09 7.58
CA CYS D 139 24.93 -8.84 8.63
C CYS D 139 24.52 -9.32 10.00
N LEU D 140 23.36 -8.88 10.46
CA LEU D 140 22.88 -9.27 11.79
C LEU D 140 22.79 -10.78 11.89
N LEU D 141 22.15 -11.39 10.92
CA LEU D 141 21.90 -12.82 11.00
C LEU D 141 23.19 -13.59 11.04
N LYS D 142 23.91 -13.35 9.97
CA LYS D 142 25.23 -13.77 9.74
C LYS D 142 26.03 -13.78 11.04
N THR D 143 26.10 -12.65 11.73
CA THR D 143 27.05 -12.48 12.84
C THR D 143 26.64 -13.04 14.17
N VAL D 144 25.43 -12.71 14.58
CA VAL D 144 25.00 -13.01 15.93
C VAL D 144 24.51 -14.39 15.99
N THR D 145 25.40 -15.32 15.64
CA THR D 145 25.09 -16.77 15.64
C THR D 145 24.30 -17.22 16.82
N ASP D 146 24.91 -17.20 17.99
CA ASP D 146 24.26 -17.94 18.98
C ASP D 146 23.99 -17.16 20.23
N ARG D 147 22.72 -16.75 20.38
CA ARG D 147 22.22 -16.00 21.51
C ARG D 147 20.84 -15.64 21.18
N ASP D 148 20.11 -15.31 22.22
CA ASP D 148 18.74 -14.88 22.00
C ASP D 148 18.70 -13.35 21.79
N LEU D 149 17.89 -12.92 20.85
CA LEU D 149 17.84 -11.52 20.54
C LEU D 149 16.48 -11.17 20.00
N ASN D 150 16.11 -9.93 20.25
CA ASN D 150 14.80 -9.45 19.92
C ASN D 150 14.89 -8.24 19.08
N VAL D 151 14.55 -8.41 17.83
CA VAL D 151 14.73 -7.39 16.86
C VAL D 151 13.41 -6.70 16.54
N PHE D 152 13.49 -5.44 16.21
CA PHE D 152 12.27 -4.70 15.97
C PHE D 152 12.28 -3.69 14.81
N VAL D 153 11.10 -3.52 14.24
CA VAL D 153 10.92 -2.57 13.20
C VAL D 153 9.59 -1.86 13.38
N TYR D 154 9.56 -0.61 12.91
CA TYR D 154 8.44 0.34 12.99
C TYR D 154 7.21 0.12 12.00
N THR D 155 7.34 0.46 10.70
CA THR D 155 6.25 0.27 9.68
C THR D 155 5.91 -1.17 9.30
N ASP D 156 4.67 -1.43 8.87
CA ASP D 156 4.34 -2.73 8.25
C ASP D 156 5.18 -2.96 7.02
N GLN D 157 5.30 -1.86 6.28
CA GLN D 157 6.22 -1.80 5.22
C GLN D 157 7.48 -2.64 5.53
N GLU D 158 8.12 -2.39 6.67
CA GLU D 158 9.37 -3.04 6.94
C GLU D 158 9.10 -4.46 7.21
N ARG D 159 8.14 -4.69 8.08
CA ARG D 159 7.92 -6.02 8.55
C ARG D 159 7.94 -6.91 7.37
N VAL D 160 7.19 -6.48 6.39
CA VAL D 160 7.02 -7.24 5.17
C VAL D 160 8.35 -7.57 4.51
N THR D 161 9.18 -6.55 4.28
CA THR D 161 10.43 -6.77 3.64
C THR D 161 11.15 -7.94 4.29
N ILE D 162 11.14 -7.96 5.61
CA ILE D 162 11.78 -9.07 6.32
C ILE D 162 11.18 -10.36 5.86
N GLU D 163 9.86 -10.44 6.03
CA GLU D 163 9.10 -11.61 5.66
C GLU D 163 9.38 -12.00 4.26
N ASN D 164 9.29 -11.03 3.34
CA ASN D 164 9.70 -11.23 1.96
C ASN D 164 11.06 -11.85 1.85
N PHE D 165 12.09 -11.21 2.41
CA PHE D 165 13.40 -11.88 2.56
C PHE D 165 13.38 -13.41 2.97
N PHE D 166 12.77 -13.73 4.10
CA PHE D 166 12.77 -15.10 4.55
C PHE D 166 12.01 -16.09 3.62
N ASN D 167 11.13 -15.62 2.75
CA ASN D 167 10.16 -16.55 2.19
C ASN D 167 10.00 -16.91 0.72
N GLY D 168 8.74 -16.83 0.27
CA GLY D 168 8.37 -17.23 -1.09
C GLY D 168 8.81 -16.20 -2.11
N ASP E 1 -21.26 -9.09 4.48
CA ASP E 1 -20.51 -8.82 3.17
C ASP E 1 -19.09 -9.48 3.00
N LEU E 2 -18.64 -9.90 1.79
CA LEU E 2 -17.38 -10.67 1.86
C LEU E 2 -15.96 -10.16 1.61
N ILE E 3 -15.69 -9.66 0.40
CA ILE E 3 -14.36 -9.15 0.10
C ILE E 3 -14.19 -7.63 0.36
N LEU E 4 -13.45 -7.22 1.37
CA LEU E 4 -13.55 -5.80 1.69
C LEU E 4 -12.36 -5.00 1.27
N PRO E 5 -12.56 -3.77 0.80
CA PRO E 5 -11.42 -2.98 0.38
C PRO E 5 -10.56 -2.70 1.58
N PHE E 6 -9.26 -2.70 1.35
CA PHE E 6 -8.30 -2.56 2.41
C PHE E 6 -7.89 -1.14 2.51
N TYR E 7 -8.17 -0.35 1.50
CA TYR E 7 -8.15 1.06 1.68
C TYR E 7 -9.17 1.75 0.78
N LYS E 8 -9.68 2.88 1.26
CA LYS E 8 -10.72 3.63 0.57
C LYS E 8 -10.32 5.09 0.55
N ALA E 9 -10.27 5.67 -0.64
CA ALA E 9 -9.83 7.03 -0.80
C ALA E 9 -10.75 7.82 -1.77
N GLY E 10 -11.70 8.61 -1.28
CA GLY E 10 -12.67 9.11 -2.22
C GLY E 10 -13.52 7.90 -2.53
N LYS E 11 -13.98 7.77 -3.77
CA LYS E 11 -14.86 6.66 -4.11
C LYS E 11 -14.10 5.48 -4.61
N VAL E 12 -12.81 5.67 -4.81
CA VAL E 12 -11.89 4.61 -5.12
C VAL E 12 -11.72 3.66 -3.94
N SER E 13 -11.93 2.37 -4.16
CA SER E 13 -11.65 1.37 -3.10
C SER E 13 -10.61 0.45 -3.59
N PHE E 14 -9.82 -0.03 -2.67
CA PHE E 14 -8.65 -0.77 -3.06
C PHE E 14 -8.78 -2.13 -2.50
N TYR E 15 -8.55 -3.13 -3.32
CA TYR E 15 -8.75 -4.47 -2.88
C TYR E 15 -7.45 -5.20 -3.13
N GLN E 16 -7.08 -6.12 -2.26
CA GLN E 16 -6.03 -7.09 -2.64
C GLN E 16 -6.69 -8.44 -2.87
N GLY E 17 -6.08 -9.33 -3.63
CA GLY E 17 -6.70 -10.65 -3.78
C GLY E 17 -6.56 -11.28 -5.15
N ASP E 18 -7.10 -12.50 -5.31
CA ASP E 18 -6.92 -13.20 -6.58
C ASP E 18 -7.81 -12.61 -7.65
N LEU E 19 -7.48 -12.75 -8.92
CA LEU E 19 -8.42 -12.16 -9.83
C LEU E 19 -9.83 -12.81 -9.87
N ASP E 20 -9.90 -14.09 -10.18
CA ASP E 20 -11.21 -14.67 -10.34
C ASP E 20 -12.08 -14.31 -9.13
N VAL E 21 -11.50 -14.45 -7.95
CA VAL E 21 -12.18 -14.16 -6.69
C VAL E 21 -12.74 -12.75 -6.59
N LEU E 22 -11.96 -11.80 -7.09
CA LEU E 22 -12.40 -10.42 -7.12
C LEU E 22 -13.61 -10.34 -8.06
N ILE E 23 -13.44 -10.77 -9.32
CA ILE E 23 -14.52 -10.70 -10.28
C ILE E 23 -15.70 -11.29 -9.62
N ASN E 24 -15.48 -12.42 -8.94
CA ASN E 24 -16.62 -13.25 -8.58
C ASN E 24 -17.51 -12.63 -7.56
N PHE E 25 -16.90 -11.86 -6.67
CA PHE E 25 -17.62 -11.42 -5.51
C PHE E 25 -17.92 -10.00 -5.65
N LEU E 26 -17.06 -9.30 -6.39
CA LEU E 26 -17.22 -7.87 -6.66
C LEU E 26 -18.16 -7.64 -7.78
N GLU E 27 -18.29 -8.64 -8.62
CA GLU E 27 -19.33 -8.63 -9.60
C GLU E 27 -19.25 -7.34 -10.40
N PRO E 28 -18.21 -7.19 -11.23
CA PRO E 28 -18.17 -6.00 -12.05
C PRO E 28 -18.81 -6.17 -13.39
N ASP E 29 -18.47 -5.21 -14.25
CA ASP E 29 -19.19 -4.91 -15.48
C ASP E 29 -18.23 -4.61 -16.59
N VAL E 30 -17.17 -4.00 -16.11
CA VAL E 30 -16.06 -3.67 -16.91
C VAL E 30 -14.87 -4.11 -16.11
N LEU E 31 -14.22 -5.10 -16.64
CA LEU E 31 -12.94 -5.43 -16.15
C LEU E 31 -11.90 -4.69 -17.05
N VAL E 32 -11.10 -3.81 -16.47
CA VAL E 32 -10.01 -3.21 -17.27
C VAL E 32 -8.87 -4.18 -17.35
N ASN E 33 -8.32 -4.36 -18.53
CA ASN E 33 -7.22 -5.28 -18.64
C ASN E 33 -6.00 -4.50 -19.01
N ALA E 34 -4.85 -4.85 -18.47
CA ALA E 34 -3.65 -4.10 -18.83
C ALA E 34 -3.03 -4.73 -20.04
N ALA E 35 -3.26 -4.28 -21.29
CA ALA E 35 -2.67 -5.06 -22.43
C ALA E 35 -1.54 -4.43 -23.23
N ASN E 36 -0.59 -5.27 -23.68
CA ASN E 36 0.56 -4.81 -24.39
C ASN E 36 0.02 -4.74 -25.76
N GLY E 37 0.12 -3.56 -26.34
CA GLY E 37 -0.81 -3.15 -27.35
C GLY E 37 -0.95 -3.83 -28.71
N ASP E 38 -0.04 -4.72 -29.12
CA ASP E 38 -0.40 -5.50 -30.28
C ASP E 38 -1.06 -6.79 -29.80
N LEU E 39 -1.43 -6.81 -28.52
CA LEU E 39 -2.54 -7.65 -27.99
C LEU E 39 -2.41 -9.12 -27.72
N ARG E 40 -1.16 -9.60 -27.51
CA ARG E 40 -0.94 -10.92 -26.88
C ARG E 40 -1.18 -10.67 -25.42
N HIS E 41 -1.90 -11.59 -24.80
CA HIS E 41 -2.37 -11.36 -23.48
C HIS E 41 -1.58 -12.18 -22.48
N VAL E 42 -0.31 -11.80 -22.26
CA VAL E 42 0.51 -12.49 -21.27
C VAL E 42 0.61 -11.83 -19.88
N GLY E 43 1.03 -12.63 -18.88
CA GLY E 43 1.29 -12.14 -17.53
C GLY E 43 0.08 -12.02 -16.62
N GLY E 44 0.37 -11.69 -15.36
CA GLY E 44 -0.59 -11.69 -14.23
C GLY E 44 -2.00 -11.23 -14.45
N VAL E 45 -2.18 -10.21 -15.30
CA VAL E 45 -3.52 -9.71 -15.50
C VAL E 45 -4.07 -10.32 -16.75
N ALA E 46 -3.45 -10.06 -17.87
CA ALA E 46 -4.11 -10.43 -19.09
C ALA E 46 -4.33 -11.98 -19.16
N ARG E 47 -3.28 -12.76 -18.87
CA ARG E 47 -3.35 -14.18 -19.10
C ARG E 47 -4.52 -14.63 -18.24
N ALA E 48 -4.59 -14.03 -17.07
CA ALA E 48 -5.62 -14.30 -16.09
C ALA E 48 -7.03 -14.14 -16.61
N ILE E 49 -7.29 -12.98 -17.18
CA ILE E 49 -8.61 -12.61 -17.70
C ILE E 49 -8.92 -13.54 -18.83
N ASP E 50 -7.92 -13.76 -19.69
CA ASP E 50 -8.16 -14.59 -20.83
C ASP E 50 -8.64 -15.94 -20.37
N VAL E 51 -7.82 -16.63 -19.63
CA VAL E 51 -8.28 -17.82 -18.97
C VAL E 51 -9.67 -17.73 -18.35
N PHE E 52 -9.95 -16.67 -17.62
CA PHE E 52 -11.26 -16.60 -17.02
C PHE E 52 -12.33 -16.58 -18.08
N THR E 53 -12.08 -15.96 -19.21
CA THR E 53 -13.16 -15.84 -20.14
C THR E 53 -13.17 -17.01 -21.08
N GLY E 54 -12.50 -18.06 -20.67
CA GLY E 54 -12.44 -19.21 -21.54
C GLY E 54 -11.69 -18.93 -22.83
N GLY E 55 -10.95 -17.83 -22.82
CA GLY E 55 -10.06 -17.52 -23.91
C GLY E 55 -10.81 -16.77 -24.96
N LYS E 56 -12.00 -16.30 -24.59
CA LYS E 56 -12.80 -15.50 -25.48
C LYS E 56 -12.05 -14.26 -25.80
N LEU E 57 -11.50 -13.62 -24.78
CA LEU E 57 -10.74 -12.38 -24.95
C LEU E 57 -9.89 -12.44 -26.16
N THR E 58 -9.07 -13.46 -26.19
CA THR E 58 -8.14 -13.64 -27.25
C THR E 58 -8.82 -13.90 -28.59
N LYS E 59 -9.86 -14.73 -28.56
CA LYS E 59 -10.69 -14.96 -29.76
C LYS E 59 -11.20 -13.62 -30.33
N ARG E 60 -11.82 -12.79 -29.49
CA ARG E 60 -12.22 -11.43 -29.91
C ARG E 60 -11.05 -10.62 -30.43
N SER E 61 -9.84 -10.86 -29.94
CA SER E 61 -8.74 -9.98 -30.28
C SER E 61 -8.26 -10.21 -31.68
N LYS E 62 -7.96 -11.45 -32.00
CA LYS E 62 -7.60 -11.73 -33.33
C LYS E 62 -8.65 -11.05 -34.23
N GLU E 63 -9.93 -11.24 -33.89
CA GLU E 63 -11.05 -10.68 -34.69
C GLU E 63 -10.91 -9.20 -34.86
N TYR E 64 -10.87 -8.53 -33.72
CA TYR E 64 -10.60 -7.10 -33.67
C TYR E 64 -9.55 -6.64 -34.67
N LEU E 65 -8.48 -7.40 -34.76
CA LEU E 65 -7.33 -6.91 -35.47
C LEU E 65 -7.50 -6.81 -36.96
N LYS E 66 -8.45 -7.57 -37.50
CA LYS E 66 -8.57 -7.58 -38.94
C LYS E 66 -9.18 -6.32 -39.58
N SER E 67 -9.78 -5.42 -38.78
CA SER E 67 -10.63 -4.30 -39.30
C SER E 67 -10.51 -3.13 -38.39
N SER E 68 -9.36 -3.08 -37.74
CA SER E 68 -9.18 -2.13 -36.69
C SER E 68 -7.72 -1.98 -36.32
N LYS E 69 -7.41 -0.83 -35.72
CA LYS E 69 -6.04 -0.42 -35.61
C LYS E 69 -5.41 -0.77 -34.29
N ALA E 70 -4.15 -1.21 -34.29
CA ALA E 70 -3.55 -1.66 -33.04
C ALA E 70 -3.57 -0.53 -32.09
N ILE E 71 -3.65 -0.87 -30.80
CA ILE E 71 -3.87 0.12 -29.75
C ILE E 71 -2.63 0.91 -29.31
N ALA E 72 -2.77 2.21 -29.36
CA ALA E 72 -1.62 3.06 -29.20
C ALA E 72 -1.32 3.44 -27.68
N PRO E 73 -0.18 2.98 -27.09
CA PRO E 73 0.11 3.32 -25.68
C PRO E 73 -0.41 4.73 -25.36
N GLY E 74 -1.31 4.82 -24.39
CA GLY E 74 -1.98 6.08 -24.16
C GLY E 74 -3.46 5.94 -24.46
N ASN E 75 -3.83 4.91 -25.21
CA ASN E 75 -5.22 4.64 -25.54
C ASN E 75 -5.76 3.31 -24.96
N ALA E 76 -7.07 3.26 -24.73
CA ALA E 76 -7.72 1.97 -24.37
C ALA E 76 -8.84 1.62 -25.36
N VAL E 77 -9.23 0.33 -25.47
CA VAL E 77 -10.40 0.00 -26.29
C VAL E 77 -11.32 -0.91 -25.54
N LEU E 78 -12.61 -0.79 -25.85
CA LEU E 78 -13.61 -1.63 -25.20
C LEU E 78 -14.18 -2.81 -26.02
N PHE E 79 -14.11 -4.02 -25.44
CA PHE E 79 -14.79 -5.18 -25.98
C PHE E 79 -16.00 -5.43 -25.13
N GLU E 80 -17.16 -5.27 -25.73
CA GLU E 80 -18.38 -5.25 -24.99
C GLU E 80 -18.78 -6.66 -24.76
N ASN E 81 -19.11 -7.02 -23.54
CA ASN E 81 -19.59 -8.37 -23.28
C ASN E 81 -18.73 -9.46 -23.81
N VAL E 82 -17.55 -9.62 -23.27
CA VAL E 82 -16.74 -10.69 -23.76
C VAL E 82 -17.41 -11.91 -23.20
N LEU E 83 -17.90 -11.76 -21.98
CA LEU E 83 -18.89 -12.63 -21.40
C LEU E 83 -20.16 -11.80 -21.23
N GLU E 84 -21.27 -12.47 -20.87
CA GLU E 84 -22.51 -11.76 -20.67
C GLU E 84 -22.28 -10.90 -19.47
N HIS E 85 -22.77 -9.68 -19.53
CA HIS E 85 -22.48 -8.69 -18.48
C HIS E 85 -21.03 -8.63 -17.90
N LEU E 86 -20.07 -8.89 -18.77
CA LEU E 86 -18.71 -8.67 -18.45
C LEU E 86 -17.95 -8.12 -19.66
N SER E 87 -17.76 -6.80 -19.63
CA SER E 87 -16.97 -6.13 -20.63
C SER E 87 -15.48 -5.98 -20.30
N VAL E 88 -14.62 -6.29 -21.25
CA VAL E 88 -13.22 -6.09 -21.01
C VAL E 88 -12.72 -4.92 -21.73
N LEU E 89 -11.99 -4.13 -21.00
CA LEU E 89 -11.45 -2.90 -21.55
C LEU E 89 -9.96 -3.09 -21.67
N ASN E 90 -9.41 -2.80 -22.87
CA ASN E 90 -8.00 -3.06 -23.14
C ASN E 90 -7.19 -1.84 -23.03
N ALA E 91 -6.55 -1.69 -21.89
CA ALA E 91 -5.83 -0.51 -21.61
C ALA E 91 -4.38 -0.71 -22.02
N VAL E 92 -3.90 0.16 -22.89
CA VAL E 92 -2.50 0.11 -23.21
C VAL E 92 -1.80 1.25 -22.54
N GLY E 93 -1.13 0.92 -21.46
CA GLY E 93 -0.34 1.91 -20.76
C GLY E 93 0.99 2.21 -21.47
N PRO E 94 1.74 3.23 -21.00
CA PRO E 94 3.00 3.48 -21.65
C PRO E 94 4.01 2.59 -21.02
N ARG E 95 5.09 2.44 -21.75
CA ARG E 95 6.22 1.63 -21.34
C ARG E 95 6.90 2.54 -20.37
N ASN E 96 7.87 2.03 -19.64
CA ASN E 96 8.70 3.00 -18.96
C ASN E 96 9.65 3.83 -19.86
N GLY E 97 9.73 5.13 -19.60
CA GLY E 97 10.68 5.98 -20.27
C GLY E 97 10.39 6.00 -21.73
N ASP E 98 9.11 6.09 -22.12
CA ASP E 98 8.75 6.72 -23.39
C ASP E 98 8.56 8.12 -22.91
N SER E 99 7.86 8.88 -23.69
CA SER E 99 7.82 10.26 -23.40
C SER E 99 6.40 10.72 -23.07
N ARG E 100 6.30 11.53 -22.01
CA ARG E 100 5.04 11.79 -21.31
C ARG E 100 4.42 10.47 -20.91
N VAL E 101 5.31 9.67 -20.38
CA VAL E 101 4.95 8.58 -19.57
C VAL E 101 3.81 9.09 -18.84
N GLU E 102 3.92 10.34 -18.41
CA GLU E 102 2.89 10.98 -17.61
C GLU E 102 1.53 11.13 -18.21
N GLY E 103 1.48 11.88 -19.29
CA GLY E 103 0.24 12.20 -19.95
C GLY E 103 -0.34 10.94 -20.49
N LYS E 104 0.46 10.20 -21.29
CA LYS E 104 0.01 8.92 -21.86
C LYS E 104 -0.79 8.20 -20.79
N LEU E 105 -0.18 7.91 -19.66
CA LEU E 105 -0.89 7.23 -18.58
C LEU E 105 -2.19 7.88 -18.16
N CYS E 106 -2.21 9.18 -18.14
CA CYS E 106 -3.34 9.76 -17.59
C CYS E 106 -4.51 9.64 -18.48
N ASN E 107 -4.28 9.57 -19.77
CA ASN E 107 -5.40 9.33 -20.68
C ASN E 107 -6.01 7.94 -20.53
N VAL E 108 -5.14 6.96 -20.36
CA VAL E 108 -5.62 5.69 -20.04
C VAL E 108 -6.61 5.80 -18.83
N TYR E 109 -6.19 6.41 -17.70
CA TYR E 109 -7.13 6.53 -16.57
C TYR E 109 -8.38 7.23 -17.01
N LYS E 110 -8.19 8.26 -17.83
CA LYS E 110 -9.24 9.15 -18.30
C LYS E 110 -10.26 8.41 -19.17
N ALA E 111 -9.75 7.46 -19.97
CA ALA E 111 -10.56 6.67 -20.87
C ALA E 111 -11.32 5.68 -20.05
N ILE E 112 -10.63 5.10 -19.06
CA ILE E 112 -11.30 4.25 -18.09
C ILE E 112 -12.40 4.99 -17.38
N ALA E 113 -12.11 6.21 -16.95
CA ALA E 113 -13.08 7.02 -16.26
C ALA E 113 -14.37 6.89 -16.94
N LYS E 114 -14.32 7.00 -18.24
CA LYS E 114 -15.51 7.14 -19.01
C LYS E 114 -16.59 6.03 -19.04
N CYS E 115 -16.32 4.83 -18.51
CA CYS E 115 -17.23 3.66 -18.75
C CYS E 115 -18.43 3.60 -17.83
N ASP E 116 -19.27 2.57 -18.04
CA ASP E 116 -20.48 2.48 -17.25
C ASP E 116 -20.50 1.26 -16.44
N GLY E 117 -20.88 1.41 -15.18
CA GLY E 117 -21.09 0.28 -14.31
C GLY E 117 -19.97 0.09 -13.33
N LYS E 118 -19.87 -1.09 -12.78
CA LYS E 118 -18.84 -1.34 -11.78
C LYS E 118 -17.58 -1.60 -12.50
N ILE E 119 -16.54 -0.87 -12.14
CA ILE E 119 -15.29 -1.08 -12.80
C ILE E 119 -14.31 -1.76 -11.89
N LEU E 120 -13.66 -2.78 -12.40
CA LEU E 120 -12.54 -3.38 -11.72
C LEU E 120 -11.27 -3.18 -12.61
N THR E 121 -10.21 -2.64 -12.01
CA THR E 121 -9.03 -2.29 -12.77
C THR E 121 -7.79 -2.37 -11.92
N PRO E 122 -6.69 -2.81 -12.53
CA PRO E 122 -5.38 -2.84 -11.96
C PRO E 122 -4.71 -1.54 -12.26
N LEU E 123 -3.52 -1.35 -11.72
CA LEU E 123 -2.85 -0.07 -11.84
C LEU E 123 -2.12 -0.10 -13.08
N ILE E 124 -2.33 0.84 -13.95
CA ILE E 124 -1.80 0.67 -15.26
C ILE E 124 -0.28 0.78 -15.35
N SER E 125 0.32 0.01 -16.26
CA SER E 125 1.75 0.14 -16.54
C SER E 125 2.70 -0.19 -15.41
N VAL E 126 2.19 -0.49 -14.23
CA VAL E 126 3.00 -1.02 -13.15
C VAL E 126 3.35 -2.46 -13.54
N GLY E 127 4.08 -3.19 -12.71
CA GLY E 127 4.55 -4.54 -13.12
C GLY E 127 5.51 -4.47 -14.35
N ILE E 128 5.44 -5.47 -15.23
CA ILE E 128 6.36 -5.66 -16.39
C ILE E 128 6.70 -4.45 -17.22
N PHE E 129 5.82 -3.46 -17.19
CA PHE E 129 5.93 -2.30 -17.99
C PHE E 129 6.84 -1.30 -17.30
N LYS E 130 7.18 -1.65 -16.06
CA LYS E 130 8.13 -0.96 -15.17
C LYS E 130 7.95 0.54 -15.02
N VAL E 131 6.88 0.98 -14.37
CA VAL E 131 6.62 2.41 -14.09
C VAL E 131 6.33 2.46 -12.61
N LYS E 132 6.80 3.47 -11.89
CA LYS E 132 6.66 3.43 -10.44
C LYS E 132 5.20 3.43 -9.99
N LEU E 133 4.90 2.63 -8.98
CA LEU E 133 3.54 2.62 -8.47
C LEU E 133 3.05 4.03 -8.15
N GLU E 134 3.79 4.76 -7.30
CA GLU E 134 3.43 6.15 -7.06
C GLU E 134 2.80 6.75 -8.24
N VAL E 135 3.38 6.59 -9.42
CA VAL E 135 2.94 7.45 -10.51
C VAL E 135 1.63 7.11 -11.15
N SER E 136 1.49 5.81 -11.42
CA SER E 136 0.27 5.26 -11.92
C SER E 136 -0.81 5.59 -10.90
N LEU E 137 -0.51 5.46 -9.63
CA LEU E 137 -1.46 5.87 -8.68
C LEU E 137 -1.84 7.38 -8.76
N GLN E 138 -0.89 8.30 -8.66
CA GLN E 138 -1.21 9.75 -8.64
C GLN E 138 -1.88 10.18 -9.86
N CYS E 139 -1.37 9.73 -10.97
CA CYS E 139 -2.15 9.84 -12.15
C CYS E 139 -3.60 9.27 -11.94
N LEU E 140 -3.74 8.06 -11.44
CA LEU E 140 -5.08 7.57 -11.27
C LEU E 140 -5.83 8.61 -10.51
N LEU E 141 -5.39 8.90 -9.27
CA LEU E 141 -6.13 9.73 -8.33
C LEU E 141 -6.56 11.04 -8.94
N LYS E 142 -5.66 11.68 -9.68
CA LYS E 142 -5.96 12.91 -10.34
C LYS E 142 -7.09 12.80 -11.29
N THR E 143 -7.05 11.77 -12.08
CA THR E 143 -7.87 11.77 -13.27
C THR E 143 -9.30 11.35 -13.07
N VAL E 144 -9.45 10.21 -12.38
CA VAL E 144 -10.76 9.67 -12.05
C VAL E 144 -11.33 10.40 -10.86
N THR E 145 -11.30 11.72 -11.03
CA THR E 145 -11.84 12.77 -10.16
C THR E 145 -13.11 12.39 -9.39
N ASP E 146 -14.07 11.72 -10.04
CA ASP E 146 -15.30 11.49 -9.37
C ASP E 146 -16.18 10.35 -9.84
N ARG E 147 -15.95 9.16 -9.30
CA ARG E 147 -16.65 7.95 -9.71
C ARG E 147 -16.17 6.79 -8.91
N ASP E 148 -16.99 5.81 -8.78
CA ASP E 148 -16.57 4.75 -7.95
C ASP E 148 -15.69 3.92 -8.77
N LEU E 149 -14.62 3.48 -8.19
CA LEU E 149 -13.70 2.73 -8.89
C LEU E 149 -13.17 1.68 -7.96
N ASN E 150 -12.80 0.57 -8.54
CA ASN E 150 -12.41 -0.57 -7.78
C ASN E 150 -11.07 -0.98 -8.29
N VAL E 151 -10.02 -0.66 -7.54
CA VAL E 151 -8.68 -0.97 -7.95
C VAL E 151 -8.17 -2.16 -7.18
N PHE E 152 -7.44 -3.01 -7.86
CA PHE E 152 -6.96 -4.19 -7.18
C PHE E 152 -5.49 -4.40 -7.43
N VAL E 153 -4.85 -5.02 -6.45
CA VAL E 153 -3.48 -5.42 -6.59
C VAL E 153 -3.36 -6.82 -6.09
N TYR E 154 -2.17 -7.38 -6.27
CA TYR E 154 -1.94 -8.74 -5.88
C TYR E 154 -1.06 -8.84 -4.65
N THR E 155 0.14 -8.26 -4.70
CA THR E 155 1.18 -8.50 -3.68
C THR E 155 0.80 -8.01 -2.33
N ASP E 156 1.60 -8.38 -1.31
CA ASP E 156 1.66 -7.55 -0.12
C ASP E 156 2.41 -6.22 -0.20
N GLN E 157 3.69 -6.27 -0.55
CA GLN E 157 4.45 -5.07 -0.74
C GLN E 157 3.69 -4.06 -1.49
N GLU E 158 2.80 -4.49 -2.38
CA GLU E 158 2.01 -3.52 -3.19
C GLU E 158 1.02 -2.85 -2.32
N ARG E 159 0.19 -3.68 -1.71
CA ARG E 159 -0.81 -3.23 -0.81
C ARG E 159 -0.29 -2.27 0.17
N VAL E 160 0.84 -2.62 0.74
CA VAL E 160 1.42 -1.75 1.71
C VAL E 160 1.82 -0.45 1.05
N THR E 161 2.53 -0.50 -0.09
CA THR E 161 3.06 0.69 -0.70
C THR E 161 1.96 1.66 -0.90
N ILE E 162 0.81 1.14 -1.23
CA ILE E 162 -0.34 1.99 -1.36
C ILE E 162 -0.74 2.63 -0.05
N GLU E 163 -0.87 1.85 1.02
CA GLU E 163 -1.16 2.45 2.31
C GLU E 163 -0.25 3.65 2.68
N ASN E 164 1.08 3.55 2.54
CA ASN E 164 2.00 4.69 2.87
C ASN E 164 1.92 5.83 1.89
N PHE E 165 1.24 5.61 0.79
CA PHE E 165 1.00 6.72 -0.07
C PHE E 165 0.05 7.64 0.67
N PHE E 166 -0.92 7.10 1.32
CA PHE E 166 -1.89 8.00 1.92
C PHE E 166 -1.40 8.72 3.23
N ASN E 167 -0.30 8.22 3.76
CA ASN E 167 0.05 8.45 5.15
C ASN E 167 1.44 9.03 5.33
N GLY E 168 2.45 8.13 5.10
CA GLY E 168 3.89 8.30 5.32
C GLY E 168 4.38 7.64 6.61
N ASP F 1 12.53 -42.95 -2.09
CA ASP F 1 11.27 -42.11 -2.10
C ASP F 1 11.39 -40.58 -2.49
N LEU F 2 10.31 -39.81 -2.39
CA LEU F 2 10.49 -38.35 -2.75
C LEU F 2 9.76 -37.20 -2.01
N ILE F 3 8.65 -36.70 -2.55
CA ILE F 3 8.08 -35.48 -1.94
C ILE F 3 7.50 -35.68 -0.48
N LEU F 4 8.08 -34.99 0.52
CA LEU F 4 7.85 -35.33 1.96
C LEU F 4 7.01 -34.44 2.89
N PRO F 5 6.13 -35.07 3.68
CA PRO F 5 5.36 -34.24 4.57
C PRO F 5 6.38 -33.60 5.43
N PHE F 6 6.16 -32.36 5.83
CA PHE F 6 7.09 -31.62 6.70
C PHE F 6 6.80 -31.78 8.17
N TYR F 7 5.79 -32.55 8.51
CA TYR F 7 5.60 -32.89 9.87
C TYR F 7 4.43 -33.79 9.81
N LYS F 8 4.38 -34.75 10.71
CA LYS F 8 3.38 -35.79 10.57
C LYS F 8 2.74 -36.02 11.90
N ALA F 9 1.61 -35.35 12.13
CA ALA F 9 0.92 -35.48 13.41
C ALA F 9 -0.11 -36.64 13.44
N GLY F 10 0.18 -37.66 14.23
CA GLY F 10 -0.62 -38.85 14.24
C GLY F 10 -0.44 -39.49 12.89
N LYS F 11 -1.50 -39.44 12.09
CA LYS F 11 -1.54 -40.15 10.82
C LYS F 11 -1.54 -39.15 9.74
N VAL F 12 -2.00 -37.94 10.11
CA VAL F 12 -1.96 -36.71 9.28
C VAL F 12 -0.53 -36.33 8.97
N SER F 13 -0.16 -36.44 7.71
CA SER F 13 1.09 -35.87 7.26
C SER F 13 0.69 -34.54 6.64
N PHE F 14 1.46 -33.47 6.86
CA PHE F 14 1.12 -32.18 6.26
C PHE F 14 2.14 -31.91 5.21
N TYR F 15 1.77 -31.46 4.01
CA TYR F 15 2.82 -31.24 3.02
C TYR F 15 2.90 -29.79 2.61
N GLN F 16 4.04 -29.38 2.06
CA GLN F 16 4.06 -28.03 1.41
C GLN F 16 4.30 -28.07 -0.05
N GLY F 17 3.33 -27.62 -0.83
CA GLY F 17 3.61 -27.36 -2.23
C GLY F 17 2.41 -27.07 -3.09
N ASP F 18 2.55 -27.48 -4.35
CA ASP F 18 1.62 -27.21 -5.42
C ASP F 18 0.62 -28.29 -5.70
N LEU F 19 -0.50 -27.94 -6.29
CA LEU F 19 -1.51 -28.96 -6.41
C LEU F 19 -1.15 -30.00 -7.41
N ASP F 20 -0.89 -29.57 -8.64
CA ASP F 20 -0.65 -30.55 -9.73
C ASP F 20 0.39 -31.56 -9.26
N VAL F 21 1.56 -31.01 -8.93
CA VAL F 21 2.61 -31.68 -8.20
C VAL F 21 2.11 -32.66 -7.14
N LEU F 22 1.34 -32.19 -6.16
CA LEU F 22 0.92 -33.09 -5.07
C LEU F 22 0.12 -34.28 -5.61
N ILE F 23 -1.00 -33.96 -6.27
CA ILE F 23 -1.88 -34.99 -6.82
C ILE F 23 -1.07 -35.99 -7.55
N ASN F 24 0.04 -35.49 -8.05
CA ASN F 24 0.90 -36.34 -8.79
C ASN F 24 1.66 -37.40 -7.99
N PHE F 25 2.44 -36.99 -6.98
CA PHE F 25 3.35 -37.95 -6.37
C PHE F 25 2.68 -38.56 -5.20
N LEU F 26 1.47 -38.11 -4.93
CA LEU F 26 0.79 -38.55 -3.76
C LEU F 26 -0.30 -39.41 -4.20
N GLU F 27 -0.71 -39.23 -5.45
CA GLU F 27 -1.49 -40.25 -6.15
C GLU F 27 -2.82 -40.62 -5.43
N PRO F 28 -3.63 -39.61 -5.06
CA PRO F 28 -4.81 -39.96 -4.28
C PRO F 28 -6.03 -40.36 -5.04
N ASP F 29 -7.12 -40.30 -4.29
CA ASP F 29 -8.42 -40.85 -4.67
C ASP F 29 -9.50 -39.90 -4.33
N VAL F 30 -9.35 -39.33 -3.17
CA VAL F 30 -10.15 -38.22 -2.84
C VAL F 30 -9.33 -36.97 -2.85
N LEU F 31 -10.01 -35.91 -3.26
CA LEU F 31 -9.40 -34.64 -3.40
C LEU F 31 -10.43 -33.65 -2.87
N VAL F 32 -10.20 -33.13 -1.67
CA VAL F 32 -11.18 -32.25 -1.11
C VAL F 32 -11.05 -30.88 -1.75
N ASN F 33 -12.15 -30.11 -1.77
CA ASN F 33 -12.18 -28.77 -2.39
C ASN F 33 -13.04 -27.68 -1.67
N ALA F 34 -12.44 -26.65 -1.07
CA ALA F 34 -13.29 -25.67 -0.35
C ALA F 34 -14.13 -25.00 -1.39
N ALA F 35 -15.43 -24.77 -1.18
CA ALA F 35 -16.15 -24.20 -2.33
C ALA F 35 -17.33 -23.35 -1.96
N ASN F 36 -17.71 -22.35 -2.81
CA ASN F 36 -18.90 -21.49 -2.49
C ASN F 36 -20.11 -22.34 -2.37
N GLY F 37 -21.14 -21.79 -1.75
CA GLY F 37 -22.34 -22.58 -1.52
C GLY F 37 -22.80 -23.18 -2.84
N ASP F 38 -22.09 -22.80 -3.90
CA ASP F 38 -22.59 -23.04 -5.23
C ASP F 38 -21.51 -23.13 -6.34
N LEU F 39 -20.23 -23.18 -5.97
CA LEU F 39 -19.32 -23.98 -6.78
C LEU F 39 -18.71 -23.31 -7.99
N ARG F 40 -19.03 -22.05 -8.28
CA ARG F 40 -18.09 -21.37 -9.17
C ARG F 40 -16.79 -21.57 -8.32
N HIS F 41 -15.83 -22.21 -8.95
CA HIS F 41 -14.65 -22.62 -8.27
C HIS F 41 -13.57 -21.63 -8.48
N VAL F 42 -13.56 -20.62 -7.64
CA VAL F 42 -12.51 -19.68 -7.77
C VAL F 42 -11.49 -19.70 -6.66
N GLY F 43 -10.68 -18.66 -6.67
CA GLY F 43 -9.51 -18.65 -5.84
C GLY F 43 -8.57 -19.67 -6.42
N GLY F 44 -8.00 -20.49 -5.53
CA GLY F 44 -6.77 -21.17 -5.89
C GLY F 44 -6.63 -22.59 -5.44
N VAL F 45 -7.69 -23.09 -4.84
CA VAL F 45 -7.67 -24.48 -4.56
C VAL F 45 -8.59 -25.01 -5.60
N ALA F 46 -9.70 -24.29 -5.76
CA ALA F 46 -10.75 -24.79 -6.58
C ALA F 46 -10.48 -24.40 -8.04
N ARG F 47 -10.00 -23.17 -8.29
CA ARG F 47 -9.81 -22.70 -9.66
C ARG F 47 -8.91 -23.72 -10.21
N ALA F 48 -8.06 -24.21 -9.32
CA ALA F 48 -6.87 -25.02 -9.60
C ALA F 48 -7.09 -26.52 -9.86
N ILE F 49 -7.88 -27.18 -9.01
CA ILE F 49 -8.47 -28.49 -9.30
C ILE F 49 -9.25 -28.48 -10.59
N ASP F 50 -10.14 -27.50 -10.73
CA ASP F 50 -10.97 -27.45 -11.91
C ASP F 50 -10.13 -27.48 -13.14
N VAL F 51 -9.11 -26.63 -13.18
CA VAL F 51 -8.06 -26.72 -14.19
C VAL F 51 -7.58 -28.15 -14.34
N PHE F 52 -6.96 -28.70 -13.30
CA PHE F 52 -6.49 -30.04 -13.38
C PHE F 52 -7.56 -31.06 -13.85
N THR F 53 -8.87 -30.75 -13.84
CA THR F 53 -9.88 -31.71 -14.40
C THR F 53 -10.29 -31.44 -15.85
N GLY F 54 -9.63 -30.43 -16.39
CA GLY F 54 -9.73 -30.10 -17.78
C GLY F 54 -10.94 -29.24 -17.83
N GLY F 55 -11.43 -28.94 -16.63
CA GLY F 55 -12.62 -28.15 -16.40
C GLY F 55 -13.81 -29.04 -16.31
N LYS F 56 -13.56 -30.33 -16.08
CA LYS F 56 -14.63 -31.35 -15.95
C LYS F 56 -15.45 -31.08 -14.74
N LEU F 57 -14.82 -30.46 -13.76
CA LEU F 57 -15.41 -30.29 -12.47
C LEU F 57 -16.70 -29.47 -12.57
N THR F 58 -16.57 -28.29 -13.17
CA THR F 58 -17.70 -27.39 -13.27
C THR F 58 -18.70 -28.19 -14.02
N LYS F 59 -18.25 -28.80 -15.09
CA LYS F 59 -19.17 -29.63 -15.82
C LYS F 59 -19.97 -30.57 -14.90
N ARG F 60 -19.33 -31.36 -14.03
CA ARG F 60 -20.14 -32.22 -13.16
C ARG F 60 -21.01 -31.34 -12.23
N SER F 61 -20.79 -29.99 -12.23
CA SER F 61 -21.52 -29.07 -11.32
C SER F 61 -22.70 -28.43 -11.96
N LYS F 62 -22.47 -27.51 -12.90
CA LYS F 62 -23.57 -26.88 -13.53
C LYS F 62 -24.61 -27.98 -13.66
N GLU F 63 -24.12 -29.20 -13.85
CA GLU F 63 -24.93 -30.46 -14.08
C GLU F 63 -25.64 -31.05 -12.84
N TYR F 64 -24.84 -31.11 -11.80
CA TYR F 64 -25.27 -31.52 -10.50
C TYR F 64 -26.52 -30.78 -10.15
N LEU F 65 -26.52 -29.52 -10.59
CA LEU F 65 -27.33 -28.47 -10.01
C LEU F 65 -28.77 -28.45 -10.41
N LYS F 66 -29.06 -29.00 -11.57
CA LYS F 66 -30.44 -29.14 -11.94
C LYS F 66 -31.24 -30.37 -11.27
N SER F 67 -30.57 -31.27 -10.56
CA SER F 67 -31.27 -32.41 -9.94
C SER F 67 -31.01 -32.38 -8.48
N SER F 68 -30.65 -31.21 -7.97
CA SER F 68 -30.20 -31.17 -6.61
C SER F 68 -29.88 -29.77 -6.00
N LYS F 69 -29.61 -29.85 -4.69
CA LYS F 69 -29.88 -28.81 -3.69
C LYS F 69 -28.54 -28.26 -3.33
N ALA F 70 -28.36 -26.92 -3.24
CA ALA F 70 -26.98 -26.37 -3.00
C ALA F 70 -26.46 -26.64 -1.61
N ILE F 71 -25.19 -26.40 -1.46
CA ILE F 71 -24.49 -27.02 -0.42
C ILE F 71 -24.60 -26.20 0.84
N ALA F 72 -25.18 -26.88 1.82
CA ALA F 72 -25.47 -26.30 3.10
C ALA F 72 -24.07 -26.00 3.71
N PRO F 73 -23.68 -24.68 4.06
CA PRO F 73 -22.34 -24.48 4.77
C PRO F 73 -22.15 -25.39 6.03
N GLY F 74 -21.37 -26.47 5.94
CA GLY F 74 -21.25 -27.39 7.04
C GLY F 74 -21.61 -28.78 6.57
N ASN F 75 -22.37 -28.84 5.46
CA ASN F 75 -22.45 -30.07 4.62
C ASN F 75 -21.39 -30.09 3.46
N ALA F 76 -21.16 -31.26 2.85
CA ALA F 76 -20.08 -31.30 1.85
C ALA F 76 -20.23 -32.57 1.09
N VAL F 77 -20.22 -32.53 -0.27
CA VAL F 77 -20.56 -33.69 -1.13
C VAL F 77 -19.47 -34.17 -2.07
N LEU F 78 -19.67 -35.43 -2.48
CA LEU F 78 -18.75 -36.16 -3.27
C LEU F 78 -19.27 -36.36 -4.67
N PHE F 79 -18.37 -36.20 -5.64
CA PHE F 79 -18.58 -36.59 -7.02
C PHE F 79 -17.61 -37.73 -7.22
N GLU F 80 -18.09 -38.98 -7.08
CA GLU F 80 -17.25 -40.10 -7.37
C GLU F 80 -16.77 -39.90 -8.78
N ASN F 81 -15.47 -40.07 -9.00
CA ASN F 81 -14.80 -39.93 -10.30
C ASN F 81 -15.00 -38.75 -11.14
N VAL F 82 -14.35 -37.67 -10.79
CA VAL F 82 -14.37 -36.61 -11.74
C VAL F 82 -13.45 -37.16 -12.86
N LEU F 83 -12.22 -37.49 -12.47
CA LEU F 83 -11.28 -38.16 -13.33
C LEU F 83 -11.25 -39.59 -12.87
N GLU F 84 -10.69 -40.45 -13.72
CA GLU F 84 -10.62 -41.84 -13.41
C GLU F 84 -9.69 -41.92 -12.26
N HIS F 85 -10.20 -42.54 -11.21
CA HIS F 85 -9.51 -42.63 -9.93
C HIS F 85 -9.13 -41.28 -9.28
N LEU F 86 -10.13 -40.40 -9.28
CA LEU F 86 -10.05 -39.12 -8.66
C LEU F 86 -11.44 -38.68 -8.36
N SER F 87 -11.83 -38.79 -7.09
CA SER F 87 -13.08 -38.24 -6.58
C SER F 87 -13.00 -36.91 -5.90
N VAL F 88 -13.81 -35.95 -6.32
CA VAL F 88 -13.67 -34.73 -5.65
C VAL F 88 -14.76 -34.63 -4.73
N LEU F 89 -14.38 -34.17 -3.54
CA LEU F 89 -15.29 -33.81 -2.47
C LEU F 89 -15.32 -32.32 -2.43
N ASN F 90 -16.53 -31.81 -2.33
CA ASN F 90 -16.77 -30.41 -2.24
C ASN F 90 -17.13 -30.08 -0.89
N ALA F 91 -16.27 -29.27 -0.27
CA ALA F 91 -16.43 -28.90 1.13
C ALA F 91 -16.94 -27.47 1.19
N VAL F 92 -18.16 -27.32 1.68
CA VAL F 92 -18.54 -25.95 1.87
C VAL F 92 -18.12 -25.52 3.28
N GLY F 93 -17.14 -24.60 3.35
CA GLY F 93 -16.74 -24.05 4.64
C GLY F 93 -17.79 -23.16 5.30
N PRO F 94 -17.48 -22.65 6.51
CA PRO F 94 -18.17 -21.46 6.89
C PRO F 94 -17.28 -20.28 6.68
N ARG F 95 -17.94 -19.13 6.49
CA ARG F 95 -17.41 -17.76 6.43
C ARG F 95 -17.13 -17.38 7.85
N ASN F 96 -16.29 -16.37 8.06
CA ASN F 96 -16.17 -15.86 9.38
C ASN F 96 -17.37 -14.99 9.79
N GLY F 97 -17.60 -14.89 11.11
CA GLY F 97 -18.69 -14.05 11.68
C GLY F 97 -20.02 -14.65 11.30
N ASP F 98 -20.04 -15.98 11.31
CA ASP F 98 -21.25 -16.77 11.09
C ASP F 98 -21.58 -17.39 12.44
N SER F 99 -22.81 -17.87 12.54
CA SER F 99 -23.23 -18.81 13.59
C SER F 99 -22.38 -20.16 13.68
N ARG F 100 -22.29 -20.77 14.88
CA ARG F 100 -21.65 -22.09 15.05
C ARG F 100 -20.40 -22.25 14.17
N VAL F 101 -19.60 -21.19 14.02
CA VAL F 101 -18.35 -21.21 13.20
C VAL F 101 -17.64 -22.58 13.19
N GLU F 102 -17.32 -22.98 14.39
CA GLU F 102 -16.55 -24.13 14.68
C GLU F 102 -17.31 -25.35 14.38
N GLY F 103 -18.38 -25.50 15.13
CA GLY F 103 -19.26 -26.62 14.97
C GLY F 103 -19.27 -27.06 13.53
N LYS F 104 -19.54 -26.11 12.60
CA LYS F 104 -19.74 -26.41 11.17
C LYS F 104 -18.47 -26.86 10.52
N LEU F 105 -17.38 -26.16 10.81
CA LEU F 105 -16.06 -26.58 10.34
C LEU F 105 -15.74 -28.02 10.71
N CYS F 106 -16.40 -28.49 11.74
CA CYS F 106 -16.00 -29.73 12.28
C CYS F 106 -16.70 -30.93 11.68
N ASN F 107 -17.88 -30.74 11.15
CA ASN F 107 -18.52 -31.90 10.51
C ASN F 107 -17.84 -32.02 9.23
N VAL F 108 -17.41 -30.86 8.74
CA VAL F 108 -16.89 -30.78 7.44
C VAL F 108 -15.64 -31.56 7.43
N TYR F 109 -15.01 -31.66 8.61
CA TYR F 109 -13.87 -32.56 8.75
C TYR F 109 -14.33 -33.99 8.96
N LYS F 110 -15.29 -34.15 9.85
CA LYS F 110 -15.88 -35.44 10.11
C LYS F 110 -16.42 -36.11 8.84
N ALA F 111 -17.03 -35.32 7.93
CA ALA F 111 -17.52 -35.85 6.65
C ALA F 111 -16.39 -36.08 5.69
N ILE F 112 -15.34 -35.29 5.78
CA ILE F 112 -14.15 -35.65 5.04
C ILE F 112 -13.66 -37.02 5.46
N ALA F 113 -13.84 -37.34 6.73
CA ALA F 113 -13.24 -38.54 7.28
C ALA F 113 -13.94 -39.71 6.68
N LYS F 114 -15.24 -39.58 6.56
CA LYS F 114 -16.10 -40.64 6.01
C LYS F 114 -15.51 -41.39 4.79
N CYS F 115 -14.86 -40.61 3.94
CA CYS F 115 -14.28 -41.05 2.68
C CYS F 115 -13.34 -42.17 2.80
N ASP F 116 -13.03 -42.70 1.61
CA ASP F 116 -12.22 -43.91 1.41
C ASP F 116 -11.19 -43.58 0.34
N GLY F 117 -10.01 -44.19 0.44
CA GLY F 117 -8.89 -43.92 -0.50
C GLY F 117 -7.82 -43.05 0.13
N LYS F 118 -6.96 -42.45 -0.69
CA LYS F 118 -6.04 -41.49 -0.11
C LYS F 118 -6.86 -40.24 -0.14
N ILE F 119 -6.79 -39.46 0.92
CA ILE F 119 -7.40 -38.16 0.91
C ILE F 119 -6.36 -37.03 0.80
N LEU F 120 -6.47 -36.22 -0.25
CA LEU F 120 -5.78 -34.95 -0.23
C LEU F 120 -6.77 -33.86 0.24
N THR F 121 -6.47 -33.17 1.31
CA THR F 121 -7.36 -32.11 1.64
C THR F 121 -6.54 -30.94 2.18
N PRO F 122 -6.83 -29.73 1.67
CA PRO F 122 -6.30 -28.42 2.10
C PRO F 122 -6.98 -27.93 3.36
N LEU F 123 -6.60 -26.75 3.81
CA LEU F 123 -7.06 -26.37 5.12
C LEU F 123 -8.39 -25.66 5.14
N ILE F 124 -9.50 -26.35 5.41
CA ILE F 124 -10.81 -25.79 5.01
C ILE F 124 -11.17 -24.41 5.56
N SER F 125 -11.76 -23.55 4.73
CA SER F 125 -12.29 -22.29 5.24
C SER F 125 -11.23 -21.24 5.47
N VAL F 126 -9.98 -21.62 5.24
CA VAL F 126 -8.89 -20.68 5.36
C VAL F 126 -8.88 -19.88 4.05
N GLY F 127 -7.94 -18.92 4.00
CA GLY F 127 -7.78 -18.03 2.86
C GLY F 127 -9.05 -17.22 2.64
N ILE F 128 -9.72 -17.49 1.50
CA ILE F 128 -10.87 -16.71 0.97
C ILE F 128 -12.11 -16.52 1.84
N PHE F 129 -12.41 -17.45 2.74
CA PHE F 129 -13.55 -17.25 3.67
C PHE F 129 -13.02 -16.62 4.96
N LYS F 130 -11.80 -16.09 4.92
CA LYS F 130 -11.37 -15.19 5.98
C LYS F 130 -11.50 -15.86 7.37
N VAL F 131 -10.80 -16.98 7.67
CA VAL F 131 -10.87 -17.60 9.06
C VAL F 131 -9.51 -18.08 9.61
N LYS F 132 -9.18 -17.86 10.86
CA LYS F 132 -7.78 -18.16 11.21
C LYS F 132 -7.50 -19.65 11.20
N LEU F 133 -6.41 -19.99 10.50
CA LEU F 133 -5.92 -21.36 10.33
C LEU F 133 -5.90 -22.17 11.66
N GLU F 134 -5.38 -21.54 12.71
CA GLU F 134 -5.21 -22.20 13.98
C GLU F 134 -6.45 -22.96 14.27
N VAL F 135 -7.56 -22.28 14.11
CA VAL F 135 -8.78 -22.88 14.54
C VAL F 135 -9.16 -24.05 13.63
N SER F 136 -8.88 -23.91 12.32
CA SER F 136 -9.33 -24.86 11.33
C SER F 136 -8.56 -26.07 11.64
N LEU F 137 -7.29 -25.86 11.84
CA LEU F 137 -6.46 -26.94 12.29
C LEU F 137 -7.00 -27.60 13.60
N GLN F 138 -6.99 -26.82 14.70
CA GLN F 138 -7.55 -27.21 16.01
C GLN F 138 -8.78 -28.09 15.85
N CYS F 139 -9.60 -27.80 14.85
CA CYS F 139 -10.73 -28.66 14.48
C CYS F 139 -10.29 -29.94 13.69
N LEU F 140 -9.52 -29.77 12.60
CA LEU F 140 -9.08 -30.93 11.80
C LEU F 140 -8.52 -31.88 12.76
N LEU F 141 -7.62 -31.34 13.56
CA LEU F 141 -6.97 -32.10 14.56
C LEU F 141 -7.92 -32.77 15.53
N LYS F 142 -8.77 -32.02 16.16
CA LYS F 142 -9.73 -32.66 17.01
C LYS F 142 -10.51 -33.80 16.32
N THR F 143 -11.26 -33.43 15.28
CA THR F 143 -12.33 -34.27 14.73
C THR F 143 -11.92 -35.46 13.88
N VAL F 144 -11.01 -35.27 12.95
CA VAL F 144 -10.48 -36.42 12.31
C VAL F 144 -9.59 -37.11 13.30
N THR F 145 -10.20 -38.09 13.87
CA THR F 145 -9.79 -38.60 15.11
C THR F 145 -8.87 -39.83 14.87
N ASP F 146 -9.07 -40.57 13.79
CA ASP F 146 -8.24 -41.75 13.59
C ASP F 146 -8.16 -42.27 12.17
N ARG F 147 -7.65 -41.47 11.31
CA ARG F 147 -7.56 -41.94 9.97
C ARG F 147 -6.36 -41.21 9.40
N ASP F 148 -5.66 -41.80 8.44
CA ASP F 148 -4.53 -41.05 7.87
C ASP F 148 -5.00 -40.15 6.72
N LEU F 149 -4.31 -39.03 6.54
CA LEU F 149 -4.85 -37.95 5.77
C LEU F 149 -3.72 -37.06 5.36
N ASN F 150 -3.91 -36.44 4.26
CA ASN F 150 -2.88 -35.65 3.78
C ASN F 150 -3.36 -34.29 3.69
N VAL F 151 -2.80 -33.49 4.57
CA VAL F 151 -3.06 -32.11 4.51
C VAL F 151 -1.94 -31.41 3.70
N PHE F 152 -2.37 -30.47 2.86
CA PHE F 152 -1.40 -29.75 2.07
C PHE F 152 -1.72 -28.31 2.23
N VAL F 153 -0.64 -27.49 2.16
CA VAL F 153 -0.69 -26.06 1.85
C VAL F 153 0.47 -25.61 1.03
N TYR F 154 0.20 -24.45 0.43
CA TYR F 154 0.95 -23.81 -0.58
C TYR F 154 2.18 -23.00 -0.11
N THR F 155 1.96 -21.99 0.76
CA THR F 155 3.05 -21.05 1.23
C THR F 155 4.01 -21.52 2.30
N ASP F 156 5.06 -20.74 2.40
CA ASP F 156 6.04 -20.78 3.49
C ASP F 156 5.37 -20.16 4.71
N GLN F 157 5.12 -18.84 4.59
CA GLN F 157 4.40 -18.11 5.60
C GLN F 157 3.20 -18.91 6.10
N GLU F 158 2.67 -19.79 5.24
CA GLU F 158 1.58 -20.69 5.63
C GLU F 158 2.06 -21.79 6.50
N ARG F 159 3.03 -22.52 5.98
CA ARG F 159 3.45 -23.76 6.60
C ARG F 159 4.13 -23.60 7.92
N VAL F 160 4.99 -22.58 7.97
CA VAL F 160 5.56 -22.02 9.17
C VAL F 160 4.62 -22.06 10.32
N THR F 161 3.48 -21.41 10.11
CA THR F 161 2.53 -21.09 11.15
C THR F 161 2.01 -22.34 11.78
N ILE F 162 2.06 -23.41 10.99
CA ILE F 162 1.60 -24.74 11.36
C ILE F 162 2.63 -25.46 12.13
N GLU F 163 3.87 -25.12 11.85
CA GLU F 163 4.93 -25.74 12.54
C GLU F 163 4.90 -25.35 14.04
N ASN F 164 4.63 -24.07 14.34
CA ASN F 164 4.52 -23.61 15.74
C ASN F 164 3.18 -23.87 16.38
N PHE F 165 2.14 -24.16 15.60
CA PHE F 165 0.99 -24.77 16.27
C PHE F 165 1.60 -25.94 16.99
N PHE F 166 2.73 -26.39 16.48
CA PHE F 166 3.20 -27.63 17.00
C PHE F 166 4.11 -27.64 18.19
N ASN F 167 4.55 -26.46 18.64
CA ASN F 167 5.46 -26.39 19.80
C ASN F 167 4.93 -25.42 20.80
N GLY F 168 4.04 -25.92 21.68
CA GLY F 168 3.34 -25.11 22.70
C GLY F 168 3.58 -25.67 24.08
N ASP G 1 14.63 -0.85 -25.45
CA ASP G 1 14.45 -2.32 -25.22
C ASP G 1 13.63 -2.82 -23.97
N LEU G 2 12.93 -3.96 -24.01
CA LEU G 2 12.10 -4.16 -22.82
C LEU G 2 12.53 -5.01 -21.69
N ILE G 3 12.63 -6.33 -21.83
CA ILE G 3 12.96 -7.15 -20.62
C ILE G 3 14.48 -7.37 -20.42
N LEU G 4 15.10 -6.78 -19.40
CA LEU G 4 16.56 -6.82 -19.39
C LEU G 4 17.13 -7.82 -18.42
N PRO G 5 18.19 -8.49 -18.83
CA PRO G 5 18.77 -9.49 -17.91
C PRO G 5 19.21 -8.78 -16.65
N PHE G 6 19.02 -9.43 -15.52
CA PHE G 6 19.40 -8.84 -14.26
C PHE G 6 20.80 -9.24 -13.87
N TYR G 7 21.35 -10.21 -14.56
CA TYR G 7 22.77 -10.38 -14.52
C TYR G 7 23.29 -11.02 -15.79
N LYS G 8 24.53 -10.72 -16.11
CA LYS G 8 25.11 -11.26 -17.32
C LYS G 8 26.49 -11.81 -17.06
N ALA G 9 26.76 -12.98 -17.62
CA ALA G 9 27.95 -13.67 -17.27
C ALA G 9 28.41 -14.46 -18.45
N GLY G 10 29.38 -13.92 -19.15
CA GLY G 10 29.72 -14.55 -20.39
C GLY G 10 28.53 -14.21 -21.24
N LYS G 11 28.17 -15.11 -22.15
CA LYS G 11 27.01 -14.89 -23.04
C LYS G 11 25.65 -15.40 -22.44
N VAL G 12 25.76 -16.03 -21.26
CA VAL G 12 24.65 -16.37 -20.43
C VAL G 12 24.02 -15.14 -19.86
N SER G 13 22.74 -14.94 -20.15
CA SER G 13 21.97 -13.88 -19.49
C SER G 13 20.88 -14.47 -18.54
N PHE G 14 20.64 -13.76 -17.45
CA PHE G 14 19.79 -14.26 -16.45
C PHE G 14 18.69 -13.30 -16.39
N TYR G 15 17.47 -13.82 -16.38
CA TYR G 15 16.30 -12.95 -16.38
C TYR G 15 15.46 -13.46 -15.20
N GLN G 16 14.73 -12.54 -14.55
CA GLN G 16 13.64 -12.96 -13.65
C GLN G 16 12.31 -12.59 -14.27
N GLY G 17 11.24 -13.29 -13.93
CA GLY G 17 9.99 -12.93 -14.54
C GLY G 17 9.06 -14.03 -14.98
N ASP G 18 7.86 -13.66 -15.39
CA ASP G 18 6.85 -14.63 -15.63
C ASP G 18 7.19 -15.39 -16.90
N LEU G 19 6.67 -16.60 -17.07
CA LEU G 19 7.01 -17.30 -18.29
C LEU G 19 6.45 -16.72 -19.52
N ASP G 20 5.14 -16.67 -19.63
CA ASP G 20 4.60 -16.20 -20.89
C ASP G 20 5.26 -14.89 -21.34
N VAL G 21 5.45 -14.01 -20.38
CA VAL G 21 6.13 -12.73 -20.59
C VAL G 21 7.57 -12.85 -21.12
N LEU G 22 8.31 -13.82 -20.60
CA LEU G 22 9.64 -14.03 -21.10
C LEU G 22 9.54 -14.55 -22.53
N ILE G 23 8.88 -15.65 -22.72
CA ILE G 23 8.69 -16.04 -24.08
C ILE G 23 8.33 -14.84 -24.93
N ASN G 24 7.38 -14.06 -24.47
CA ASN G 24 6.77 -13.18 -25.40
C ASN G 24 7.73 -12.17 -25.95
N PHE G 25 8.65 -11.77 -25.10
CA PHE G 25 9.42 -10.59 -25.36
C PHE G 25 10.78 -11.01 -25.71
N LEU G 26 11.21 -12.15 -25.19
CA LEU G 26 12.52 -12.67 -25.51
C LEU G 26 12.50 -13.46 -26.80
N GLU G 27 11.32 -13.90 -27.20
CA GLU G 27 11.15 -14.42 -28.54
C GLU G 27 12.19 -15.51 -28.76
N PRO G 28 12.06 -16.62 -28.02
CA PRO G 28 12.97 -17.69 -28.30
C PRO G 28 12.50 -18.64 -29.38
N ASP G 29 13.18 -19.76 -29.41
CA ASP G 29 13.14 -20.66 -30.54
C ASP G 29 13.14 -22.06 -30.06
N VAL G 30 13.84 -22.16 -28.92
CA VAL G 30 13.90 -23.37 -28.12
C VAL G 30 13.53 -22.95 -26.69
N LEU G 31 12.41 -23.49 -26.25
CA LEU G 31 12.14 -23.40 -24.88
C LEU G 31 12.57 -24.73 -24.27
N VAL G 32 13.54 -24.70 -23.35
CA VAL G 32 13.85 -25.85 -22.54
C VAL G 32 12.84 -25.99 -21.45
N ASN G 33 12.29 -27.19 -21.31
CA ASN G 33 11.33 -27.50 -20.27
C ASN G 33 11.96 -28.47 -19.28
N ALA G 34 11.78 -28.25 -17.99
CA ALA G 34 12.28 -29.22 -17.05
C ALA G 34 11.27 -30.38 -16.86
N ALA G 35 11.44 -31.55 -17.47
CA ALA G 35 10.34 -32.47 -17.23
C ALA G 35 10.69 -33.72 -16.46
N ASN G 36 9.67 -34.20 -15.72
CA ASN G 36 9.82 -35.39 -14.92
C ASN G 36 9.53 -36.49 -15.89
N GLY G 37 10.53 -37.34 -16.05
CA GLY G 37 10.74 -38.08 -17.27
C GLY G 37 9.75 -39.10 -17.85
N ASP G 38 8.71 -39.55 -17.10
CA ASP G 38 7.69 -40.28 -17.81
C ASP G 38 6.60 -39.30 -18.20
N LEU G 39 6.89 -38.00 -18.07
CA LEU G 39 6.32 -36.92 -18.91
C LEU G 39 4.97 -36.32 -18.66
N ARG G 40 4.45 -36.51 -17.45
CA ARG G 40 3.33 -35.66 -17.01
C ARG G 40 3.95 -34.32 -16.74
N HIS G 41 3.24 -33.27 -17.16
CA HIS G 41 3.81 -31.93 -17.17
C HIS G 41 3.25 -31.06 -16.07
N VAL G 42 3.62 -31.38 -14.83
CA VAL G 42 3.22 -30.58 -13.67
C VAL G 42 4.21 -29.48 -13.15
N GLY G 43 3.60 -28.50 -12.45
CA GLY G 43 4.32 -27.43 -11.76
C GLY G 43 4.83 -26.28 -12.59
N GLY G 44 5.48 -25.34 -11.88
CA GLY G 44 5.90 -24.02 -12.39
C GLY G 44 6.44 -23.88 -13.80
N VAL G 45 7.13 -24.89 -14.28
CA VAL G 45 7.67 -24.76 -15.59
C VAL G 45 6.77 -25.51 -16.52
N ALA G 46 6.64 -26.82 -16.31
CA ALA G 46 6.01 -27.63 -17.33
C ALA G 46 4.54 -27.22 -17.45
N ARG G 47 3.89 -27.03 -16.28
CA ARG G 47 2.50 -26.69 -16.24
C ARG G 47 2.42 -25.51 -17.12
N ALA G 48 3.26 -24.54 -16.83
CA ALA G 48 3.27 -23.28 -17.54
C ALA G 48 3.39 -23.33 -19.05
N ILE G 49 4.39 -24.06 -19.55
CA ILE G 49 4.62 -24.19 -20.98
C ILE G 49 3.46 -24.87 -21.64
N ASP G 50 2.93 -25.92 -21.02
CA ASP G 50 1.81 -26.61 -21.64
C ASP G 50 0.64 -25.69 -21.92
N VAL G 51 0.22 -25.02 -20.88
CA VAL G 51 -0.81 -24.04 -21.00
C VAL G 51 -0.49 -23.06 -22.08
N PHE G 52 0.73 -22.57 -22.14
CA PHE G 52 1.03 -21.60 -23.15
C PHE G 52 0.85 -22.19 -24.49
N THR G 53 1.17 -23.46 -24.65
CA THR G 53 1.03 -24.10 -25.99
C THR G 53 -0.36 -24.65 -26.29
N GLY G 54 -1.31 -24.27 -25.45
CA GLY G 54 -2.67 -24.68 -25.69
C GLY G 54 -2.79 -26.14 -25.38
N GLY G 55 -1.77 -26.66 -24.68
CA GLY G 55 -1.75 -28.06 -24.29
C GLY G 55 -1.21 -28.97 -25.37
N LYS G 56 -0.53 -28.35 -26.34
CA LYS G 56 0.06 -29.09 -27.44
C LYS G 56 1.12 -29.97 -26.89
N LEU G 57 2.00 -29.38 -26.09
CA LEU G 57 3.08 -30.14 -25.47
C LEU G 57 2.67 -31.56 -25.10
N THR G 58 1.57 -31.63 -24.36
CA THR G 58 1.06 -32.85 -23.80
C THR G 58 0.46 -33.74 -24.87
N LYS G 59 -0.35 -33.15 -25.73
CA LYS G 59 -0.78 -33.86 -26.92
C LYS G 59 0.44 -34.57 -27.65
N ARG G 60 1.52 -33.82 -28.00
CA ARG G 60 2.79 -34.43 -28.55
C ARG G 60 3.43 -35.49 -27.65
N SER G 61 3.21 -35.37 -26.37
CA SER G 61 3.88 -36.26 -25.51
C SER G 61 3.25 -37.62 -25.49
N LYS G 62 1.95 -37.70 -25.23
CA LYS G 62 1.29 -38.94 -25.36
C LYS G 62 1.73 -39.62 -26.70
N GLU G 63 1.75 -38.83 -27.80
CA GLU G 63 2.16 -39.31 -29.17
C GLU G 63 3.56 -39.91 -29.21
N TYR G 64 4.53 -39.08 -28.83
CA TYR G 64 5.91 -39.50 -28.61
C TYR G 64 6.03 -40.91 -28.05
N LEU G 65 5.26 -41.14 -26.98
CA LEU G 65 5.42 -42.26 -26.06
C LEU G 65 5.10 -43.56 -26.66
N LYS G 66 4.26 -43.53 -27.67
CA LYS G 66 3.91 -44.75 -28.35
C LYS G 66 5.00 -45.44 -29.22
N SER G 67 6.08 -44.73 -29.57
CA SER G 67 7.04 -45.22 -30.57
C SER G 67 8.36 -44.75 -30.17
N SER G 68 8.51 -44.62 -28.87
CA SER G 68 9.69 -43.97 -28.38
C SER G 68 9.86 -44.19 -26.85
N LYS G 69 11.13 -44.03 -26.42
CA LYS G 69 11.55 -44.48 -25.12
C LYS G 69 11.50 -43.39 -24.07
N ALA G 70 10.89 -43.68 -22.90
CA ALA G 70 10.79 -42.68 -21.83
C ALA G 70 12.17 -42.10 -21.57
N ILE G 71 12.20 -40.85 -21.12
CA ILE G 71 13.46 -40.10 -21.10
C ILE G 71 14.27 -40.31 -19.82
N ALA G 72 15.56 -40.57 -20.00
CA ALA G 72 16.39 -41.05 -18.91
C ALA G 72 17.13 -39.91 -18.15
N PRO G 73 16.75 -39.65 -16.87
CA PRO G 73 17.39 -38.54 -16.15
C PRO G 73 18.82 -38.42 -16.59
N GLY G 74 19.24 -37.24 -16.97
CA GLY G 74 20.54 -37.12 -17.62
C GLY G 74 20.45 -36.93 -19.14
N ASN G 75 19.29 -37.29 -19.71
CA ASN G 75 18.98 -36.97 -21.13
C ASN G 75 17.83 -35.95 -21.35
N ALA G 76 17.94 -35.24 -22.47
CA ALA G 76 16.81 -34.42 -22.96
C ALA G 76 16.36 -34.88 -24.34
N VAL G 77 15.13 -34.52 -24.71
CA VAL G 77 14.67 -34.78 -26.07
C VAL G 77 13.92 -33.55 -26.68
N LEU G 78 13.99 -33.44 -28.00
CA LEU G 78 13.42 -32.29 -28.60
C LEU G 78 12.13 -32.53 -29.36
N PHE G 79 11.14 -31.71 -29.06
CA PHE G 79 9.96 -31.61 -29.90
C PHE G 79 10.05 -30.37 -30.71
N GLU G 80 10.13 -30.57 -32.03
CA GLU G 80 10.42 -29.44 -32.95
C GLU G 80 9.14 -28.74 -33.25
N ASN G 81 9.09 -27.43 -33.10
CA ASN G 81 7.85 -26.71 -33.39
C ASN G 81 6.61 -27.26 -32.73
N VAL G 82 6.56 -27.17 -31.44
CA VAL G 82 5.35 -27.56 -30.83
C VAL G 82 4.31 -26.48 -31.25
N LEU G 83 4.81 -25.24 -31.34
CA LEU G 83 4.15 -24.11 -32.02
C LEU G 83 5.01 -23.75 -33.23
N GLU G 84 4.50 -22.93 -34.13
CA GLU G 84 5.36 -22.50 -35.18
C GLU G 84 6.52 -21.79 -34.51
N HIS G 85 7.71 -21.95 -35.05
CA HIS G 85 8.92 -21.34 -34.48
C HIS G 85 9.14 -21.37 -32.97
N LEU G 86 8.61 -22.41 -32.35
CA LEU G 86 8.82 -22.65 -30.95
C LEU G 86 8.99 -24.13 -30.65
N SER G 87 10.25 -24.48 -30.51
CA SER G 87 10.56 -25.80 -30.10
C SER G 87 10.67 -26.00 -28.58
N VAL G 88 10.12 -27.10 -28.10
CA VAL G 88 10.25 -27.39 -26.68
C VAL G 88 11.18 -28.56 -26.45
N LEU G 89 12.15 -28.35 -25.58
CA LEU G 89 13.14 -29.34 -25.30
C LEU G 89 12.78 -29.89 -23.98
N ASN G 90 12.73 -31.21 -23.89
CA ASN G 90 12.36 -31.85 -22.65
C ASN G 90 13.53 -32.36 -21.94
N ALA G 91 13.96 -31.60 -20.96
CA ALA G 91 15.14 -31.92 -20.15
C ALA G 91 14.73 -32.72 -18.92
N VAL G 92 15.37 -33.86 -18.76
CA VAL G 92 15.11 -34.59 -17.55
C VAL G 92 16.33 -34.52 -16.69
N GLY G 93 16.23 -33.66 -15.68
CA GLY G 93 17.33 -33.51 -14.73
C GLY G 93 17.34 -34.68 -13.78
N PRO G 94 18.41 -34.80 -12.96
CA PRO G 94 18.42 -35.88 -12.01
C PRO G 94 17.69 -35.46 -10.80
N ARG G 95 17.26 -36.48 -10.05
CA ARG G 95 16.55 -36.30 -8.82
C ARG G 95 17.66 -35.89 -7.91
N ASN G 96 17.32 -35.37 -6.74
CA ASN G 96 18.39 -35.27 -5.76
C ASN G 96 18.85 -36.62 -5.24
N GLY G 97 20.18 -36.73 -5.05
CA GLY G 97 20.77 -37.90 -4.45
C GLY G 97 20.43 -39.16 -5.23
N ASP G 98 20.44 -39.07 -6.55
CA ASP G 98 20.74 -40.24 -7.31
C ASP G 98 22.24 -40.08 -7.40
N SER G 99 22.79 -40.74 -8.39
CA SER G 99 24.19 -40.94 -8.39
C SER G 99 24.83 -40.33 -9.64
N ARG G 100 25.88 -39.57 -9.37
CA ARG G 100 26.39 -38.55 -10.29
C ARG G 100 25.24 -37.65 -10.69
N VAL G 101 24.48 -37.29 -9.66
CA VAL G 101 23.70 -36.10 -9.68
C VAL G 101 24.44 -35.12 -10.51
N GLU G 102 25.75 -35.18 -10.37
CA GLU G 102 26.69 -34.31 -10.96
C GLU G 102 26.83 -34.34 -12.47
N GLY G 103 27.34 -35.48 -12.92
CA GLY G 103 27.40 -35.79 -14.32
C GLY G 103 26.03 -35.68 -14.96
N LYS G 104 25.08 -36.53 -14.53
CA LYS G 104 23.75 -36.51 -15.15
C LYS G 104 23.35 -35.09 -15.52
N LEU G 105 23.32 -34.20 -14.54
CA LEU G 105 22.96 -32.83 -14.79
C LEU G 105 23.75 -32.22 -15.89
N CYS G 106 25.02 -32.47 -15.87
CA CYS G 106 25.81 -31.76 -16.85
C CYS G 106 25.53 -32.16 -18.26
N ASN G 107 25.08 -33.38 -18.44
CA ASN G 107 24.73 -33.81 -19.74
C ASN G 107 23.50 -33.07 -20.16
N VAL G 108 22.59 -32.93 -19.24
CA VAL G 108 21.48 -32.14 -19.59
C VAL G 108 21.95 -30.79 -20.10
N TYR G 109 22.85 -30.13 -19.37
CA TYR G 109 23.29 -28.84 -19.90
C TYR G 109 23.94 -28.98 -21.24
N LYS G 110 24.70 -30.04 -21.33
CA LYS G 110 25.46 -30.32 -22.52
C LYS G 110 24.56 -30.50 -23.79
N ALA G 111 23.40 -31.16 -23.57
CA ALA G 111 22.45 -31.48 -24.64
C ALA G 111 21.73 -30.21 -25.02
N ILE G 112 21.41 -29.40 -24.00
CA ILE G 112 20.85 -28.11 -24.24
C ILE G 112 21.82 -27.32 -25.08
N ALA G 113 23.06 -27.34 -24.65
CA ALA G 113 24.08 -26.61 -25.36
C ALA G 113 23.81 -26.71 -26.86
N LYS G 114 23.48 -27.94 -27.28
CA LYS G 114 23.57 -28.33 -28.66
C LYS G 114 22.64 -27.64 -29.66
N CYS G 115 21.59 -27.00 -29.16
CA CYS G 115 20.44 -26.60 -30.00
C CYS G 115 20.67 -25.36 -30.79
N ASP G 116 19.70 -25.00 -31.61
CA ASP G 116 19.91 -23.85 -32.49
C ASP G 116 18.94 -22.75 -32.23
N GLY G 117 19.43 -21.51 -32.26
CA GLY G 117 18.58 -20.31 -32.15
C GLY G 117 18.57 -19.79 -30.72
N LYS G 118 17.54 -19.04 -30.39
CA LYS G 118 17.53 -18.45 -29.09
C LYS G 118 17.02 -19.49 -28.19
N ILE G 119 17.77 -19.66 -27.11
CA ILE G 119 17.34 -20.58 -26.08
C ILE G 119 16.90 -19.91 -24.78
N LEU G 120 15.71 -20.31 -24.34
CA LEU G 120 15.21 -19.96 -23.04
C LEU G 120 15.15 -21.22 -22.15
N THR G 121 15.78 -21.18 -20.97
CA THR G 121 15.87 -22.37 -20.13
C THR G 121 15.95 -21.96 -18.68
N PRO G 122 15.25 -22.76 -17.82
CA PRO G 122 15.31 -22.62 -16.38
C PRO G 122 16.50 -23.49 -15.88
N LEU G 123 16.71 -23.47 -14.59
CA LEU G 123 17.85 -24.17 -14.05
C LEU G 123 17.45 -25.55 -13.76
N ILE G 124 18.14 -26.49 -14.34
CA ILE G 124 17.70 -27.83 -14.25
C ILE G 124 17.65 -28.47 -12.85
N SER G 125 16.60 -29.24 -12.62
CA SER G 125 16.42 -29.96 -11.36
C SER G 125 16.49 -29.18 -10.09
N VAL G 126 16.56 -27.86 -10.19
CA VAL G 126 16.22 -27.02 -9.08
C VAL G 126 14.69 -27.14 -8.80
N GLY G 127 14.25 -26.51 -7.72
CA GLY G 127 12.85 -26.70 -7.31
C GLY G 127 12.54 -28.10 -6.77
N ILE G 128 11.36 -28.61 -7.14
CA ILE G 128 10.77 -29.91 -6.69
C ILE G 128 11.63 -31.15 -6.70
N PHE G 129 12.63 -31.08 -7.59
CA PHE G 129 13.61 -32.11 -7.83
C PHE G 129 14.75 -31.99 -6.78
N LYS G 130 14.69 -30.87 -6.04
CA LYS G 130 15.50 -30.58 -4.82
C LYS G 130 16.99 -30.77 -5.00
N VAL G 131 17.62 -29.89 -5.78
CA VAL G 131 19.08 -29.92 -6.04
C VAL G 131 19.53 -28.48 -5.82
N LYS G 132 20.71 -28.30 -5.25
CA LYS G 132 21.08 -26.96 -4.80
C LYS G 132 21.28 -26.09 -5.98
N LEU G 133 20.73 -24.93 -5.91
CA LEU G 133 20.89 -24.05 -7.01
C LEU G 133 22.35 -23.94 -7.50
N GLU G 134 23.29 -23.71 -6.60
CA GLU G 134 24.59 -23.37 -7.12
C GLU G 134 25.17 -24.52 -7.88
N VAL G 135 24.76 -25.74 -7.54
CA VAL G 135 25.21 -26.88 -8.36
C VAL G 135 24.73 -26.89 -9.84
N SER G 136 23.40 -26.89 -9.99
CA SER G 136 22.77 -26.74 -11.27
C SER G 136 23.46 -25.58 -11.95
N LEU G 137 23.67 -24.53 -11.19
CA LEU G 137 24.39 -23.44 -11.72
C LEU G 137 25.89 -23.77 -12.12
N GLN G 138 26.75 -24.26 -11.19
CA GLN G 138 28.18 -24.34 -11.51
C GLN G 138 28.26 -25.24 -12.68
N CYS G 139 27.46 -26.33 -12.64
CA CYS G 139 27.32 -27.25 -13.77
C CYS G 139 26.96 -26.46 -15.02
N LEU G 140 25.92 -25.61 -14.97
CA LEU G 140 25.55 -24.81 -16.16
C LEU G 140 26.77 -24.08 -16.65
N LEU G 141 27.32 -23.26 -15.77
CA LEU G 141 28.43 -22.43 -16.18
C LEU G 141 29.56 -23.17 -16.90
N LYS G 142 30.03 -24.26 -16.27
CA LYS G 142 31.03 -25.16 -16.89
C LYS G 142 30.71 -25.64 -18.31
N THR G 143 29.51 -26.12 -18.50
CA THR G 143 29.23 -26.91 -19.68
C THR G 143 28.93 -26.06 -20.89
N VAL G 144 28.10 -25.04 -20.68
CA VAL G 144 27.69 -24.20 -21.80
C VAL G 144 28.77 -23.16 -21.88
N THR G 145 29.99 -23.69 -22.01
CA THR G 145 31.26 -23.01 -22.33
C THR G 145 31.16 -21.79 -23.27
N ASP G 146 30.35 -21.87 -24.32
CA ASP G 146 30.35 -20.76 -25.23
C ASP G 146 29.15 -20.62 -26.12
N ARG G 147 28.19 -19.80 -25.73
CA ARG G 147 27.01 -19.68 -26.55
C ARG G 147 26.07 -18.82 -25.80
N ASP G 148 25.21 -18.16 -26.52
CA ASP G 148 24.37 -17.28 -25.82
C ASP G 148 23.36 -18.16 -25.16
N LEU G 149 23.02 -17.78 -23.96
CA LEU G 149 22.03 -18.55 -23.32
C LEU G 149 21.19 -17.61 -22.45
N ASN G 150 19.93 -17.98 -22.31
CA ASN G 150 18.95 -17.16 -21.69
C ASN G 150 18.37 -18.00 -20.55
N VAL G 151 18.82 -17.72 -19.35
CA VAL G 151 18.33 -18.46 -18.22
C VAL G 151 17.36 -17.62 -17.43
N PHE G 152 16.33 -18.27 -16.92
CA PHE G 152 15.35 -17.54 -16.18
C PHE G 152 14.98 -18.23 -14.90
N VAL G 153 14.62 -17.39 -13.94
CA VAL G 153 14.14 -17.82 -12.66
C VAL G 153 12.91 -17.09 -12.35
N TYR G 154 12.21 -17.52 -11.29
CA TYR G 154 10.94 -16.86 -10.87
C TYR G 154 11.00 -15.95 -9.59
N THR G 155 11.51 -16.52 -8.50
CA THR G 155 11.54 -15.87 -7.18
C THR G 155 12.42 -14.67 -7.12
N ASP G 156 12.28 -13.93 -6.05
CA ASP G 156 13.40 -13.11 -5.66
C ASP G 156 14.64 -13.79 -5.00
N GLN G 157 14.42 -14.53 -3.90
CA GLN G 157 15.49 -15.26 -3.26
C GLN G 157 16.30 -15.95 -4.28
N GLU G 158 15.67 -16.39 -5.38
CA GLU G 158 16.43 -17.06 -6.45
C GLU G 158 17.35 -16.08 -7.11
N ARG G 159 16.75 -15.11 -7.74
CA ARG G 159 17.52 -14.09 -8.37
C ARG G 159 18.73 -13.69 -7.55
N VAL G 160 18.47 -13.46 -6.28
CA VAL G 160 19.50 -12.97 -5.40
C VAL G 160 20.61 -13.99 -5.30
N THR G 161 20.22 -15.21 -4.97
CA THR G 161 21.16 -16.24 -4.71
C THR G 161 22.11 -16.29 -5.86
N ILE G 162 21.57 -16.01 -7.04
CA ILE G 162 22.39 -15.99 -8.22
C ILE G 162 23.37 -14.84 -8.20
N GLU G 163 22.93 -13.68 -7.75
CA GLU G 163 23.86 -12.57 -7.67
C GLU G 163 25.05 -12.80 -6.76
N ASN G 164 24.81 -13.35 -5.59
CA ASN G 164 25.92 -13.65 -4.66
C ASN G 164 26.72 -14.82 -5.07
N PHE G 165 26.28 -15.56 -6.09
CA PHE G 165 27.16 -16.52 -6.70
C PHE G 165 28.22 -15.76 -7.47
N PHE G 166 27.87 -14.62 -8.02
CA PHE G 166 28.88 -13.92 -8.77
C PHE G 166 29.82 -12.95 -7.95
N ASN G 167 29.35 -12.46 -6.79
CA ASN G 167 30.18 -11.66 -5.80
C ASN G 167 31.05 -12.47 -4.85
N GLY G 168 30.57 -13.66 -4.50
CA GLY G 168 31.45 -14.69 -3.90
C GLY G 168 30.77 -15.48 -2.79
N ASP H 1 2.28 -32.95 -71.47
CA ASP H 1 2.43 -32.02 -70.30
C ASP H 1 1.35 -30.93 -70.16
N LEU H 2 0.95 -30.49 -68.98
CA LEU H 2 -0.20 -29.51 -69.02
C LEU H 2 -0.11 -27.96 -68.96
N ILE H 3 0.30 -27.38 -67.83
CA ILE H 3 0.46 -25.91 -67.74
C ILE H 3 1.88 -25.35 -68.23
N LEU H 4 1.92 -24.63 -69.36
CA LEU H 4 3.26 -24.30 -69.87
C LEU H 4 3.74 -22.87 -69.67
N PRO H 5 5.01 -22.74 -69.29
CA PRO H 5 5.46 -21.42 -68.98
C PRO H 5 5.35 -20.68 -70.25
N PHE H 6 5.02 -19.41 -70.19
CA PHE H 6 4.78 -18.55 -71.35
C PHE H 6 6.00 -17.75 -71.67
N TYR H 7 6.99 -17.83 -70.79
CA TYR H 7 8.37 -17.41 -71.12
C TYR H 7 9.39 -18.02 -70.19
N LYS H 8 10.59 -18.20 -70.71
CA LYS H 8 11.61 -18.91 -69.97
C LYS H 8 12.93 -18.18 -70.13
N ALA H 9 13.62 -17.90 -69.04
CA ALA H 9 14.78 -17.06 -69.15
C ALA H 9 15.78 -17.57 -68.20
N GLY H 10 16.76 -18.29 -68.68
CA GLY H 10 17.64 -18.97 -67.73
C GLY H 10 16.81 -20.13 -67.21
N LYS H 11 16.97 -20.45 -65.93
CA LYS H 11 16.19 -21.52 -65.34
C LYS H 11 14.88 -21.11 -64.74
N VAL H 12 14.63 -19.79 -64.75
CA VAL H 12 13.34 -19.17 -64.43
C VAL H 12 12.24 -19.35 -65.50
N SER H 13 11.12 -19.93 -65.12
CA SER H 13 9.99 -20.08 -66.02
C SER H 13 8.85 -19.29 -65.46
N PHE H 14 8.12 -18.67 -66.36
CA PHE H 14 7.14 -17.70 -65.98
C PHE H 14 5.87 -18.28 -66.37
N TYR H 15 4.89 -18.26 -65.49
CA TYR H 15 3.63 -18.91 -65.75
C TYR H 15 2.62 -17.86 -65.50
N GLN H 16 1.56 -17.82 -66.28
CA GLN H 16 0.33 -17.07 -65.88
C GLN H 16 -0.76 -18.09 -65.41
N GLY H 17 -1.78 -17.64 -64.69
CA GLY H 17 -2.85 -18.59 -64.33
C GLY H 17 -3.36 -18.49 -62.91
N ASP H 18 -4.37 -19.28 -62.57
CA ASP H 18 -4.93 -19.21 -61.27
C ASP H 18 -4.02 -19.80 -60.20
N LEU H 19 -4.12 -19.45 -58.93
CA LEU H 19 -3.14 -20.04 -58.04
C LEU H 19 -3.33 -21.49 -57.84
N ASP H 20 -4.50 -21.88 -57.35
CA ASP H 20 -4.71 -23.29 -57.04
C ASP H 20 -4.30 -24.18 -58.23
N VAL H 21 -4.72 -23.82 -59.42
CA VAL H 21 -4.27 -24.51 -60.59
C VAL H 21 -2.78 -24.58 -60.71
N LEU H 22 -2.08 -23.52 -60.34
CA LEU H 22 -0.70 -23.55 -60.54
C LEU H 22 -0.19 -24.55 -59.59
N ILE H 23 -0.51 -24.36 -58.32
CA ILE H 23 -0.05 -25.32 -57.29
C ILE H 23 -0.29 -26.75 -57.70
N ASN H 24 -1.45 -26.98 -58.31
CA ASN H 24 -1.93 -28.31 -58.46
C ASN H 24 -1.17 -29.13 -59.44
N PHE H 25 -0.74 -28.43 -60.48
CA PHE H 25 -0.19 -29.06 -61.66
C PHE H 25 1.27 -28.87 -61.70
N LEU H 26 1.75 -27.76 -61.11
CA LEU H 26 3.15 -27.50 -60.97
C LEU H 26 3.73 -28.23 -59.78
N GLU H 27 2.90 -28.59 -58.82
CA GLU H 27 3.35 -29.47 -57.79
C GLU H 27 4.63 -28.91 -57.21
N PRO H 28 4.53 -27.77 -56.48
CA PRO H 28 5.67 -27.30 -55.76
C PRO H 28 5.78 -27.81 -54.33
N ASP H 29 6.66 -27.13 -53.64
CA ASP H 29 7.28 -27.63 -52.43
C ASP H 29 7.48 -26.52 -51.47
N VAL H 30 7.73 -25.36 -52.10
CA VAL H 30 7.76 -24.06 -51.49
C VAL H 30 6.93 -23.14 -52.31
N LEU H 31 5.89 -22.70 -51.71
CA LEU H 31 5.10 -21.66 -52.25
C LEU H 31 5.58 -20.38 -51.56
N VAL H 32 6.18 -19.41 -52.28
CA VAL H 32 6.51 -18.10 -51.66
C VAL H 32 5.24 -17.32 -51.55
N ASN H 33 4.97 -16.77 -50.39
CA ASN H 33 3.78 -15.93 -50.21
C ASN H 33 4.24 -14.50 -50.10
N ALA H 34 3.51 -13.53 -50.60
CA ALA H 34 3.96 -12.13 -50.40
C ALA H 34 3.33 -11.47 -49.18
N ALA H 35 3.91 -11.40 -47.99
CA ALA H 35 3.01 -11.01 -46.88
C ALA H 35 3.39 -9.76 -46.19
N ASN H 36 2.35 -9.06 -45.75
CA ASN H 36 2.54 -7.75 -45.19
C ASN H 36 2.97 -8.06 -43.78
N GLY H 37 4.15 -7.61 -43.48
CA GLY H 37 4.90 -8.11 -42.39
C GLY H 37 4.32 -8.25 -40.99
N ASP H 38 3.14 -7.73 -40.64
CA ASP H 38 2.65 -8.16 -39.35
C ASP H 38 1.56 -9.16 -39.63
N LEU H 39 1.49 -9.60 -40.87
CA LEU H 39 1.05 -10.98 -41.17
C LEU H 39 -0.41 -11.31 -41.24
N ARG H 40 -1.27 -10.32 -41.48
CA ARG H 40 -2.63 -10.61 -41.95
C ARG H 40 -2.41 -10.97 -43.42
N HIS H 41 -3.08 -12.01 -43.84
CA HIS H 41 -2.92 -12.51 -45.18
C HIS H 41 -4.04 -12.12 -46.14
N VAL H 42 -4.07 -10.84 -46.54
CA VAL H 42 -5.09 -10.40 -47.47
C VAL H 42 -4.57 -10.28 -48.87
N GLY H 43 -5.54 -10.19 -49.78
CA GLY H 43 -5.28 -9.89 -51.21
C GLY H 43 -4.80 -11.04 -52.06
N GLY H 44 -4.71 -10.78 -53.37
CA GLY H 44 -4.50 -11.81 -54.41
C GLY H 44 -3.57 -13.02 -54.13
N VAL H 45 -2.47 -12.80 -53.41
CA VAL H 45 -1.64 -13.94 -53.13
C VAL H 45 -2.01 -14.52 -51.77
N ALA H 46 -1.93 -13.70 -50.71
CA ALA H 46 -2.02 -14.29 -49.41
C ALA H 46 -3.41 -14.90 -49.14
N ARG H 47 -4.47 -14.19 -49.47
CA ARG H 47 -5.84 -14.72 -49.27
C ARG H 47 -5.76 -16.11 -49.82
N ALA H 48 -5.30 -16.10 -51.05
CA ALA H 48 -5.38 -17.22 -51.89
C ALA H 48 -4.80 -18.44 -51.21
N ILE H 49 -3.59 -18.30 -50.72
CA ILE H 49 -2.84 -19.38 -50.17
C ILE H 49 -3.50 -19.81 -48.91
N ASP H 50 -3.94 -18.85 -48.12
CA ASP H 50 -4.54 -19.21 -46.86
C ASP H 50 -5.73 -20.07 -47.06
N VAL H 51 -6.65 -19.56 -47.84
CA VAL H 51 -7.75 -20.39 -48.29
C VAL H 51 -7.34 -21.82 -48.81
N PHE H 52 -6.34 -21.89 -49.68
CA PHE H 52 -5.92 -23.16 -50.19
C PHE H 52 -5.52 -24.06 -49.06
N THR H 53 -4.87 -23.54 -48.03
CA THR H 53 -4.39 -24.43 -46.96
C THR H 53 -5.42 -24.62 -45.89
N GLY H 54 -6.65 -24.34 -46.27
CA GLY H 54 -7.72 -24.44 -45.34
C GLY H 54 -7.54 -23.47 -44.20
N GLY H 55 -6.74 -22.44 -44.41
CA GLY H 55 -6.56 -21.45 -43.37
C GLY H 55 -5.57 -21.92 -42.30
N LYS H 56 -4.81 -22.95 -42.64
CA LYS H 56 -3.77 -23.34 -41.79
C LYS H 56 -2.74 -22.25 -41.69
N LEU H 57 -2.36 -21.68 -42.83
CA LEU H 57 -1.41 -20.58 -42.85
C LEU H 57 -1.63 -19.65 -41.67
N THR H 58 -2.80 -19.07 -41.62
CA THR H 58 -3.10 -18.08 -40.61
C THR H 58 -2.95 -18.67 -39.22
N LYS H 59 -3.47 -19.88 -39.06
CA LYS H 59 -3.35 -20.59 -37.80
C LYS H 59 -1.88 -20.64 -37.36
N ARG H 60 -0.96 -21.05 -38.26
CA ARG H 60 0.50 -21.12 -37.94
C ARG H 60 1.03 -19.73 -37.68
N SER H 61 0.34 -18.74 -38.19
CA SER H 61 0.83 -17.40 -38.04
C SER H 61 0.57 -16.86 -36.64
N LYS H 62 -0.67 -16.76 -36.23
CA LYS H 62 -0.93 -16.42 -34.88
C LYS H 62 0.12 -17.17 -34.01
N GLU H 63 0.35 -18.45 -34.28
CA GLU H 63 1.26 -19.25 -33.45
C GLU H 63 2.64 -18.71 -33.48
N TYR H 64 3.13 -18.59 -34.69
CA TYR H 64 4.41 -18.00 -34.88
C TYR H 64 4.64 -16.80 -34.00
N LEU H 65 3.65 -15.94 -33.94
CA LEU H 65 3.85 -14.61 -33.40
C LEU H 65 4.10 -14.54 -31.91
N LYS H 66 3.74 -15.59 -31.16
CA LYS H 66 3.87 -15.48 -29.74
C LYS H 66 5.27 -15.73 -29.23
N SER H 67 6.20 -16.15 -30.09
CA SER H 67 7.55 -16.56 -29.69
C SER H 67 8.56 -16.22 -30.73
N SER H 68 8.31 -15.14 -31.42
CA SER H 68 9.09 -14.87 -32.59
C SER H 68 8.73 -13.51 -33.16
N LYS H 69 9.69 -12.95 -33.90
CA LYS H 69 9.70 -11.51 -34.18
C LYS H 69 9.04 -11.15 -35.46
N ALA H 70 8.30 -10.06 -35.50
CA ALA H 70 7.61 -9.72 -36.75
C ALA H 70 8.60 -9.55 -37.84
N ILE H 71 8.18 -9.87 -39.04
CA ILE H 71 9.07 -10.00 -40.15
C ILE H 71 9.37 -8.67 -40.81
N ALA H 72 10.65 -8.39 -40.97
CA ALA H 72 11.08 -7.07 -41.34
C ALA H 72 11.21 -6.87 -42.87
N PRO H 73 10.46 -5.93 -43.43
CA PRO H 73 10.56 -5.69 -44.85
C PRO H 73 11.98 -5.83 -45.31
N GLY H 74 12.30 -6.75 -46.23
CA GLY H 74 13.70 -7.11 -46.51
C GLY H 74 14.09 -8.49 -45.97
N ASN H 75 13.23 -9.06 -45.12
CA ASN H 75 13.32 -10.48 -44.75
C ASN H 75 12.14 -11.42 -45.09
N ALA H 76 12.44 -12.70 -45.21
CA ALA H 76 11.35 -13.68 -45.32
C ALA H 76 11.46 -14.72 -44.20
N VAL H 77 10.38 -15.48 -43.91
CA VAL H 77 10.48 -16.63 -43.00
C VAL H 77 9.80 -17.83 -43.52
N LEU H 78 10.33 -18.99 -43.19
CA LEU H 78 9.72 -20.24 -43.66
C LEU H 78 8.86 -21.03 -42.66
N PHE H 79 7.61 -21.33 -43.07
CA PHE H 79 6.75 -22.26 -42.35
C PHE H 79 6.80 -23.60 -43.02
N GLU H 80 7.25 -24.62 -42.28
CA GLU H 80 7.61 -25.89 -42.89
C GLU H 80 6.38 -26.68 -42.94
N ASN H 81 6.10 -27.25 -44.09
CA ASN H 81 4.93 -28.05 -44.17
C ASN H 81 3.68 -27.41 -43.57
N VAL H 82 3.16 -26.38 -44.20
CA VAL H 82 1.95 -25.88 -43.70
C VAL H 82 0.97 -26.96 -44.08
N LEU H 83 1.15 -27.55 -45.26
CA LEU H 83 0.48 -28.81 -45.62
C LEU H 83 1.55 -29.82 -45.73
N GLU H 84 1.21 -31.07 -46.00
CA GLU H 84 2.24 -32.08 -46.23
C GLU H 84 2.88 -31.69 -47.53
N HIS H 85 4.19 -31.84 -47.57
CA HIS H 85 4.94 -31.44 -48.74
C HIS H 85 4.60 -30.07 -49.43
N LEU H 86 4.08 -29.16 -48.63
CA LEU H 86 3.92 -27.80 -49.05
C LEU H 86 4.30 -26.79 -48.01
N SER H 87 5.49 -26.25 -48.17
CA SER H 87 6.00 -25.18 -47.30
C SER H 87 5.69 -23.76 -47.77
N VAL H 88 5.28 -22.91 -46.86
CA VAL H 88 5.01 -21.58 -47.25
C VAL H 88 6.06 -20.69 -46.73
N LEU H 89 6.58 -19.86 -47.61
CA LEU H 89 7.62 -18.91 -47.26
C LEU H 89 6.98 -17.59 -47.22
N ASN H 90 7.18 -16.86 -46.13
CA ASN H 90 6.55 -15.57 -45.97
C ASN H 90 7.47 -14.43 -46.27
N ALA H 91 7.38 -13.93 -47.49
CA ALA H 91 8.27 -12.92 -47.94
C ALA H 91 7.66 -11.58 -47.61
N VAL H 92 8.44 -10.78 -46.90
CA VAL H 92 8.01 -9.41 -46.74
C VAL H 92 8.84 -8.48 -47.63
N GLY H 93 8.22 -7.97 -48.68
CA GLY H 93 8.98 -7.13 -49.57
C GLY H 93 8.84 -5.73 -49.04
N PRO H 94 9.56 -4.76 -49.65
CA PRO H 94 9.50 -3.40 -49.18
C PRO H 94 8.32 -2.74 -49.74
N ARG H 95 8.00 -1.60 -49.13
CA ARG H 95 6.85 -0.82 -49.50
C ARG H 95 7.43 0.00 -50.59
N ASN H 96 6.59 0.61 -51.40
CA ASN H 96 7.16 1.57 -52.26
C ASN H 96 7.70 2.81 -51.52
N GLY H 97 8.93 3.24 -51.89
CA GLY H 97 9.54 4.44 -51.31
C GLY H 97 9.75 4.33 -49.79
N ASP H 98 10.38 3.26 -49.36
CA ASP H 98 11.13 3.33 -48.17
C ASP H 98 12.41 3.39 -48.86
N SER H 99 13.41 3.01 -48.14
CA SER H 99 14.73 3.32 -48.59
C SER H 99 15.62 2.10 -48.83
N ARG H 100 16.25 2.11 -50.01
CA ARG H 100 16.79 0.89 -50.60
C ARG H 100 15.64 -0.13 -50.78
N VAL H 101 14.47 0.39 -51.21
CA VAL H 101 13.52 -0.46 -51.87
C VAL H 101 14.31 -1.42 -52.60
N GLU H 102 15.38 -0.93 -53.16
CA GLU H 102 16.28 -1.71 -53.95
C GLU H 102 16.93 -2.96 -53.34
N GLY H 103 17.71 -2.71 -52.31
CA GLY H 103 18.38 -3.78 -51.60
C GLY H 103 17.40 -4.64 -50.83
N LYS H 104 16.55 -4.00 -50.04
CA LYS H 104 15.58 -4.76 -49.29
C LYS H 104 15.00 -5.81 -50.23
N LEU H 105 14.47 -5.37 -51.38
CA LEU H 105 13.82 -6.30 -52.31
C LEU H 105 14.72 -7.47 -52.67
N CYS H 106 16.01 -7.20 -52.82
CA CYS H 106 16.88 -8.23 -53.32
C CYS H 106 17.21 -9.27 -52.28
N ASN H 107 17.31 -8.87 -51.03
CA ASN H 107 17.48 -9.86 -50.03
C ASN H 107 16.31 -10.75 -49.98
N VAL H 108 15.13 -10.23 -50.25
CA VAL H 108 14.00 -11.13 -50.29
C VAL H 108 14.23 -12.20 -51.35
N TYR H 109 14.63 -11.79 -52.57
CA TYR H 109 14.90 -12.76 -53.66
C TYR H 109 16.00 -13.70 -53.27
N LYS H 110 17.03 -13.13 -52.66
CA LYS H 110 18.17 -13.87 -52.17
C LYS H 110 17.82 -14.94 -51.11
N ALA H 111 16.84 -14.61 -50.25
CA ALA H 111 16.38 -15.49 -49.23
C ALA H 111 15.57 -16.59 -49.86
N ILE H 112 14.74 -16.22 -50.82
CA ILE H 112 13.99 -17.20 -51.60
C ILE H 112 14.92 -18.18 -52.27
N ALA H 113 15.91 -17.62 -52.91
CA ALA H 113 16.93 -18.41 -53.56
C ALA H 113 17.27 -19.61 -52.72
N LYS H 114 17.54 -19.37 -51.46
CA LYS H 114 18.10 -20.38 -50.59
C LYS H 114 17.35 -21.71 -50.36
N CYS H 115 16.10 -21.80 -50.78
CA CYS H 115 15.31 -22.94 -50.31
C CYS H 115 15.52 -24.17 -51.13
N ASP H 116 14.83 -25.26 -50.75
CA ASP H 116 14.97 -26.55 -51.41
C ASP H 116 13.72 -27.03 -52.04
N GLY H 117 13.86 -27.55 -53.25
CA GLY H 117 12.75 -28.15 -53.97
C GLY H 117 12.18 -27.23 -55.04
N LYS H 118 10.94 -27.51 -55.48
CA LYS H 118 10.35 -26.70 -56.53
C LYS H 118 9.80 -25.46 -55.88
N ILE H 119 10.17 -24.30 -56.42
CA ILE H 119 9.65 -23.09 -55.90
C ILE H 119 8.64 -22.40 -56.79
N LEU H 120 7.52 -22.03 -56.19
CA LEU H 120 6.56 -21.23 -56.88
C LEU H 120 6.48 -19.91 -56.16
N THR H 121 6.63 -18.81 -56.88
CA THR H 121 6.62 -17.51 -56.28
C THR H 121 6.14 -16.47 -57.24
N PRO H 122 5.43 -15.50 -56.71
CA PRO H 122 4.99 -14.32 -57.40
C PRO H 122 6.05 -13.25 -57.30
N LEU H 123 5.86 -12.14 -57.99
CA LEU H 123 6.88 -11.09 -58.01
C LEU H 123 6.75 -10.26 -56.81
N ILE H 124 7.80 -10.14 -56.03
CA ILE H 124 7.65 -9.48 -54.73
C ILE H 124 7.27 -8.01 -54.81
N SER H 125 6.51 -7.53 -53.84
CA SER H 125 6.27 -6.07 -53.69
C SER H 125 5.62 -5.37 -54.88
N VAL H 126 5.31 -6.13 -55.93
CA VAL H 126 4.44 -5.64 -56.97
C VAL H 126 2.97 -5.67 -56.42
N GLY H 127 2.01 -5.25 -57.24
CA GLY H 127 0.63 -5.09 -56.75
C GLY H 127 0.61 -4.07 -55.59
N ILE H 128 -0.25 -4.34 -54.61
CA ILE H 128 -0.65 -3.36 -53.51
C ILE H 128 0.47 -2.57 -52.88
N PHE H 129 1.66 -3.15 -52.99
CA PHE H 129 2.84 -2.63 -52.36
C PHE H 129 3.42 -1.52 -53.23
N LYS H 130 2.87 -1.46 -54.45
CA LYS H 130 3.17 -0.45 -55.49
C LYS H 130 4.63 -0.23 -55.83
N VAL H 131 5.31 -1.23 -56.42
CA VAL H 131 6.73 -1.11 -56.82
C VAL H 131 6.76 -1.55 -58.23
N LYS H 132 7.57 -0.93 -59.06
CA LYS H 132 7.39 -1.22 -60.47
C LYS H 132 7.76 -2.64 -60.80
N LEU H 133 7.02 -3.22 -61.71
CA LEU H 133 7.34 -4.57 -62.10
C LEU H 133 8.81 -4.74 -62.64
N GLU H 134 9.21 -3.96 -63.66
CA GLU H 134 10.58 -3.95 -64.05
C GLU H 134 11.43 -4.20 -62.81
N VAL H 135 11.27 -3.45 -61.73
CA VAL H 135 12.31 -3.52 -60.66
C VAL H 135 12.41 -4.79 -59.90
N SER H 136 11.24 -5.28 -59.48
CA SER H 136 11.08 -6.60 -58.83
C SER H 136 11.59 -7.64 -59.79
N LEU H 137 11.36 -7.45 -61.06
CA LEU H 137 11.95 -8.35 -61.95
C LEU H 137 13.49 -8.20 -62.09
N GLN H 138 13.94 -7.03 -62.49
CA GLN H 138 15.33 -6.82 -62.63
C GLN H 138 16.07 -7.48 -61.48
N CYS H 139 15.78 -7.01 -60.28
CA CYS H 139 16.24 -7.63 -59.01
C CYS H 139 16.11 -9.13 -59.04
N LEU H 140 14.95 -9.67 -59.29
CA LEU H 140 14.86 -11.11 -59.27
C LEU H 140 15.99 -11.64 -60.12
N LEU H 141 16.08 -11.14 -61.34
CA LEU H 141 16.93 -11.79 -62.31
C LEU H 141 18.33 -11.80 -61.84
N LYS H 142 18.77 -10.69 -61.29
CA LYS H 142 20.14 -10.57 -60.77
C LYS H 142 20.48 -11.59 -59.75
N THR H 143 19.55 -11.80 -58.86
CA THR H 143 19.87 -12.41 -57.61
C THR H 143 19.76 -13.90 -57.64
N VAL H 144 18.65 -14.43 -58.20
CA VAL H 144 18.48 -15.89 -58.30
C VAL H 144 19.27 -16.41 -59.47
N THR H 145 20.53 -15.95 -59.48
CA THR H 145 21.62 -16.21 -60.43
C THR H 145 21.62 -17.57 -61.00
N ASP H 146 21.23 -18.57 -60.21
CA ASP H 146 21.34 -19.90 -60.72
C ASP H 146 20.54 -21.00 -60.06
N ARG H 147 19.28 -21.15 -60.46
CA ARG H 147 18.42 -22.18 -59.85
C ARG H 147 17.16 -22.20 -60.69
N ASP H 148 16.37 -23.24 -60.55
CA ASP H 148 15.15 -23.26 -61.31
C ASP H 148 14.14 -22.61 -60.46
N LEU H 149 13.33 -21.79 -61.09
CA LEU H 149 12.46 -20.96 -60.35
C LEU H 149 11.20 -20.87 -61.16
N ASN H 150 10.07 -20.81 -60.50
CA ASN H 150 8.83 -20.82 -61.19
C ASN H 150 8.07 -19.58 -60.80
N VAL H 151 7.95 -18.62 -61.69
CA VAL H 151 7.36 -17.40 -61.25
C VAL H 151 6.05 -17.30 -61.88
N PHE H 152 5.09 -16.78 -61.16
CA PHE H 152 3.77 -16.66 -61.70
C PHE H 152 3.20 -15.28 -61.59
N VAL H 153 2.37 -14.95 -62.56
CA VAL H 153 1.57 -13.77 -62.49
C VAL H 153 0.14 -14.11 -62.87
N TYR H 154 -0.78 -13.19 -62.55
CA TYR H 154 -2.21 -13.32 -62.85
C TYR H 154 -2.67 -12.64 -64.19
N THR H 155 -2.43 -11.32 -64.33
CA THR H 155 -3.04 -10.50 -65.42
C THR H 155 -2.48 -10.82 -66.74
N ASP H 156 -3.18 -10.37 -67.77
CA ASP H 156 -2.51 -10.26 -69.06
C ASP H 156 -1.46 -9.14 -69.19
N GLN H 157 -1.85 -7.86 -69.00
CA GLN H 157 -0.89 -6.75 -68.98
C GLN H 157 0.36 -7.14 -68.29
N GLU H 158 0.25 -7.97 -67.25
CA GLU H 158 1.43 -8.39 -66.50
C GLU H 158 2.25 -9.21 -67.37
N ARG H 159 1.68 -10.31 -67.73
CA ARG H 159 2.37 -11.24 -68.60
C ARG H 159 3.01 -10.57 -69.77
N VAL H 160 2.39 -9.51 -70.24
CA VAL H 160 2.83 -8.92 -71.45
C VAL H 160 3.98 -8.13 -71.06
N THR H 161 3.84 -7.39 -70.00
CA THR H 161 4.93 -6.50 -69.57
C THR H 161 6.24 -7.22 -69.41
N ILE H 162 6.13 -8.42 -68.88
CA ILE H 162 7.25 -9.27 -68.74
C ILE H 162 7.84 -9.62 -70.11
N GLU H 163 7.03 -10.05 -71.08
CA GLU H 163 7.60 -10.35 -72.42
C GLU H 163 8.45 -9.20 -73.00
N ASN H 164 7.96 -7.96 -72.86
CA ASN H 164 8.68 -6.80 -73.40
C ASN H 164 9.86 -6.46 -72.58
N PHE H 165 10.01 -7.10 -71.44
CA PHE H 165 11.24 -6.88 -70.74
C PHE H 165 12.32 -7.60 -71.45
N PHE H 166 12.01 -8.78 -71.95
CA PHE H 166 13.02 -9.58 -72.58
C PHE H 166 13.24 -9.25 -74.09
N ASN H 167 12.12 -9.04 -74.77
CA ASN H 167 12.13 -8.70 -76.18
C ASN H 167 12.66 -7.34 -76.57
N GLY H 168 12.59 -6.37 -75.65
CA GLY H 168 13.51 -5.22 -75.63
C GLY H 168 12.98 -3.92 -76.22
#